data_4YEE
#
_entry.id   4YEE
#
_cell.length_a   204.538
_cell.length_b   96.432
_cell.length_c   118.724
_cell.angle_alpha   90.00
_cell.angle_beta   125.46
_cell.angle_gamma   90.00
#
_symmetry.space_group_name_H-M   'C 1 2 1'
#
loop_
_entity.id
_entity.type
_entity.pdbx_description
1 polymer "5'-AMP-activated protein kinase subunit beta-2"
2 branched 'Cyclic alpha-D-glucopyranose-(1-4)-alpha-D-glucopyranose-(1-4)-alpha-D-glucopyranose-(1-4)-alpha-D-glucopyranose-(1-4)-alpha-D-glucopyranose-(1-4)-alpha-D-glucopyranose-(1-4)-[alpha-D-glucopyranose-(1-6)]alpha-D-glucopyranose'
3 non-polymer GLYCEROL
4 water water
#
_entity_poly.entity_id   1
_entity_poly.type   'polypeptide(L)'
_entity_poly.pdbx_seq_one_letter_code
;GPLGSPNSQARPTVIRWSEGGKEVFISGSFNNWSTKIPLIKSHNDFVAILDLPEGEHQYKFFVDGQWVHDPSEPVVTSQL
GTINNLIHVK
;
_entity_poly.pdbx_strand_id   A,B,C,D,E,F,G,H,I,J,K,L,M,N,O,P,Q,R
#
loop_
_chem_comp.id
_chem_comp.type
_chem_comp.name
_chem_comp.formula
GLC D-saccharide, alpha linking alpha-D-glucopyranose 'C6 H12 O6'
GOL non-polymer GLYCEROL 'C3 H8 O3'
#
# COMPACT_ATOMS: atom_id res chain seq x y z
N GLN A 9 10.86 0.93 -6.58
CA GLN A 9 12.36 0.82 -6.62
C GLN A 9 13.12 2.04 -5.97
N ALA A 10 13.47 3.05 -6.74
CA ALA A 10 14.35 4.10 -6.21
C ALA A 10 13.59 4.98 -5.23
N ARG A 11 14.28 5.44 -4.18
CA ARG A 11 13.68 6.34 -3.17
C ARG A 11 14.13 7.80 -3.33
N PRO A 12 13.18 8.72 -3.62
CA PRO A 12 13.60 10.12 -3.64
C PRO A 12 14.15 10.52 -2.27
N THR A 13 15.38 11.03 -2.26
CA THR A 13 16.12 11.29 -1.04
C THR A 13 16.72 12.72 -1.08
N VAL A 14 16.41 13.52 -0.05
CA VAL A 14 16.87 14.90 0.01
C VAL A 14 18.26 14.87 0.57
N ILE A 15 19.21 15.39 -0.18
CA ILE A 15 20.56 15.66 0.33
C ILE A 15 20.74 17.14 0.71
N ARG A 16 21.29 17.40 1.90
CA ARG A 16 21.41 18.78 2.34
C ARG A 16 22.88 19.08 2.66
N TRP A 17 23.43 20.17 2.11
CA TRP A 17 24.79 20.60 2.43
C TRP A 17 24.66 21.93 3.14
N SER A 18 25.19 21.98 4.38
CA SER A 18 24.96 23.12 5.28
C SER A 18 26.24 23.84 5.66
N GLU A 19 27.35 23.53 5.03
CA GLU A 19 28.64 24.11 5.44
C GLU A 19 28.97 25.39 4.67
N GLY A 20 28.09 25.83 3.78
CA GLY A 20 28.38 27.06 3.01
C GLY A 20 29.15 26.79 1.72
N GLY A 21 29.40 27.86 0.99
CA GLY A 21 30.06 27.81 -0.32
C GLY A 21 29.19 28.50 -1.37
N LYS A 22 29.73 28.63 -2.58
CA LYS A 22 29.00 29.23 -3.71
C LYS A 22 28.40 28.22 -4.71
N GLU A 23 29.16 27.17 -5.04
CA GLU A 23 28.74 26.13 -5.97
C GLU A 23 28.99 24.80 -5.31
N VAL A 24 27.94 23.93 -5.32
CA VAL A 24 28.01 22.61 -4.68
C VAL A 24 27.48 21.56 -5.61
N PHE A 25 28.27 20.50 -5.85
CA PHE A 25 27.82 19.34 -6.57
C PHE A 25 28.02 18.13 -5.73
N ILE A 26 27.32 17.07 -6.12
CA ILE A 26 27.44 15.74 -5.50
C ILE A 26 27.79 14.67 -6.57
N SER A 27 28.58 13.68 -6.16
CA SER A 27 28.75 12.46 -6.94
C SER A 27 28.86 11.29 -5.94
N GLY A 28 28.80 10.06 -6.43
CA GLY A 28 28.93 8.93 -5.53
C GLY A 28 28.82 7.58 -6.22
N SER A 29 28.73 6.54 -5.43
CA SER A 29 28.74 5.17 -5.95
C SER A 29 27.40 4.88 -6.60
N PHE A 30 26.41 5.70 -6.26
CA PHE A 30 25.06 5.55 -6.76
C PHE A 30 24.98 5.70 -8.27
N ASN A 31 25.90 6.48 -8.86
CA ASN A 31 26.02 6.54 -10.30
C ASN A 31 27.42 6.17 -10.81
N ASN A 32 28.11 5.30 -10.05
CA ASN A 32 29.53 4.92 -10.26
C ASN A 32 30.44 6.12 -10.52
N TRP A 33 30.19 7.22 -9.82
CA TRP A 33 31.00 8.44 -9.94
C TRP A 33 31.12 8.94 -11.37
N SER A 34 30.06 8.74 -12.15
CA SER A 34 30.10 8.98 -13.56
C SER A 34 29.83 10.42 -13.91
N THR A 35 29.21 11.17 -13.01
CA THR A 35 29.08 12.61 -13.21
C THR A 35 28.80 13.30 -11.90
N LYS A 36 28.69 14.62 -11.97
CA LYS A 36 28.39 15.48 -10.85
C LYS A 36 27.00 16.03 -11.01
N ILE A 37 26.23 16.08 -9.92
CA ILE A 37 24.85 16.57 -9.90
C ILE A 37 24.83 17.85 -9.04
N PRO A 38 24.29 18.95 -9.58
CA PRO A 38 24.27 20.22 -8.82
C PRO A 38 23.28 20.20 -7.68
N LEU A 39 23.69 20.76 -6.54
CA LEU A 39 22.79 21.13 -5.50
C LEU A 39 22.38 22.59 -5.69
N ILE A 40 21.19 22.92 -5.20
CA ILE A 40 20.55 24.22 -5.42
C ILE A 40 20.48 24.94 -4.12
N LYS A 41 20.84 26.21 -4.16
CA LYS A 41 20.94 27.03 -2.97
C LYS A 41 19.54 27.30 -2.41
N SER A 42 19.39 27.12 -1.10
CA SER A 42 18.15 27.40 -0.37
C SER A 42 18.51 27.99 0.98
N HIS A 43 18.41 29.31 1.10
CA HIS A 43 18.84 30.05 2.31
C HIS A 43 20.33 29.76 2.61
N ASN A 44 20.67 29.21 3.78
CA ASN A 44 22.08 28.86 4.06
C ASN A 44 22.50 27.45 3.68
N ASP A 45 21.62 26.72 3.02
CA ASP A 45 21.85 25.36 2.65
C ASP A 45 21.93 25.23 1.13
N PHE A 46 22.40 24.06 0.68
CA PHE A 46 22.27 23.67 -0.70
C PHE A 46 21.55 22.32 -0.65
N VAL A 47 20.72 22.03 -1.62
CA VAL A 47 19.90 20.82 -1.54
C VAL A 47 19.81 20.14 -2.90
N ALA A 48 19.75 18.83 -2.92
CA ALA A 48 19.31 18.11 -4.11
C ALA A 48 18.42 16.98 -3.71
N ILE A 49 17.68 16.45 -4.67
CA ILE A 49 16.82 15.29 -4.44
C ILE A 49 17.32 14.21 -5.37
N LEU A 50 17.80 13.12 -4.80
CA LEU A 50 18.33 12.04 -5.59
C LEU A 50 17.42 10.84 -5.48
N ASP A 51 17.18 10.14 -6.59
CA ASP A 51 16.46 8.85 -6.53
C ASP A 51 17.47 7.72 -6.32
N LEU A 52 17.60 7.27 -5.07
CA LEU A 52 18.58 6.27 -4.68
C LEU A 52 17.97 4.90 -4.37
N PRO A 53 18.55 3.82 -4.90
CA PRO A 53 18.03 2.55 -4.49
C PRO A 53 18.28 2.28 -3.03
N GLU A 54 17.60 1.25 -2.56
CA GLU A 54 17.80 0.79 -1.20
C GLU A 54 19.27 0.44 -0.99
N GLY A 55 19.73 0.56 0.23
CA GLY A 55 21.09 0.09 0.57
C GLY A 55 22.03 1.25 0.80
N GLU A 56 23.32 0.93 0.88
CA GLU A 56 24.34 1.90 1.20
C GLU A 56 24.92 2.51 -0.04
N HIS A 57 25.24 3.80 0.04
CA HIS A 57 25.92 4.50 -1.03
C HIS A 57 27.01 5.34 -0.45
N GLN A 58 28.16 5.40 -1.12
CA GLN A 58 29.17 6.40 -0.75
C GLN A 58 28.96 7.64 -1.61
N TYR A 59 29.27 8.80 -1.07
CA TYR A 59 29.14 10.02 -1.84
C TYR A 59 30.08 11.08 -1.29
N LYS A 60 30.31 12.10 -2.11
CA LYS A 60 31.10 13.24 -1.70
C LYS A 60 30.67 14.48 -2.45
N PHE A 61 30.99 15.64 -1.91
CA PHE A 61 30.64 16.89 -2.49
C PHE A 61 31.83 17.55 -3.16
N PHE A 62 31.54 18.24 -4.24
CA PHE A 62 32.53 19.06 -4.95
C PHE A 62 32.08 20.52 -4.78
N VAL A 63 32.76 21.25 -3.89
CA VAL A 63 32.26 22.51 -3.39
C VAL A 63 33.33 23.55 -3.70
N ASP A 64 32.92 24.53 -4.50
CA ASP A 64 33.85 25.55 -4.97
C ASP A 64 35.17 24.95 -5.39
N GLY A 65 35.11 23.89 -6.16
CA GLY A 65 36.31 23.31 -6.78
C GLY A 65 37.06 22.25 -6.00
N GLN A 66 36.60 21.87 -4.83
CA GLN A 66 37.33 20.95 -3.94
C GLN A 66 36.40 19.85 -3.50
N TRP A 67 36.94 18.63 -3.40
CA TRP A 67 36.20 17.52 -2.82
C TRP A 67 36.17 17.62 -1.30
N VAL A 68 34.99 17.57 -0.69
CA VAL A 68 34.87 17.71 0.73
C VAL A 68 33.69 16.85 1.16
N HIS A 69 33.76 16.31 2.36
CA HIS A 69 32.64 15.54 2.90
C HIS A 69 31.84 16.37 3.87
N ASP A 70 30.60 15.95 4.09
CA ASP A 70 29.76 16.58 5.11
C ASP A 70 30.18 16.06 6.49
N PRO A 71 30.67 16.94 7.35
CA PRO A 71 31.13 16.46 8.65
C PRO A 71 30.04 16.03 9.61
N SER A 72 28.77 16.30 9.28
CA SER A 72 27.67 15.93 10.15
C SER A 72 27.12 14.54 9.87
N GLU A 73 27.60 13.87 8.82
CA GLU A 73 27.07 12.60 8.38
C GLU A 73 28.13 11.54 8.39
N PRO A 74 27.72 10.26 8.50
CA PRO A 74 28.75 9.26 8.65
C PRO A 74 29.73 9.21 7.48
N VAL A 75 30.93 8.74 7.78
CA VAL A 75 32.01 8.60 6.82
C VAL A 75 32.59 7.19 6.79
N VAL A 76 33.14 6.85 5.61
CA VAL A 76 33.93 5.63 5.42
C VAL A 76 35.16 5.96 4.57
N THR A 77 36.12 5.02 4.51
CA THR A 77 37.29 5.23 3.67
C THR A 77 36.99 4.44 2.40
N SER A 78 37.10 5.07 1.24
CA SER A 78 36.84 4.40 -0.02
C SER A 78 38.01 3.50 -0.40
N GLN A 79 37.85 2.81 -1.52
CA GLN A 79 38.90 1.98 -2.04
C GLN A 79 40.04 2.81 -2.64
N LEU A 80 39.81 4.11 -2.90
CA LEU A 80 40.91 4.99 -3.22
C LEU A 80 41.70 5.46 -1.97
N GLY A 81 41.22 5.16 -0.77
CA GLY A 81 41.82 5.64 0.46
C GLY A 81 41.37 7.05 0.79
N THR A 82 40.20 7.44 0.29
CA THR A 82 39.72 8.79 0.52
C THR A 82 38.46 8.71 1.41
N ILE A 83 38.12 9.82 2.02
CA ILE A 83 37.02 9.89 2.97
C ILE A 83 35.77 10.28 2.19
N ASN A 84 34.77 9.42 2.24
CA ASN A 84 33.47 9.71 1.66
C ASN A 84 32.41 9.65 2.72
N ASN A 85 31.30 10.35 2.50
CA ASN A 85 30.12 10.11 3.27
C ASN A 85 29.48 8.77 2.90
N LEU A 86 28.73 8.23 3.86
CA LEU A 86 27.95 7.02 3.69
C LEU A 86 26.50 7.28 4.09
N ILE A 87 25.57 6.91 3.22
CA ILE A 87 24.14 6.98 3.54
C ILE A 87 23.51 5.59 3.38
N HIS A 88 22.56 5.29 4.28
CA HIS A 88 21.74 4.09 4.17
C HIS A 88 20.32 4.50 3.77
N VAL A 89 19.90 4.02 2.61
CA VAL A 89 18.59 4.27 2.11
C VAL A 89 17.70 3.04 2.41
N LYS A 90 16.74 3.25 3.31
CA LYS A 90 15.68 2.29 3.58
C LYS A 90 14.80 1.98 2.36
N SER B 8 1.65 -1.31 44.23
CA SER B 8 2.14 -1.34 42.81
C SER B 8 2.27 0.06 42.14
N GLN B 9 2.40 1.13 42.93
CA GLN B 9 2.56 2.48 42.37
C GLN B 9 4.01 2.67 41.85
N ALA B 10 4.15 3.23 40.63
CA ALA B 10 5.47 3.51 40.01
C ALA B 10 5.54 4.96 39.47
N ARG B 11 6.74 5.42 39.10
CA ARG B 11 6.87 6.72 38.41
C ARG B 11 6.03 6.69 37.14
N PRO B 12 5.30 7.78 36.84
CA PRO B 12 4.59 7.87 35.59
C PRO B 12 5.50 7.44 34.46
N THR B 13 4.90 6.95 33.38
CA THR B 13 5.61 6.49 32.19
C THR B 13 5.34 7.46 31.06
N VAL B 14 6.42 7.89 30.40
CA VAL B 14 6.36 8.74 29.24
C VAL B 14 6.26 7.84 28.03
N ILE B 15 5.15 7.90 27.33
CA ILE B 15 5.02 7.20 26.08
C ILE B 15 5.34 8.14 24.95
N ARG B 16 6.21 7.73 24.05
CA ARG B 16 6.63 8.57 22.94
C ARG B 16 6.33 7.88 21.59
N TRP B 17 5.59 8.55 20.71
CA TRP B 17 5.29 8.05 19.36
C TRP B 17 6.06 8.87 18.35
N SER B 18 6.90 8.20 17.56
CA SER B 18 7.84 8.89 16.67
C SER B 18 7.60 8.54 15.20
N GLU B 19 6.51 7.85 14.89
CA GLU B 19 6.29 7.45 13.50
C GLU B 19 5.49 8.47 12.70
N GLY B 20 5.11 9.61 13.26
CA GLY B 20 4.41 10.60 12.46
C GLY B 20 2.90 10.43 12.51
N GLY B 21 2.21 11.31 11.80
CA GLY B 21 0.77 11.37 11.81
C GLY B 21 0.31 12.71 12.31
N LYS B 22 -0.99 12.90 12.21
CA LYS B 22 -1.59 14.14 12.61
C LYS B 22 -2.25 14.07 13.98
N GLU B 23 -2.96 13.00 14.26
CA GLU B 23 -3.68 12.88 15.53
C GLU B 23 -3.35 11.50 16.06
N VAL B 24 -2.90 11.42 17.30
CA VAL B 24 -2.42 10.20 17.87
C VAL B 24 -3.01 10.02 19.25
N PHE B 25 -3.61 8.86 19.47
CA PHE B 25 -4.20 8.46 20.75
C PHE B 25 -3.63 7.10 21.16
N ILE B 26 -3.73 6.79 22.45
CA ILE B 26 -3.32 5.50 22.98
C ILE B 26 -4.46 4.92 23.83
N SER B 27 -4.55 3.60 23.84
CA SER B 27 -5.48 2.90 24.71
C SER B 27 -4.80 1.60 25.09
N GLY B 28 -5.27 0.91 26.12
CA GLY B 28 -4.71 -0.37 26.42
C GLY B 28 -5.33 -1.09 27.60
N SER B 29 -4.66 -2.15 28.02
CA SER B 29 -5.14 -3.01 29.11
C SER B 29 -5.17 -2.21 30.40
N PHE B 30 -4.32 -1.20 30.51
CA PHE B 30 -4.16 -0.41 31.77
C PHE B 30 -5.44 0.35 32.18
N ASN B 31 -6.30 0.59 31.18
CA ASN B 31 -7.63 1.13 31.43
C ASN B 31 -8.77 0.28 30.90
N ASN B 32 -8.48 -1.01 30.76
CA ASN B 32 -9.33 -1.96 30.12
C ASN B 32 -9.87 -1.48 28.76
N TRP B 33 -9.04 -0.77 28.01
CA TRP B 33 -9.46 -0.23 26.70
C TRP B 33 -10.74 0.60 26.71
N SER B 34 -10.96 1.33 27.78
CA SER B 34 -12.24 1.99 28.01
C SER B 34 -12.33 3.34 27.31
N THR B 35 -11.19 3.94 26.96
CA THR B 35 -11.19 5.16 26.16
C THR B 35 -9.80 5.33 25.50
N LYS B 36 -9.69 6.38 24.70
CA LYS B 36 -8.48 6.72 24.00
C LYS B 36 -7.97 8.00 24.68
N ILE B 37 -6.67 8.04 24.90
CA ILE B 37 -5.99 9.16 25.58
C ILE B 37 -5.12 9.86 24.54
N PRO B 38 -5.30 11.17 24.34
CA PRO B 38 -4.52 11.86 23.30
C PRO B 38 -3.05 12.01 23.67
N LEU B 39 -2.23 11.87 22.65
CA LEU B 39 -0.84 12.26 22.73
C LEU B 39 -0.71 13.64 22.14
N ILE B 40 0.26 14.36 22.66
CA ILE B 40 0.47 15.79 22.33
C ILE B 40 1.76 15.92 21.52
N LYS B 41 1.68 16.68 20.44
CA LYS B 41 2.79 16.80 19.52
C LYS B 41 3.90 17.62 20.17
N SER B 42 5.13 17.18 20.00
CA SER B 42 6.32 17.93 20.41
C SER B 42 7.40 17.65 19.38
N HIS B 43 7.62 18.61 18.47
CA HIS B 43 8.52 18.43 17.32
C HIS B 43 8.16 17.19 16.48
N ASN B 44 9.06 16.22 16.35
CA ASN B 44 8.74 15.05 15.53
C ASN B 44 7.74 14.12 16.19
N ASP B 45 7.65 14.23 17.53
CA ASP B 45 7.10 13.19 18.35
C ASP B 45 5.75 13.62 18.88
N PHE B 46 5.01 12.62 19.34
CA PHE B 46 3.83 12.85 20.13
C PHE B 46 4.14 12.19 21.44
N VAL B 47 3.66 12.78 22.53
CA VAL B 47 3.99 12.32 23.84
C VAL B 47 2.72 12.21 24.70
N ALA B 48 2.69 11.21 25.56
CA ALA B 48 1.76 11.16 26.66
C ALA B 48 2.47 10.66 27.92
N ILE B 49 1.92 11.08 29.04
CA ILE B 49 2.38 10.68 30.35
C ILE B 49 1.28 9.91 31.07
N LEU B 50 1.54 8.63 31.30
CA LEU B 50 0.57 7.72 31.85
C LEU B 50 0.96 7.27 33.22
N ASP B 51 -0.02 7.23 34.11
CA ASP B 51 0.19 6.65 35.46
C ASP B 51 0.01 5.14 35.38
N LEU B 52 1.06 4.41 35.04
CA LEU B 52 0.92 2.97 34.87
C LEU B 52 1.43 2.23 36.13
N PRO B 53 0.61 1.32 36.70
CA PRO B 53 1.13 0.57 37.83
C PRO B 53 2.18 -0.42 37.36
N GLU B 54 3.04 -0.81 38.31
CA GLU B 54 3.93 -1.96 38.17
C GLU B 54 3.28 -3.16 37.45
N GLY B 55 4.03 -3.74 36.52
CA GLY B 55 3.56 -4.91 35.80
C GLY B 55 3.55 -4.67 34.30
N GLU B 56 2.93 -5.60 33.59
CA GLU B 56 2.86 -5.63 32.14
C GLU B 56 1.56 -5.03 31.66
N HIS B 57 1.66 -4.21 30.62
CA HIS B 57 0.49 -3.64 30.02
C HIS B 57 0.57 -3.76 28.52
N GLN B 58 -0.54 -4.12 27.93
CA GLN B 58 -0.70 -4.08 26.49
C GLN B 58 -1.23 -2.73 26.09
N TYR B 59 -0.81 -2.25 24.92
CA TYR B 59 -1.34 -0.96 24.44
C TYR B 59 -1.24 -0.87 22.92
N LYS B 60 -2.00 0.05 22.35
CA LYS B 60 -1.92 0.31 20.92
C LYS B 60 -2.33 1.74 20.68
N PHE B 61 -1.88 2.27 19.55
CA PHE B 61 -2.16 3.63 19.14
C PHE B 61 -3.28 3.72 18.13
N PHE B 62 -4.03 4.81 18.19
CA PHE B 62 -5.04 5.12 17.18
C PHE B 62 -4.51 6.39 16.52
N VAL B 63 -3.97 6.22 15.32
CA VAL B 63 -3.30 7.29 14.60
C VAL B 63 -4.04 7.55 13.31
N ASP B 64 -4.50 8.77 13.18
CA ASP B 64 -5.33 9.20 12.05
C ASP B 64 -6.36 8.16 11.64
N GLY B 65 -7.13 7.67 12.61
CA GLY B 65 -8.22 6.81 12.30
C GLY B 65 -7.85 5.33 12.18
N GLN B 66 -6.62 4.95 12.44
CA GLN B 66 -6.20 3.57 12.31
C GLN B 66 -5.55 3.07 13.56
N TRP B 67 -5.86 1.82 13.92
CA TRP B 67 -5.15 1.17 15.01
C TRP B 67 -3.82 0.74 14.54
N VAL B 68 -2.73 1.23 15.16
CA VAL B 68 -1.33 0.85 14.77
C VAL B 68 -0.42 0.64 15.97
N HIS B 69 0.53 -0.29 15.87
CA HIS B 69 1.50 -0.44 16.96
C HIS B 69 2.79 0.23 16.59
N ASP B 70 3.62 0.45 17.61
CA ASP B 70 4.94 1.03 17.44
C ASP B 70 5.93 -0.10 17.10
N PRO B 71 6.48 -0.09 15.90
CA PRO B 71 7.34 -1.20 15.55
C PRO B 71 8.67 -1.20 16.28
N SER B 72 9.01 -0.15 17.01
CA SER B 72 10.27 -0.13 17.71
C SER B 72 10.16 -0.63 19.16
N GLU B 73 8.95 -1.01 19.60
CA GLU B 73 8.73 -1.48 20.96
C GLU B 73 8.20 -2.89 20.92
N PRO B 74 8.37 -3.63 22.03
CA PRO B 74 7.93 -5.03 22.09
C PRO B 74 6.44 -5.19 21.76
N VAL B 75 6.15 -6.30 21.12
CA VAL B 75 4.84 -6.64 20.67
C VAL B 75 4.41 -7.99 21.20
N VAL B 76 3.10 -8.16 21.24
CA VAL B 76 2.48 -9.37 21.68
C VAL B 76 1.19 -9.49 20.89
N THR B 77 0.64 -10.70 20.85
CA THR B 77 -0.67 -10.90 20.25
C THR B 77 -1.70 -10.88 21.35
N SER B 78 -2.74 -10.08 21.16
CA SER B 78 -3.85 -10.01 22.10
C SER B 78 -4.80 -11.21 22.02
N GLN B 79 -5.73 -11.28 22.95
CA GLN B 79 -6.70 -12.37 22.96
C GLN B 79 -7.66 -12.20 21.79
N LEU B 80 -7.75 -10.99 21.24
CA LEU B 80 -8.51 -10.79 20.02
C LEU B 80 -7.74 -11.26 18.76
N GLY B 81 -6.49 -11.72 18.88
CA GLY B 81 -5.65 -12.04 17.70
C GLY B 81 -4.98 -10.83 17.03
N THR B 82 -4.85 -9.72 17.76
CA THR B 82 -4.33 -8.49 17.17
C THR B 82 -2.97 -8.16 17.79
N ILE B 83 -2.18 -7.38 17.08
CA ILE B 83 -0.86 -7.06 17.53
C ILE B 83 -0.94 -5.79 18.39
N ASN B 84 -0.45 -5.91 19.62
CA ASN B 84 -0.33 -4.81 20.55
C ASN B 84 1.11 -4.67 21.00
N ASN B 85 1.46 -3.48 21.47
CA ASN B 85 2.70 -3.29 22.18
C ASN B 85 2.54 -3.77 23.60
N LEU B 86 3.68 -4.06 24.20
CA LEU B 86 3.76 -4.52 25.56
C LEU B 86 4.84 -3.72 26.28
N ILE B 87 4.49 -3.19 27.43
CA ILE B 87 5.44 -2.47 28.26
C ILE B 87 5.48 -3.15 29.62
N HIS B 88 6.67 -3.25 30.17
CA HIS B 88 6.80 -3.73 31.52
C HIS B 88 7.20 -2.55 32.39
N VAL B 89 6.34 -2.20 33.33
CA VAL B 89 6.62 -1.14 34.25
C VAL B 89 7.22 -1.75 35.52
N LYS B 90 8.39 -1.25 35.90
CA LYS B 90 9.07 -1.76 37.09
C LYS B 90 8.44 -1.10 38.30
N SER C 8 12.54 33.79 -19.00
CA SER C 8 14.01 33.54 -19.19
C SER C 8 14.52 32.58 -18.11
N GLN C 9 15.60 31.88 -18.44
CA GLN C 9 16.15 30.84 -17.56
C GLN C 9 16.73 31.45 -16.28
N ALA C 10 16.41 30.82 -15.14
CA ALA C 10 16.87 31.23 -13.82
C ALA C 10 17.37 29.99 -13.05
N ARG C 11 18.08 30.24 -11.95
CA ARG C 11 18.48 29.19 -11.03
C ARG C 11 17.20 28.54 -10.45
N PRO C 12 17.12 27.19 -10.46
CA PRO C 12 16.00 26.47 -9.83
C PRO C 12 15.67 27.02 -8.47
N THR C 13 14.40 26.87 -8.08
CA THR C 13 13.85 27.37 -6.82
C THR C 13 13.49 26.22 -5.89
N VAL C 14 13.97 26.26 -4.66
CA VAL C 14 13.63 25.27 -3.70
C VAL C 14 12.36 25.75 -2.97
N ILE C 15 11.35 24.90 -2.97
CA ILE C 15 10.12 25.18 -2.27
C ILE C 15 10.14 24.33 -1.03
N ARG C 16 9.80 24.92 0.10
CA ARG C 16 9.83 24.26 1.40
C ARG C 16 8.49 24.42 2.06
N TRP C 17 7.86 23.31 2.44
CA TRP C 17 6.62 23.31 3.22
C TRP C 17 6.94 22.76 4.58
N SER C 18 6.65 23.56 5.60
CA SER C 18 7.02 23.21 6.95
C SER C 18 5.81 22.99 7.88
N GLU C 19 4.60 23.01 7.35
CA GLU C 19 3.40 22.95 8.17
C GLU C 19 2.95 21.53 8.46
N GLY C 20 3.72 20.54 8.05
CA GLY C 20 3.39 19.13 8.38
C GLY C 20 2.43 18.50 7.35
N GLY C 21 2.01 17.28 7.65
CA GLY C 21 1.26 16.47 6.75
C GLY C 21 2.01 15.23 6.38
N LYS C 22 1.32 14.31 5.70
CA LYS C 22 1.84 13.03 5.28
C LYS C 22 2.22 13.01 3.79
N GLU C 23 1.39 13.61 2.95
CA GLU C 23 1.64 13.68 1.53
C GLU C 23 1.42 15.11 1.10
N VAL C 24 2.39 15.67 0.40
CA VAL C 24 2.37 17.07 -0.03
C VAL C 24 2.75 17.17 -1.51
N PHE C 25 1.90 17.87 -2.29
CA PHE C 25 2.15 18.12 -3.68
C PHE C 25 2.05 19.63 -3.92
N ILE C 26 2.65 20.10 -5.00
CA ILE C 26 2.52 21.49 -5.42
C ILE C 26 1.99 21.50 -6.84
N SER C 27 1.22 22.51 -7.14
CA SER C 27 0.80 22.82 -8.49
C SER C 27 0.74 24.34 -8.62
N GLY C 28 0.73 24.85 -9.84
CA GLY C 28 0.65 26.27 -9.98
C GLY C 28 0.64 26.74 -11.42
N SER C 29 0.67 28.06 -11.57
CA SER C 29 0.54 28.67 -12.90
C SER C 29 1.72 28.35 -13.79
N PHE C 30 2.84 27.98 -13.14
CA PHE C 30 4.09 27.71 -13.79
C PHE C 30 4.01 26.51 -14.74
N ASN C 31 3.05 25.60 -14.49
CA ASN C 31 2.76 24.49 -15.42
C ASN C 31 1.28 24.47 -15.87
N ASN C 32 0.66 25.63 -15.79
CA ASN C 32 -0.77 25.82 -16.04
C ASN C 32 -1.61 24.81 -15.29
N TRP C 33 -1.19 24.52 -14.05
CA TRP C 33 -1.96 23.66 -13.18
C TRP C 33 -2.19 22.29 -13.82
N SER C 34 -1.24 21.86 -14.62
CA SER C 34 -1.50 20.66 -15.42
C SER C 34 -1.24 19.38 -14.65
N THR C 35 -0.48 19.43 -13.57
CA THR C 35 -0.38 18.27 -12.66
C THR C 35 0.11 18.70 -11.27
N LYS C 36 0.30 17.70 -10.43
CA LYS C 36 0.68 17.89 -9.05
C LYS C 36 2.06 17.27 -8.92
N ILE C 37 3.01 18.02 -8.36
CA ILE C 37 4.40 17.59 -8.24
C ILE C 37 4.65 17.26 -6.78
N PRO C 38 5.14 16.06 -6.47
CA PRO C 38 5.36 15.68 -5.07
C PRO C 38 6.52 16.43 -4.43
N LEU C 39 6.33 16.82 -3.18
CA LEU C 39 7.40 17.28 -2.33
C LEU C 39 7.90 16.06 -1.52
N ILE C 40 9.18 16.04 -1.22
CA ILE C 40 9.84 14.88 -0.60
C ILE C 40 10.15 15.29 0.85
N LYS C 41 9.91 14.38 1.77
CA LYS C 41 10.06 14.66 3.19
C LYS C 41 11.54 14.77 3.54
N SER C 42 11.91 15.75 4.33
CA SER C 42 13.29 15.85 4.81
C SER C 42 13.23 16.44 6.20
N HIS C 43 13.45 15.60 7.20
CA HIS C 43 13.26 15.96 8.62
C HIS C 43 11.80 16.31 8.85
N ASN C 44 11.48 17.53 9.24
CA ASN C 44 10.05 17.90 9.42
C ASN C 44 9.52 18.74 8.27
N ASP C 45 10.35 18.91 7.22
CA ASP C 45 9.98 19.70 6.03
C ASP C 45 9.63 18.77 4.88
N PHE C 46 8.93 19.31 3.90
CA PHE C 46 8.82 18.70 2.64
C PHE C 46 9.44 19.64 1.66
N VAL C 47 10.08 19.11 0.63
CA VAL C 47 10.79 19.97 -0.32
CA VAL C 47 10.88 19.89 -0.29
C VAL C 47 10.64 19.53 -1.74
N ALA C 48 10.66 20.52 -2.60
CA ALA C 48 10.69 20.34 -4.04
C ALA C 48 11.56 21.39 -4.67
N ILE C 49 12.15 21.01 -5.79
CA ILE C 49 13.03 21.87 -6.56
C ILE C 49 12.38 22.08 -7.92
N LEU C 50 12.02 23.32 -8.19
CA LEU C 50 11.24 23.67 -9.36
C LEU C 50 12.04 24.55 -10.32
N ASP C 51 11.92 24.25 -11.60
CA ASP C 51 12.58 25.03 -12.64
C ASP C 51 11.64 26.17 -12.96
N LEU C 52 11.72 27.24 -12.18
CA LEU C 52 10.79 28.37 -12.41
C LEU C 52 11.45 29.50 -13.20
N PRO C 53 10.80 29.93 -14.30
CA PRO C 53 11.33 31.08 -15.01
C PRO C 53 11.14 32.40 -14.24
N GLU C 54 11.98 33.36 -14.56
CA GLU C 54 11.87 34.69 -13.99
C GLU C 54 10.44 35.15 -14.09
N GLY C 55 9.96 35.85 -13.06
CA GLY C 55 8.63 36.44 -13.05
C GLY C 55 7.79 35.94 -11.88
N GLU C 56 6.48 36.19 -11.96
CA GLU C 56 5.53 35.84 -10.89
C GLU C 56 4.85 34.55 -11.18
N HIS C 57 4.72 33.68 -10.18
CA HIS C 57 3.95 32.47 -10.34
C HIS C 57 2.98 32.28 -9.18
N GLN C 58 1.79 31.83 -9.49
CA GLN C 58 0.83 31.42 -8.45
C GLN C 58 0.95 29.95 -8.18
N TYR C 59 0.79 29.53 -6.95
CA TYR C 59 0.88 28.10 -6.60
C TYR C 59 0.06 27.77 -5.35
N LYS C 60 -0.25 26.50 -5.18
CA LYS C 60 -0.93 26.02 -4.01
C LYS C 60 -0.52 24.57 -3.77
N PHE C 61 -0.65 24.15 -2.52
CA PHE C 61 -0.28 22.81 -2.10
C PHE C 61 -1.54 21.92 -1.99
N PHE C 62 -1.38 20.65 -2.28
CA PHE C 62 -2.37 19.66 -2.03
C PHE C 62 -1.76 18.72 -0.98
N VAL C 63 -2.27 18.84 0.25
CA VAL C 63 -1.73 18.22 1.43
C VAL C 63 -2.81 17.31 2.01
N ASP C 64 -2.51 16.02 2.09
CA ASP C 64 -3.46 15.02 2.57
C ASP C 64 -4.86 15.20 2.01
N GLY C 65 -4.93 15.38 0.70
CA GLY C 65 -6.22 15.45 0.05
C GLY C 65 -6.93 16.78 0.05
N GLN C 66 -6.28 17.85 0.53
CA GLN C 66 -6.91 19.21 0.61
C GLN C 66 -5.98 20.28 -0.01
N TRP C 67 -6.56 21.22 -0.75
CA TRP C 67 -5.84 22.40 -1.23
C TRP C 67 -5.57 23.38 -0.11
N VAL C 68 -4.29 23.69 0.12
CA VAL C 68 -3.91 24.57 1.22
C VAL C 68 -2.79 25.49 0.77
N HIS C 69 -2.80 26.72 1.28
CA HIS C 69 -1.70 27.67 0.97
C HIS C 69 -0.86 27.82 2.20
N ASP C 70 0.35 28.33 2.02
CA ASP C 70 1.22 28.57 3.14
C ASP C 70 0.95 29.95 3.67
N PRO C 71 0.43 30.05 4.90
CA PRO C 71 0.10 31.39 5.40
C PRO C 71 1.31 32.27 5.77
N SER C 72 2.54 31.74 5.72
CA SER C 72 3.75 32.55 5.91
C SER C 72 4.30 33.13 4.62
N GLU C 73 3.72 32.73 3.50
CA GLU C 73 4.21 33.22 2.23
C GLU C 73 3.17 34.15 1.59
N PRO C 74 3.59 35.01 0.66
CA PRO C 74 2.67 35.95 0.00
C PRO C 74 1.48 35.23 -0.66
N VAL C 75 0.33 35.92 -0.61
CA VAL C 75 -0.91 35.37 -1.11
C VAL C 75 -1.54 36.29 -2.13
N VAL C 76 -2.41 35.68 -2.92
CA VAL C 76 -3.12 36.37 -4.00
C VAL C 76 -4.45 35.63 -4.18
N THR C 77 -5.46 36.35 -4.65
CA THR C 77 -6.70 35.73 -5.08
C THR C 77 -6.63 35.35 -6.57
N SER C 78 -6.82 34.09 -6.90
CA SER C 78 -6.79 33.66 -8.29
C SER C 78 -8.06 34.13 -9.03
N GLN C 79 -8.06 33.93 -10.36
CA GLN C 79 -9.23 34.24 -11.15
C GLN C 79 -10.40 33.31 -10.81
N LEU C 80 -10.12 32.16 -10.22
CA LEU C 80 -11.23 31.32 -9.71
C LEU C 80 -11.83 31.87 -8.42
N GLY C 81 -11.18 32.84 -7.78
CA GLY C 81 -11.67 33.37 -6.50
C GLY C 81 -11.07 32.64 -5.33
N THR C 82 -9.96 31.92 -5.53
CA THR C 82 -9.38 31.12 -4.50
C THR C 82 -8.04 31.70 -4.06
N ILE C 83 -7.63 31.38 -2.83
CA ILE C 83 -6.39 31.89 -2.30
C ILE C 83 -5.22 30.99 -2.70
N ASN C 84 -4.27 31.58 -3.40
CA ASN C 84 -3.02 30.93 -3.78
C ASN C 84 -1.83 31.64 -3.15
N ASN C 85 -0.71 30.94 -3.04
CA ASN C 85 0.54 31.67 -2.76
C ASN C 85 1.07 32.31 -4.04
N LEU C 86 1.99 33.25 -3.87
CA LEU C 86 2.58 33.97 -4.98
C LEU C 86 4.09 34.07 -4.74
N ILE C 87 4.85 33.68 -5.72
CA ILE C 87 6.32 33.79 -5.65
C ILE C 87 6.83 34.67 -6.80
N HIS C 88 7.82 35.50 -6.51
CA HIS C 88 8.52 36.29 -7.53
C HIS C 88 9.92 35.72 -7.73
N VAL C 89 10.21 35.26 -8.93
CA VAL C 89 11.50 34.69 -9.22
C VAL C 89 12.34 35.80 -9.92
N LYS C 90 13.42 36.24 -9.28
CA LYS C 90 14.25 37.29 -9.89
C LYS C 90 15.10 36.64 -10.99
N PRO D 12 21.52 -43.28 -8.11
CA PRO D 12 20.86 -42.01 -7.84
C PRO D 12 20.54 -41.28 -9.11
N THR D 13 19.49 -40.48 -9.10
CA THR D 13 19.01 -39.79 -10.27
C THR D 13 18.98 -38.27 -10.15
N VAL D 14 19.55 -37.58 -11.12
CA VAL D 14 19.61 -36.11 -11.09
C VAL D 14 18.35 -35.55 -11.70
N ILE D 15 17.59 -34.77 -10.93
CA ILE D 15 16.41 -34.10 -11.46
C ILE D 15 16.77 -32.65 -11.74
N ARG D 16 16.40 -32.15 -12.91
CA ARG D 16 16.78 -30.81 -13.37
C ARG D 16 15.54 -30.04 -13.77
N TRP D 17 15.34 -28.87 -13.16
CA TRP D 17 14.24 -28.00 -13.53
C TRP D 17 14.85 -26.79 -14.21
N SER D 18 14.46 -26.56 -15.46
CA SER D 18 15.13 -25.56 -16.30
C SER D 18 14.25 -24.36 -16.67
N GLU D 19 13.04 -24.27 -16.12
CA GLU D 19 12.10 -23.23 -16.49
C GLU D 19 12.16 -21.99 -15.62
N GLY D 20 13.06 -21.95 -14.64
CA GLY D 20 13.16 -20.79 -13.78
C GLY D 20 12.13 -20.76 -12.66
N GLY D 21 12.13 -19.65 -11.93
CA GLY D 21 11.41 -19.48 -10.64
C GLY D 21 12.37 -19.28 -9.50
N LYS D 22 11.83 -19.04 -8.30
CA LYS D 22 12.61 -18.72 -7.12
C LYS D 22 12.74 -19.90 -6.16
N GLU D 23 11.67 -20.68 -6.01
CA GLU D 23 11.61 -21.80 -5.04
C GLU D 23 11.02 -23.03 -5.76
N VAL D 24 11.77 -24.14 -5.72
CA VAL D 24 11.38 -25.34 -6.45
C VAL D 24 11.49 -26.57 -5.58
N PHE D 25 10.38 -27.31 -5.49
CA PHE D 25 10.32 -28.60 -4.82
C PHE D 25 9.82 -29.68 -5.78
N ILE D 26 10.15 -30.92 -5.44
CA ILE D 26 9.62 -32.07 -6.15
C ILE D 26 8.93 -33.02 -5.15
N SER D 27 7.87 -33.65 -5.62
CA SER D 27 7.24 -34.77 -4.88
C SER D 27 6.81 -35.80 -5.92
N GLY D 28 6.51 -37.02 -5.50
CA GLY D 28 6.18 -38.06 -6.46
C GLY D 28 5.79 -39.37 -5.79
N SER D 29 5.48 -40.37 -6.62
CA SER D 29 5.01 -41.70 -6.16
C SER D 29 6.14 -42.44 -5.45
N PHE D 30 7.38 -42.03 -5.67
CA PHE D 30 8.56 -42.71 -5.09
C PHE D 30 8.61 -42.64 -3.56
N ASN D 31 7.98 -41.62 -2.98
CA ASN D 31 7.78 -41.58 -1.53
C ASN D 31 6.30 -41.51 -1.16
N ASN D 32 5.45 -42.05 -2.02
CA ASN D 32 3.99 -41.94 -1.86
C ASN D 32 3.52 -40.50 -1.58
N TRP D 33 4.11 -39.54 -2.30
CA TRP D 33 3.80 -38.12 -2.17
C TRP D 33 3.85 -37.64 -0.72
N SER D 34 4.75 -38.18 0.08
CA SER D 34 4.70 -37.92 1.51
C SER D 34 5.43 -36.62 1.85
N THR D 35 6.26 -36.08 0.98
CA THR D 35 6.78 -34.75 1.27
C THR D 35 7.34 -34.13 0.01
N LYS D 36 7.85 -32.91 0.15
CA LYS D 36 8.38 -32.14 -0.91
C LYS D 36 9.85 -32.01 -0.62
N ILE D 37 10.66 -32.26 -1.65
CA ILE D 37 12.08 -32.21 -1.56
C ILE D 37 12.58 -30.96 -2.31
N PRO D 38 13.45 -30.17 -1.67
CA PRO D 38 13.88 -28.96 -2.36
C PRO D 38 14.90 -29.22 -3.46
N LEU D 39 14.78 -28.49 -4.54
CA LEU D 39 15.81 -28.46 -5.56
C LEU D 39 16.68 -27.22 -5.33
N ILE D 40 17.96 -27.34 -5.68
CA ILE D 40 18.93 -26.28 -5.35
C ILE D 40 19.35 -25.53 -6.61
N LYS D 41 19.42 -24.21 -6.53
CA LYS D 41 19.71 -23.39 -7.72
C LYS D 41 21.14 -23.63 -8.23
N SER D 42 21.30 -23.82 -9.52
CA SER D 42 22.62 -23.88 -10.11
C SER D 42 22.48 -23.10 -11.41
N HIS D 43 23.00 -21.87 -11.42
CA HIS D 43 22.90 -20.99 -12.59
C HIS D 43 21.42 -20.84 -13.05
N ASN D 44 21.08 -21.22 -14.27
CA ASN D 44 19.68 -21.06 -14.68
C ASN D 44 18.80 -22.25 -14.22
N ASP D 45 19.43 -23.33 -13.74
CA ASP D 45 18.71 -24.55 -13.38
C ASP D 45 18.48 -24.73 -11.88
N PHE D 46 17.59 -25.65 -11.55
CA PHE D 46 17.46 -26.11 -10.15
C PHE D 46 17.66 -27.59 -10.25
N VAL D 47 18.37 -28.16 -9.28
CA VAL D 47 18.63 -29.59 -9.31
C VAL D 47 18.42 -30.25 -7.96
N ALA D 48 18.09 -31.54 -8.02
CA ALA D 48 18.08 -32.38 -6.82
C ALA D 48 18.64 -33.72 -7.23
N ILE D 49 19.16 -34.46 -6.25
CA ILE D 49 19.62 -35.79 -6.51
C ILE D 49 18.77 -36.71 -5.68
N LEU D 50 18.01 -37.58 -6.36
CA LEU D 50 17.07 -38.47 -5.71
C LEU D 50 17.49 -39.92 -5.79
N ASP D 51 17.40 -40.60 -4.65
CA ASP D 51 17.57 -42.06 -4.60
C ASP D 51 16.31 -42.81 -5.05
N LEU D 52 16.11 -42.98 -6.36
CA LEU D 52 14.90 -43.58 -6.88
C LEU D 52 15.14 -45.04 -7.19
N PRO D 53 14.26 -45.91 -6.70
CA PRO D 53 14.32 -47.32 -7.14
C PRO D 53 14.12 -47.51 -8.67
N GLU D 54 14.74 -48.55 -9.20
CA GLU D 54 14.54 -48.93 -10.59
C GLU D 54 13.00 -49.03 -10.87
N GLY D 55 12.56 -48.66 -12.06
CA GLY D 55 11.12 -48.71 -12.41
C GLY D 55 10.52 -47.34 -12.71
N GLU D 56 9.18 -47.26 -12.76
CA GLU D 56 8.50 -46.04 -13.20
C GLU D 56 8.05 -45.26 -11.99
N HIS D 57 8.07 -43.95 -12.10
CA HIS D 57 7.59 -43.08 -11.05
C HIS D 57 6.89 -41.86 -11.68
N GLN D 58 5.86 -41.39 -11.00
CA GLN D 58 5.23 -40.13 -11.36
C GLN D 58 5.74 -39.12 -10.42
N TYR D 59 5.91 -37.90 -10.90
CA TYR D 59 6.39 -36.81 -10.08
C TYR D 59 5.89 -35.49 -10.60
N LYS D 60 5.95 -34.48 -9.73
CA LYS D 60 5.58 -33.11 -10.18
C LYS D 60 6.30 -32.08 -9.33
N PHE D 61 6.46 -30.88 -9.85
CA PHE D 61 7.17 -29.84 -9.13
C PHE D 61 6.17 -28.89 -8.48
N PHE D 62 6.56 -28.33 -7.33
CA PHE D 62 5.85 -27.26 -6.69
C PHE D 62 6.76 -26.06 -6.78
N VAL D 63 6.38 -25.11 -7.63
CA VAL D 63 7.27 -24.02 -8.00
C VAL D 63 6.59 -22.71 -7.71
N ASP D 64 7.20 -21.93 -6.80
CA ASP D 64 6.62 -20.66 -6.37
C ASP D 64 5.14 -20.84 -6.04
N GLY D 65 4.88 -21.92 -5.30
CA GLY D 65 3.53 -22.20 -4.79
C GLY D 65 2.51 -22.82 -5.74
N GLN D 66 2.95 -23.29 -6.90
CA GLN D 66 2.05 -23.87 -7.90
C GLN D 66 2.60 -25.21 -8.34
N TRP D 67 1.71 -26.18 -8.51
CA TRP D 67 2.08 -27.47 -9.10
C TRP D 67 2.25 -27.33 -10.60
N VAL D 68 3.42 -27.68 -11.13
CA VAL D 68 3.70 -27.65 -12.55
C VAL D 68 4.60 -28.83 -12.96
N HIS D 69 4.46 -29.24 -14.22
CA HIS D 69 5.26 -30.35 -14.75
C HIS D 69 6.44 -29.78 -15.47
N ASP D 70 7.45 -30.60 -15.70
CA ASP D 70 8.60 -30.25 -16.54
C ASP D 70 8.20 -30.49 -18.01
N PRO D 71 8.08 -29.42 -18.80
CA PRO D 71 7.63 -29.58 -20.18
C PRO D 71 8.62 -30.32 -21.08
N SER D 72 9.88 -30.47 -20.65
CA SER D 72 10.84 -31.26 -21.43
C SER D 72 10.81 -32.77 -21.15
N GLU D 73 9.99 -33.24 -20.20
CA GLU D 73 9.93 -34.68 -19.92
C GLU D 73 8.53 -35.23 -20.14
N PRO D 74 8.41 -36.54 -20.38
CA PRO D 74 7.08 -37.08 -20.68
C PRO D 74 6.05 -36.81 -19.60
N VAL D 75 4.78 -36.83 -19.98
CA VAL D 75 3.72 -36.59 -19.02
C VAL D 75 2.69 -37.71 -19.12
N VAL D 76 1.97 -37.89 -18.02
CA VAL D 76 0.83 -38.84 -17.91
C VAL D 76 -0.25 -38.22 -17.03
N THR D 77 -1.43 -38.81 -17.09
CA THR D 77 -2.55 -38.41 -16.26
C THR D 77 -2.61 -39.38 -15.07
N SER D 78 -2.58 -38.82 -13.87
CA SER D 78 -2.64 -39.61 -12.64
C SER D 78 -4.06 -40.10 -12.42
N GLN D 79 -4.20 -40.95 -11.41
CA GLN D 79 -5.49 -41.50 -11.06
C GLN D 79 -6.36 -40.41 -10.44
N LEU D 80 -5.76 -39.29 -10.05
CA LEU D 80 -6.54 -38.12 -9.63
C LEU D 80 -7.01 -37.24 -10.81
N GLY D 81 -6.59 -37.59 -12.03
CA GLY D 81 -6.90 -36.80 -13.22
C GLY D 81 -5.97 -35.62 -13.44
N THR D 82 -4.87 -35.57 -12.70
CA THR D 82 -3.90 -34.49 -12.85
C THR D 82 -2.70 -34.89 -13.70
N ILE D 83 -1.96 -33.91 -14.19
CA ILE D 83 -0.83 -34.19 -15.06
C ILE D 83 0.45 -34.32 -14.24
N ASN D 84 1.17 -35.42 -14.41
CA ASN D 84 2.47 -35.59 -13.77
C ASN D 84 3.50 -35.91 -14.83
N ASN D 85 4.76 -35.65 -14.52
CA ASN D 85 5.83 -36.26 -15.27
C ASN D 85 5.96 -37.75 -14.93
N LEU D 86 6.55 -38.48 -15.86
CA LEU D 86 6.82 -39.90 -15.73
C LEU D 86 8.29 -40.10 -16.02
N ILE D 87 8.98 -40.80 -15.12
CA ILE D 87 10.36 -41.16 -15.29
C ILE D 87 10.47 -42.68 -15.18
N HIS D 88 11.29 -43.26 -16.04
CA HIS D 88 11.70 -44.66 -15.90
C HIS D 88 13.16 -44.74 -15.47
N VAL D 89 13.40 -45.36 -14.31
CA VAL D 89 14.75 -45.61 -13.81
C VAL D 89 15.15 -47.05 -14.13
N LYS D 90 16.23 -47.21 -14.88
CA LYS D 90 16.65 -48.52 -15.36
C LYS D 90 17.48 -49.21 -14.29
N PRO E 6 20.71 -9.79 -21.50
CA PRO E 6 20.99 -8.46 -20.94
C PRO E 6 20.07 -8.05 -19.78
N ASN E 7 20.40 -6.93 -19.14
CA ASN E 7 19.60 -6.44 -18.04
C ASN E 7 18.19 -6.01 -18.50
N SER E 8 17.16 -6.65 -17.93
CA SER E 8 15.74 -6.41 -18.29
C SER E 8 15.26 -5.04 -17.77
N GLN E 9 14.80 -4.14 -18.64
CA GLN E 9 14.33 -2.83 -18.17
C GLN E 9 12.82 -2.80 -17.91
N ALA E 10 12.41 -2.05 -16.88
CA ALA E 10 10.98 -1.85 -16.59
C ALA E 10 10.24 -1.40 -17.84
N ARG E 11 9.02 -1.90 -17.99
CA ARG E 11 8.19 -1.57 -19.14
C ARG E 11 7.21 -0.42 -18.88
N PRO E 12 7.26 0.63 -19.72
CA PRO E 12 6.24 1.69 -19.69
C PRO E 12 4.87 1.07 -19.89
N THR E 13 3.98 1.26 -18.92
CA THR E 13 2.70 0.57 -18.91
C THR E 13 1.59 1.60 -18.68
N VAL E 14 0.54 1.55 -19.51
CA VAL E 14 -0.53 2.54 -19.43
C VAL E 14 -1.49 2.15 -18.35
N ILE E 15 -1.86 3.11 -17.53
CA ILE E 15 -2.88 2.90 -16.52
C ILE E 15 -3.94 3.90 -16.84
N ARG E 16 -5.19 3.44 -16.85
CA ARG E 16 -6.28 4.28 -17.26
C ARG E 16 -7.45 4.12 -16.32
N TRP E 17 -8.01 5.24 -15.86
CA TRP E 17 -9.16 5.26 -14.97
C TRP E 17 -10.30 5.94 -15.72
N SER E 18 -11.41 5.20 -15.88
CA SER E 18 -12.53 5.61 -16.72
C SER E 18 -13.77 5.95 -15.96
N GLU E 19 -13.75 5.82 -14.64
CA GLU E 19 -14.98 5.92 -13.84
C GLU E 19 -15.25 7.33 -13.32
N GLY E 20 -14.45 8.30 -13.74
CA GLY E 20 -14.69 9.68 -13.36
C GLY E 20 -14.13 10.03 -11.99
N GLY E 21 -14.34 11.28 -11.61
CA GLY E 21 -13.83 11.81 -10.37
C GLY E 21 -13.03 13.04 -10.69
N LYS E 22 -12.43 13.61 -9.66
CA LYS E 22 -11.73 14.88 -9.82
C LYS E 22 -10.23 14.78 -9.60
N GLU E 23 -9.86 14.27 -8.44
CA GLU E 23 -8.47 14.03 -8.09
C GLU E 23 -8.19 12.52 -8.07
N VAL E 24 -7.35 12.06 -9.00
CA VAL E 24 -7.15 10.63 -9.18
C VAL E 24 -5.68 10.25 -9.02
N PHE E 25 -5.42 9.24 -8.16
CA PHE E 25 -4.09 8.75 -7.89
C PHE E 25 -4.06 7.22 -7.98
N ILE E 26 -2.87 6.70 -8.25
CA ILE E 26 -2.62 5.24 -8.15
C ILE E 26 -1.48 4.94 -7.16
N SER E 27 -1.60 3.84 -6.44
CA SER E 27 -0.51 3.32 -5.67
C SER E 27 -0.50 1.80 -5.89
N GLY E 28 0.59 1.13 -5.52
CA GLY E 28 0.61 -0.33 -5.65
C GLY E 28 1.85 -1.01 -5.17
N SER E 29 1.88 -2.33 -5.37
CA SER E 29 2.99 -3.14 -4.86
C SER E 29 4.26 -2.79 -5.61
N PHE E 30 4.10 -2.30 -6.84
CA PHE E 30 5.25 -1.86 -7.68
C PHE E 30 6.17 -0.85 -7.00
N ASN E 31 5.65 0.01 -6.11
CA ASN E 31 6.52 0.89 -5.32
C ASN E 31 6.38 0.66 -3.82
N ASN E 32 6.03 -0.56 -3.45
CA ASN E 32 5.80 -0.89 -2.04
C ASN E 32 4.76 0.04 -1.38
N TRP E 33 3.77 0.48 -2.17
CA TRP E 33 2.68 1.34 -1.71
C TRP E 33 3.24 2.56 -1.03
N SER E 34 4.40 3.01 -1.48
CA SER E 34 5.11 4.02 -0.76
C SER E 34 4.59 5.42 -1.12
N THR E 35 3.91 5.54 -2.26
CA THR E 35 3.43 6.83 -2.68
C THR E 35 2.16 6.76 -3.52
N LYS E 36 1.48 7.90 -3.63
CA LYS E 36 0.37 8.05 -4.53
C LYS E 36 0.80 8.86 -5.73
N ILE E 37 0.64 8.29 -6.92
CA ILE E 37 1.06 8.90 -8.16
C ILE E 37 -0.14 9.54 -8.84
N PRO E 38 -0.09 10.83 -9.11
CA PRO E 38 -1.23 11.47 -9.74
C PRO E 38 -1.43 10.99 -11.17
N LEU E 39 -2.67 10.89 -11.60
CA LEU E 39 -2.96 10.62 -13.00
C LEU E 39 -3.33 11.93 -13.64
N ILE E 40 -3.15 11.97 -14.96
CA ILE E 40 -3.38 13.15 -15.81
C ILE E 40 -4.70 12.98 -16.55
N LYS E 41 -5.52 14.03 -16.52
CA LYS E 41 -6.80 14.06 -17.17
C LYS E 41 -6.62 14.07 -18.67
N SER E 42 -7.42 13.26 -19.35
CA SER E 42 -7.53 13.29 -20.81
C SER E 42 -8.96 13.03 -21.18
N HIS E 43 -9.69 14.09 -21.53
CA HIS E 43 -11.10 13.98 -21.86
C HIS E 43 -11.86 13.40 -20.68
N ASN E 44 -12.51 12.26 -20.80
CA ASN E 44 -13.27 11.72 -19.65
C ASN E 44 -12.44 10.73 -18.79
N ASP E 45 -11.21 10.44 -19.19
CA ASP E 45 -10.35 9.50 -18.48
C ASP E 45 -9.24 10.23 -17.70
N PHE E 46 -8.53 9.48 -16.89
CA PHE E 46 -7.34 9.91 -16.22
C PHE E 46 -6.36 8.84 -16.61
N VAL E 47 -5.11 9.22 -16.87
CA VAL E 47 -4.10 8.30 -17.37
C VAL E 47 -2.76 8.53 -16.68
N ALA E 48 -2.00 7.46 -16.47
CA ALA E 48 -0.59 7.57 -16.15
C ALA E 48 0.19 6.48 -16.93
N ILE E 49 1.51 6.68 -17.03
CA ILE E 49 2.39 5.68 -17.60
C ILE E 49 3.38 5.34 -16.51
N LEU E 50 3.35 4.09 -16.07
CA LEU E 50 4.24 3.61 -15.04
C LEU E 50 5.28 2.70 -15.68
N ASP E 51 6.53 2.82 -15.27
CA ASP E 51 7.54 1.85 -15.68
C ASP E 51 7.54 0.70 -14.70
N LEU E 52 6.99 -0.42 -15.13
CA LEU E 52 6.77 -1.58 -14.27
C LEU E 52 7.68 -2.76 -14.65
N PRO E 53 8.30 -3.41 -13.64
CA PRO E 53 9.12 -4.60 -13.89
C PRO E 53 8.28 -5.73 -14.43
N GLU E 54 8.93 -6.66 -15.12
CA GLU E 54 8.25 -7.86 -15.60
C GLU E 54 7.58 -8.52 -14.40
N GLY E 55 6.37 -9.03 -14.60
CA GLY E 55 5.68 -9.80 -13.58
C GLY E 55 4.32 -9.21 -13.24
N GLU E 56 3.86 -9.60 -12.06
CA GLU E 56 2.54 -9.33 -11.57
C GLU E 56 2.62 -8.23 -10.53
N HIS E 57 1.65 -7.31 -10.57
CA HIS E 57 1.57 -6.22 -9.62
C HIS E 57 0.15 -6.00 -9.18
N GLN E 58 0.00 -5.73 -7.89
CA GLN E 58 -1.24 -5.23 -7.30
C GLN E 58 -1.25 -3.71 -7.24
N TYR E 59 -2.41 -3.14 -7.53
CA TYR E 59 -2.55 -1.69 -7.52
C TYR E 59 -3.97 -1.29 -7.18
N LYS E 60 -4.15 -0.04 -6.78
CA LYS E 60 -5.50 0.46 -6.53
C LYS E 60 -5.50 1.98 -6.65
N PHE E 61 -6.67 2.52 -6.92
CA PHE E 61 -6.79 3.92 -7.13
C PHE E 61 -7.29 4.63 -5.88
N PHE E 62 -6.85 5.87 -5.72
CA PHE E 62 -7.29 6.72 -4.64
C PHE E 62 -7.92 7.92 -5.31
N VAL E 63 -9.22 7.99 -5.17
CA VAL E 63 -10.02 8.92 -5.97
C VAL E 63 -10.90 9.74 -5.02
N ASP E 64 -10.62 11.04 -4.98
CA ASP E 64 -11.37 12.02 -4.15
C ASP E 64 -11.52 11.52 -2.71
N GLY E 65 -10.41 11.08 -2.15
CA GLY E 65 -10.38 10.67 -0.75
C GLY E 65 -10.76 9.22 -0.48
N GLN E 66 -10.99 8.40 -1.51
CA GLN E 66 -11.42 7.01 -1.26
C GLN E 66 -10.63 6.04 -2.08
N TRP E 67 -10.27 4.93 -1.48
CA TRP E 67 -9.63 3.82 -2.19
C TRP E 67 -10.66 3.06 -3.02
N VAL E 68 -10.40 2.93 -4.31
CA VAL E 68 -11.33 2.25 -5.25
C VAL E 68 -10.58 1.45 -6.30
N HIS E 69 -11.14 0.31 -6.67
CA HIS E 69 -10.59 -0.49 -7.75
C HIS E 69 -11.31 -0.16 -9.05
N ASP E 70 -10.67 -0.54 -10.15
CA ASP E 70 -11.20 -0.41 -11.49
C ASP E 70 -12.05 -1.68 -11.71
N PRO E 71 -13.38 -1.55 -11.87
CA PRO E 71 -14.18 -2.76 -11.98
C PRO E 71 -14.08 -3.45 -13.36
N SER E 72 -13.38 -2.82 -14.33
CA SER E 72 -13.18 -3.41 -15.66
C SER E 72 -11.89 -4.25 -15.73
N GLU E 73 -11.15 -4.31 -14.62
CA GLU E 73 -9.85 -4.99 -14.62
C GLU E 73 -9.82 -6.13 -13.58
N PRO E 74 -8.95 -7.12 -13.81
CA PRO E 74 -8.90 -8.18 -12.84
C PRO E 74 -8.62 -7.67 -11.43
N VAL E 75 -9.12 -8.41 -10.44
CA VAL E 75 -8.97 -8.08 -9.04
C VAL E 75 -8.48 -9.28 -8.23
N VAL E 76 -7.94 -8.99 -7.08
CA VAL E 76 -7.38 -9.99 -6.20
C VAL E 76 -7.54 -9.48 -4.78
N THR E 77 -7.36 -10.36 -3.81
CA THR E 77 -7.46 -9.99 -2.41
C THR E 77 -6.08 -9.90 -1.77
N SER E 78 -5.76 -8.73 -1.18
CA SER E 78 -4.48 -8.55 -0.48
C SER E 78 -4.54 -9.30 0.84
N GLN E 79 -3.41 -9.52 1.47
CA GLN E 79 -3.42 -10.20 2.75
C GLN E 79 -4.14 -9.37 3.83
N LEU E 80 -4.19 -8.06 3.59
CA LEU E 80 -4.91 -7.15 4.46
C LEU E 80 -6.40 -7.38 4.35
N GLY E 81 -6.82 -8.11 3.32
CA GLY E 81 -8.21 -8.47 3.12
C GLY E 81 -8.90 -7.40 2.32
N THR E 82 -8.16 -6.65 1.50
CA THR E 82 -8.72 -5.57 0.69
C THR E 82 -8.60 -5.97 -0.76
N ILE E 83 -9.46 -5.38 -1.59
CA ILE E 83 -9.56 -5.71 -3.00
C ILE E 83 -8.61 -4.82 -3.80
N ASN E 84 -7.63 -5.42 -4.46
CA ASN E 84 -6.76 -4.69 -5.39
C ASN E 84 -6.95 -5.16 -6.83
N ASN E 85 -6.62 -4.27 -7.78
CA ASN E 85 -6.48 -4.70 -9.16
C ASN E 85 -5.18 -5.45 -9.31
N LEU E 86 -5.13 -6.29 -10.33
CA LEU E 86 -3.93 -7.06 -10.64
C LEU E 86 -3.57 -6.82 -12.08
N ILE E 87 -2.28 -6.58 -12.34
CA ILE E 87 -1.77 -6.43 -13.70
C ILE E 87 -0.57 -7.34 -13.93
N HIS E 88 -0.50 -7.95 -15.13
CA HIS E 88 0.69 -8.72 -15.55
CA HIS E 88 0.65 -8.76 -15.56
C HIS E 88 1.44 -7.96 -16.60
N VAL E 89 2.74 -7.87 -16.39
CA VAL E 89 3.62 -7.15 -17.28
C VAL E 89 4.59 -8.18 -17.86
N LYS E 90 4.49 -8.39 -19.16
CA LYS E 90 5.37 -9.29 -19.93
C LYS E 90 6.71 -8.61 -20.14
N PRO F 6 -19.21 37.31 40.45
CA PRO F 6 -18.16 36.28 40.48
C PRO F 6 -17.86 35.71 39.10
N ASN F 7 -16.64 35.20 38.91
CA ASN F 7 -16.24 34.64 37.61
C ASN F 7 -17.11 33.42 37.23
N SER F 8 -17.60 33.43 35.99
CA SER F 8 -18.61 32.48 35.52
C SER F 8 -17.92 31.25 34.93
N GLN F 9 -18.16 30.07 35.52
CA GLN F 9 -17.42 28.87 35.15
C GLN F 9 -18.14 28.07 34.04
N ALA F 10 -17.35 27.38 33.23
CA ALA F 10 -17.89 26.48 32.23
C ALA F 10 -18.91 25.52 32.84
N ARG F 11 -19.95 25.19 32.06
CA ARG F 11 -21.01 24.32 32.52
C ARG F 11 -20.79 22.93 31.93
N PRO F 12 -20.66 21.89 32.76
CA PRO F 12 -20.70 20.51 32.24
C PRO F 12 -21.94 20.26 31.42
N THR F 13 -21.76 19.80 30.18
CA THR F 13 -22.85 19.69 29.23
C THR F 13 -22.78 18.31 28.57
N VAL F 14 -23.92 17.62 28.53
CA VAL F 14 -23.97 16.26 28.00
C VAL F 14 -24.06 16.35 26.48
N ILE F 15 -23.11 15.70 25.79
CA ILE F 15 -23.19 15.44 24.38
C ILE F 15 -23.55 13.96 24.17
N ARG F 16 -24.58 13.72 23.40
CA ARG F 16 -25.07 12.34 23.13
C ARG F 16 -25.13 12.10 21.64
N TRP F 17 -24.52 11.00 21.18
CA TRP F 17 -24.62 10.56 19.79
C TRP F 17 -25.35 9.23 19.70
N SER F 18 -26.47 9.20 19.00
CA SER F 18 -27.25 7.94 18.98
C SER F 18 -27.32 7.23 17.62
N GLU F 19 -26.63 7.73 16.59
CA GLU F 19 -26.75 7.12 15.23
C GLU F 19 -25.82 5.91 15.08
N GLY F 20 -25.09 5.55 16.10
CA GLY F 20 -24.20 4.40 16.00
C GLY F 20 -22.89 4.75 15.30
N GLY F 21 -22.11 3.72 15.04
CA GLY F 21 -20.75 3.86 14.58
C GLY F 21 -19.86 3.18 15.59
N LYS F 22 -18.56 3.30 15.40
CA LYS F 22 -17.63 2.57 16.19
C LYS F 22 -16.69 3.51 16.92
N GLU F 23 -15.97 4.33 16.17
CA GLU F 23 -15.09 5.35 16.77
C GLU F 23 -15.70 6.71 16.60
N VAL F 24 -16.06 7.35 17.71
CA VAL F 24 -16.89 8.55 17.70
C VAL F 24 -16.20 9.65 18.45
N PHE F 25 -16.03 10.81 17.81
CA PHE F 25 -15.35 11.95 18.43
C PHE F 25 -16.17 13.24 18.21
N ILE F 26 -15.92 14.27 19.02
CA ILE F 26 -16.59 15.57 18.82
C ILE F 26 -15.52 16.66 18.80
N SER F 27 -15.72 17.67 17.96
CA SER F 27 -14.91 18.88 17.97
C SER F 27 -15.87 20.04 17.79
N GLY F 28 -15.39 21.25 18.04
CA GLY F 28 -16.25 22.42 17.86
C GLY F 28 -15.60 23.76 18.11
N SER F 29 -16.41 24.81 18.00
CA SER F 29 -15.92 26.21 18.17
C SER F 29 -15.41 26.42 19.57
N PHE F 30 -16.02 25.71 20.52
CA PHE F 30 -15.61 25.72 21.93
C PHE F 30 -14.10 25.51 22.21
N ASN F 31 -13.40 24.73 21.39
CA ASN F 31 -11.92 24.64 21.48
C ASN F 31 -11.20 25.07 20.21
N ASN F 32 -11.85 25.96 19.45
CA ASN F 32 -11.32 26.42 18.17
C ASN F 32 -10.99 25.23 17.26
N TRP F 33 -11.76 24.16 17.38
CA TRP F 33 -11.59 22.99 16.53
C TRP F 33 -10.19 22.45 16.61
N SER F 34 -9.54 22.62 17.75
CA SER F 34 -8.11 22.28 17.85
C SER F 34 -7.95 20.80 18.10
N THR F 35 -8.97 20.10 18.60
CA THR F 35 -8.82 18.66 18.84
C THR F 35 -10.15 17.84 18.70
N LYS F 36 -10.05 16.54 18.51
CA LYS F 36 -11.23 15.68 18.46
C LYS F 36 -11.29 14.96 19.80
N ILE F 37 -12.40 15.10 20.52
CA ILE F 37 -12.56 14.55 21.85
C ILE F 37 -13.33 13.25 21.73
N PRO F 38 -12.77 12.14 22.24
CA PRO F 38 -13.48 10.86 22.09
C PRO F 38 -14.76 10.82 22.92
N LEU F 39 -15.79 10.18 22.39
CA LEU F 39 -16.97 9.83 23.14
C LEU F 39 -16.87 8.39 23.73
N ILE F 40 -17.62 8.18 24.80
CA ILE F 40 -17.66 6.91 25.56
C ILE F 40 -18.92 6.17 25.20
N LYS F 41 -18.79 4.90 24.85
CA LYS F 41 -19.92 4.11 24.43
C LYS F 41 -20.75 3.72 25.65
N SER F 42 -22.06 3.85 25.55
CA SER F 42 -22.96 3.53 26.64
C SER F 42 -24.19 2.91 26.03
N HIS F 43 -24.27 1.58 26.12
CA HIS F 43 -25.33 0.81 25.44
C HIS F 43 -25.31 1.22 23.97
N ASN F 44 -26.42 1.73 23.41
CA ASN F 44 -26.42 2.10 21.98
C ASN F 44 -25.98 3.53 21.68
N ASP F 45 -25.67 4.32 22.71
CA ASP F 45 -25.24 5.71 22.53
C ASP F 45 -23.72 5.85 22.70
N PHE F 46 -23.23 7.02 22.33
CA PHE F 46 -21.89 7.47 22.77
C PHE F 46 -22.09 8.79 23.45
N VAL F 47 -21.32 9.02 24.50
CA VAL F 47 -21.56 10.14 25.31
C VAL F 47 -20.26 10.81 25.62
N ALA F 48 -20.35 12.12 25.74
CA ALA F 48 -19.31 12.87 26.42
C ALA F 48 -19.94 13.99 27.27
N ILE F 49 -19.18 14.41 28.26
CA ILE F 49 -19.50 15.56 29.09
C ILE F 49 -18.40 16.59 28.84
N LEU F 50 -18.79 17.72 28.24
CA LEU F 50 -17.90 18.85 27.97
C LEU F 50 -18.24 20.04 28.87
N ASP F 51 -17.20 20.71 29.36
CA ASP F 51 -17.39 21.87 30.18
C ASP F 51 -17.42 23.09 29.27
N LEU F 52 -18.61 23.51 28.91
CA LEU F 52 -18.79 24.59 27.94
C LEU F 52 -19.10 25.94 28.60
N PRO F 53 -18.50 27.02 28.08
CA PRO F 53 -18.82 28.36 28.53
C PRO F 53 -20.20 28.72 28.15
N GLU F 54 -20.79 29.63 28.91
CA GLU F 54 -22.09 30.20 28.63
C GLU F 54 -22.14 30.67 27.19
N GLY F 55 -23.23 30.35 26.51
CA GLY F 55 -23.51 30.91 25.19
C GLY F 55 -23.69 29.86 24.10
N GLU F 56 -23.30 30.25 22.90
CA GLU F 56 -23.61 29.48 21.70
C GLU F 56 -22.32 28.87 21.16
N HIS F 57 -22.37 27.59 20.78
CA HIS F 57 -21.23 26.88 20.22
C HIS F 57 -21.61 26.05 19.01
N GLN F 58 -20.71 25.94 18.05
CA GLN F 58 -20.92 25.04 16.96
C GLN F 58 -20.10 23.82 17.24
N TYR F 59 -20.58 22.66 16.80
CA TYR F 59 -19.85 21.42 16.98
C TYR F 59 -20.20 20.46 15.87
N LYS F 60 -19.38 19.43 15.69
CA LYS F 60 -19.71 18.37 14.78
C LYS F 60 -19.05 17.10 15.25
N PHE F 61 -19.54 15.97 14.80
CA PHE F 61 -18.93 14.69 15.21
C PHE F 61 -18.02 14.20 14.10
N PHE F 62 -17.03 13.40 14.49
CA PHE F 62 -16.18 12.67 13.56
C PHE F 62 -16.39 11.22 13.86
N VAL F 63 -17.07 10.53 12.96
CA VAL F 63 -17.45 9.13 13.20
C VAL F 63 -16.85 8.25 12.11
N ASP F 64 -16.03 7.33 12.56
CA ASP F 64 -15.40 6.37 11.68
C ASP F 64 -14.88 7.01 10.41
N GLY F 65 -14.07 8.05 10.58
CA GLY F 65 -13.40 8.72 9.47
C GLY F 65 -14.18 9.79 8.74
N GLN F 66 -15.38 10.15 9.19
CA GLN F 66 -16.23 11.14 8.49
C GLN F 66 -16.83 12.17 9.42
N TRP F 67 -16.85 13.41 8.97
CA TRP F 67 -17.54 14.44 9.68
C TRP F 67 -19.05 14.30 9.47
N VAL F 68 -19.81 14.20 10.56
CA VAL F 68 -21.24 14.08 10.48
C VAL F 68 -21.90 14.95 11.54
N HIS F 69 -23.05 15.51 11.22
CA HIS F 69 -23.84 16.24 12.20
C HIS F 69 -24.96 15.35 12.77
N ASP F 70 -25.50 15.77 13.91
CA ASP F 70 -26.61 15.09 14.55
C ASP F 70 -27.89 15.65 13.94
N PRO F 71 -28.66 14.83 13.22
CA PRO F 71 -29.81 15.44 12.55
C PRO F 71 -30.94 15.80 13.52
N SER F 72 -30.86 15.36 14.76
CA SER F 72 -31.90 15.65 15.76
C SER F 72 -31.69 17.00 16.45
N GLU F 73 -30.55 17.67 16.24
CA GLU F 73 -30.26 18.93 16.91
C GLU F 73 -30.19 20.11 15.93
N PRO F 74 -30.31 21.34 16.45
CA PRO F 74 -30.24 22.50 15.57
C PRO F 74 -28.95 22.48 14.76
N VAL F 75 -29.04 23.00 13.53
CA VAL F 75 -27.92 22.95 12.61
C VAL F 75 -27.69 24.34 12.05
N VAL F 76 -26.47 24.62 11.64
CA VAL F 76 -26.18 25.87 11.01
C VAL F 76 -25.06 25.64 10.00
N THR F 77 -24.94 26.55 9.04
CA THR F 77 -23.81 26.64 8.09
C THR F 77 -22.66 27.45 8.68
N SER F 78 -21.43 26.92 8.61
CA SER F 78 -20.26 27.63 9.10
C SER F 78 -19.74 28.59 8.02
N GLN F 79 -18.77 29.42 8.36
CA GLN F 79 -18.14 30.30 7.37
C GLN F 79 -17.39 29.51 6.29
N LEU F 80 -17.05 28.27 6.59
CA LEU F 80 -16.47 27.40 5.57
C LEU F 80 -17.52 26.83 4.62
N GLY F 81 -18.81 27.00 4.89
CA GLY F 81 -19.86 26.42 4.03
C GLY F 81 -20.23 24.99 4.42
N THR F 82 -20.00 24.65 5.70
CA THR F 82 -20.22 23.27 6.16
C THR F 82 -21.27 23.23 7.26
N ILE F 83 -21.94 22.09 7.37
CA ILE F 83 -23.02 21.93 8.31
C ILE F 83 -22.50 21.54 9.67
N ASN F 84 -22.79 22.37 10.67
CA ASN F 84 -22.46 22.09 12.08
C ASN F 84 -23.72 22.06 12.91
N ASN F 85 -23.66 21.38 14.05
CA ASN F 85 -24.70 21.55 15.03
C ASN F 85 -24.44 22.81 15.85
N LEU F 86 -25.48 23.30 16.44
CA LEU F 86 -25.43 24.49 17.27
C LEU F 86 -25.98 24.11 18.62
N ILE F 87 -25.32 24.52 19.70
CA ILE F 87 -25.84 24.33 21.07
C ILE F 87 -25.81 25.66 21.83
N HIS F 88 -26.81 25.87 22.68
CA HIS F 88 -26.88 27.02 23.60
C HIS F 88 -26.70 26.54 25.03
N VAL F 89 -25.78 27.17 25.74
CA VAL F 89 -25.41 26.79 27.08
C VAL F 89 -25.80 27.95 28.01
N LYS F 90 -26.83 27.78 28.81
CA LYS F 90 -27.25 28.83 29.75
C LYS F 90 -26.24 28.92 30.88
N SER G 8 9.87 26.05 -33.05
CA SER G 8 11.31 26.27 -32.77
C SER G 8 11.64 25.69 -31.41
N GLN G 9 12.29 24.53 -31.41
CA GLN G 9 12.75 23.91 -30.19
C GLN G 9 14.26 23.91 -30.23
N ALA G 10 14.87 23.94 -29.04
CA ALA G 10 16.31 23.94 -28.93
C ALA G 10 16.91 22.66 -29.55
N ARG G 11 18.07 22.78 -30.17
CA ARG G 11 18.66 21.67 -30.90
C ARG G 11 19.75 21.02 -30.06
N PRO G 12 19.69 19.67 -29.89
CA PRO G 12 20.83 18.99 -29.32
C PRO G 12 22.12 19.29 -30.08
N THR G 13 23.09 19.78 -29.33
CA THR G 13 24.34 20.28 -29.89
C THR G 13 25.47 19.71 -29.12
N VAL G 14 26.47 19.17 -29.83
CA VAL G 14 27.60 18.50 -29.19
C VAL G 14 28.64 19.54 -28.80
N ILE G 15 29.06 19.54 -27.55
CA ILE G 15 30.17 20.38 -27.10
C ILE G 15 31.36 19.48 -26.83
N ARG G 16 32.52 19.83 -27.38
CA ARG G 16 33.74 19.04 -27.22
C ARG G 16 34.86 19.91 -26.70
N TRP G 17 35.46 19.45 -25.59
CA TRP G 17 36.64 20.07 -25.02
C TRP G 17 37.83 19.08 -25.16
N SER G 18 38.83 19.55 -25.88
CA SER G 18 39.95 18.70 -26.26
CA SER G 18 39.95 18.73 -26.28
C SER G 18 41.27 19.12 -25.63
N GLU G 19 41.26 20.08 -24.73
CA GLU G 19 42.52 20.62 -24.20
C GLU G 19 43.01 19.89 -22.95
N GLY G 20 42.21 18.97 -22.42
CA GLY G 20 42.61 18.20 -21.25
C GLY G 20 42.18 18.91 -19.98
N GLY G 21 42.54 18.33 -18.85
CA GLY G 21 42.09 18.79 -17.54
C GLY G 21 41.45 17.65 -16.77
N LYS G 22 41.00 17.93 -15.54
CA LYS G 22 40.37 16.93 -14.69
C LYS G 22 38.86 17.23 -14.52
N GLU G 23 38.52 18.46 -14.13
CA GLU G 23 37.13 18.80 -13.84
C GLU G 23 36.74 19.87 -14.83
N VAL G 24 35.78 19.56 -15.68
CA VAL G 24 35.46 20.42 -16.82
C VAL G 24 33.98 20.74 -16.85
N PHE G 25 33.67 22.06 -16.90
CA PHE G 25 32.30 22.56 -17.02
C PHE G 25 32.13 23.55 -18.17
N ILE G 26 30.87 23.79 -18.50
CA ILE G 26 30.53 24.81 -19.45
C ILE G 26 29.41 25.70 -18.90
N SER G 27 29.48 26.99 -19.24
CA SER G 27 28.39 27.90 -19.01
C SER G 27 28.33 28.86 -20.19
N GLY G 28 27.21 29.56 -20.31
CA GLY G 28 27.01 30.51 -21.38
C GLY G 28 25.71 31.32 -21.29
N SER G 29 25.58 32.24 -22.22
CA SER G 29 24.35 33.05 -22.37
C SER G 29 23.15 32.16 -22.65
N PHE G 30 23.37 30.97 -23.20
CA PHE G 30 22.27 30.02 -23.46
C PHE G 30 21.48 29.63 -22.20
N ASN G 31 22.12 29.65 -21.04
CA ASN G 31 21.40 29.45 -19.78
C ASN G 31 21.49 30.66 -18.85
N ASN G 32 21.72 31.84 -19.42
CA ASN G 32 21.92 33.07 -18.66
C ASN G 32 23.09 33.00 -17.67
N TRP G 33 24.11 32.18 -17.99
CA TRP G 33 25.23 31.96 -17.08
C TRP G 33 24.73 31.56 -15.69
N SER G 34 23.56 30.91 -15.60
CA SER G 34 22.95 30.57 -14.31
C SER G 34 23.64 29.39 -13.59
N THR G 35 24.37 28.55 -14.33
CA THR G 35 25.04 27.38 -13.76
C THR G 35 26.19 26.88 -14.66
N LYS G 36 27.12 26.16 -14.02
CA LYS G 36 28.17 25.41 -14.69
C LYS G 36 27.75 23.95 -14.90
N ILE G 37 27.62 23.57 -16.17
CA ILE G 37 27.24 22.20 -16.58
C ILE G 37 28.46 21.28 -16.70
N PRO G 38 28.49 20.18 -15.91
CA PRO G 38 29.67 19.30 -16.01
C PRO G 38 29.73 18.63 -17.38
N LEU G 39 30.93 18.44 -17.91
CA LEU G 39 31.14 17.60 -19.10
C LEU G 39 31.62 16.24 -18.63
N ILE G 40 31.49 15.26 -19.54
CA ILE G 40 31.85 13.85 -19.32
C ILE G 40 33.11 13.53 -20.09
N LYS G 41 34.00 12.76 -19.48
CA LYS G 41 35.21 12.30 -20.14
C LYS G 41 34.91 11.32 -21.26
N SER G 42 35.60 11.44 -22.38
CA SER G 42 35.54 10.43 -23.43
C SER G 42 36.90 10.37 -24.06
N HIS G 43 37.63 9.29 -23.78
CA HIS G 43 39.03 9.16 -24.19
C HIS G 43 39.82 10.43 -23.75
N ASN G 44 40.33 11.21 -24.69
CA ASN G 44 41.10 12.39 -24.34
C ASN G 44 40.27 13.64 -24.35
N ASP G 45 39.00 13.49 -24.72
CA ASP G 45 38.08 14.60 -24.75
C ASP G 45 37.17 14.65 -23.52
N PHE G 46 36.58 15.81 -23.30
CA PHE G 46 35.38 15.93 -22.50
C PHE G 46 34.25 16.41 -23.41
N VAL G 47 33.04 15.94 -23.12
CA VAL G 47 31.92 16.22 -24.02
C VAL G 47 30.62 16.48 -23.23
N ALA G 48 29.76 17.27 -23.84
CA ALA G 48 28.40 17.43 -23.35
C ALA G 48 27.51 17.58 -24.57
N ILE G 49 26.23 17.27 -24.39
CA ILE G 49 25.26 17.58 -25.43
C ILE G 49 24.23 18.53 -24.85
N LEU G 50 24.20 19.77 -25.33
CA LEU G 50 23.29 20.75 -24.80
C LEU G 50 22.15 21.01 -25.79
N ASP G 51 20.93 21.21 -25.31
CA ASP G 51 19.85 21.69 -26.16
C ASP G 51 19.88 23.20 -26.31
N LEU G 52 20.41 23.69 -27.41
CA LEU G 52 20.60 25.12 -27.61
C LEU G 52 19.56 25.66 -28.60
N PRO G 53 18.93 26.81 -28.27
CA PRO G 53 18.03 27.47 -29.23
C PRO G 53 18.78 27.93 -30.45
N GLU G 54 18.12 27.93 -31.60
CA GLU G 54 18.70 28.45 -32.82
C GLU G 54 19.28 29.82 -32.54
N GLY G 55 20.42 30.09 -33.16
CA GLY G 55 21.06 31.40 -33.13
C GLY G 55 22.44 31.37 -32.50
N GLU G 56 22.79 32.50 -31.91
CA GLU G 56 24.12 32.80 -31.49
C GLU G 56 24.24 32.72 -29.96
N HIS G 57 25.25 32.03 -29.47
CA HIS G 57 25.47 31.95 -28.02
C HIS G 57 26.92 32.19 -27.67
N GLN G 58 27.14 32.93 -26.60
CA GLN G 58 28.47 32.97 -26.03
C GLN G 58 28.56 31.88 -24.95
N TYR G 59 29.73 31.28 -24.86
CA TYR G 59 30.00 30.25 -23.88
C TYR G 59 31.47 30.27 -23.49
N LYS G 60 31.77 29.64 -22.36
CA LYS G 60 33.14 29.46 -21.92
C LYS G 60 33.17 28.26 -20.98
N PHE G 61 34.38 27.71 -20.84
CA PHE G 61 34.66 26.55 -19.99
C PHE G 61 35.22 26.96 -18.65
N PHE G 62 34.93 26.17 -17.65
CA PHE G 62 35.56 26.34 -16.36
C PHE G 62 36.23 25.02 -16.09
N VAL G 63 37.56 25.04 -16.12
CA VAL G 63 38.33 23.85 -16.06
C VAL G 63 39.28 23.96 -14.88
N ASP G 64 39.14 23.06 -13.90
CA ASP G 64 40.09 23.00 -12.77
C ASP G 64 40.31 24.37 -12.16
N GLY G 65 39.22 25.04 -11.84
CA GLY G 65 39.24 26.32 -11.18
C GLY G 65 39.46 27.55 -12.04
N GLN G 66 39.50 27.42 -13.36
CA GLN G 66 39.85 28.55 -14.23
C GLN G 66 38.85 28.67 -15.38
N TRP G 67 38.46 29.88 -15.70
CA TRP G 67 37.70 30.12 -16.94
C TRP G 67 38.65 30.09 -18.12
N VAL G 68 38.34 29.23 -19.09
CA VAL G 68 39.15 29.08 -20.30
C VAL G 68 38.27 28.97 -21.53
N HIS G 69 38.69 29.59 -22.63
CA HIS G 69 38.02 29.35 -23.91
C HIS G 69 38.61 28.19 -24.66
N ASP G 70 37.82 27.63 -25.56
CA ASP G 70 38.30 26.64 -26.54
C ASP G 70 39.07 27.32 -27.71
N PRO G 71 40.39 27.08 -27.80
CA PRO G 71 41.21 27.76 -28.83
C PRO G 71 40.83 27.39 -30.28
N SER G 72 40.12 26.27 -30.46
CA SER G 72 39.75 25.77 -31.79
C SER G 72 38.47 26.39 -32.31
N GLU G 73 37.78 27.17 -31.50
CA GLU G 73 36.53 27.76 -31.92
C GLU G 73 36.61 29.30 -31.86
N PRO G 74 35.69 29.99 -32.53
CA PRO G 74 35.74 31.44 -32.54
C PRO G 74 35.55 32.07 -31.17
N VAL G 75 36.12 33.25 -31.03
CA VAL G 75 35.99 34.04 -29.83
C VAL G 75 35.47 35.47 -30.09
N VAL G 76 34.93 36.05 -29.04
CA VAL G 76 34.36 37.40 -29.04
C VAL G 76 34.65 38.00 -27.66
N THR G 77 34.67 39.32 -27.53
CA THR G 77 34.70 39.94 -26.22
C THR G 77 33.27 40.19 -25.77
N SER G 78 32.96 39.77 -24.55
CA SER G 78 31.66 40.00 -23.96
C SER G 78 31.48 41.45 -23.50
N GLN G 79 30.26 41.76 -23.09
CA GLN G 79 29.95 43.07 -22.55
C GLN G 79 30.73 43.31 -21.25
N LEU G 80 31.14 42.24 -20.59
CA LEU G 80 31.96 42.34 -19.42
C LEU G 80 33.41 42.74 -19.74
N GLY G 81 33.81 42.60 -21.00
CA GLY G 81 35.21 42.76 -21.38
C GLY G 81 35.99 41.47 -21.37
N THR G 82 35.33 40.32 -21.18
CA THR G 82 36.02 39.04 -21.10
C THR G 82 35.91 38.28 -22.40
N ILE G 83 36.76 37.26 -22.56
CA ILE G 83 36.81 36.50 -23.82
C ILE G 83 35.89 35.29 -23.67
N ASN G 84 34.92 35.14 -24.58
CA ASN G 84 34.07 33.96 -24.63
C ASN G 84 34.20 33.35 -25.99
N ASN G 85 33.91 32.05 -26.09
CA ASN G 85 33.70 31.44 -27.40
C ASN G 85 32.36 31.85 -27.94
N LEU G 86 32.20 31.68 -29.26
CA LEU G 86 30.98 31.97 -29.97
C LEU G 86 30.55 30.73 -30.77
N ILE G 87 29.28 30.37 -30.64
CA ILE G 87 28.70 29.32 -31.47
C ILE G 87 27.44 29.85 -32.17
N HIS G 88 27.23 29.38 -33.39
CA HIS G 88 26.01 29.70 -34.14
C HIS G 88 25.24 28.39 -34.35
N VAL G 89 24.01 28.34 -33.84
CA VAL G 89 23.22 27.12 -33.88
C VAL G 89 22.19 27.26 -35.01
N LYS G 90 22.29 26.34 -35.98
CA LYS G 90 21.32 26.25 -37.07
C LYS G 90 19.98 25.79 -36.51
N PRO H 6 -17.39 -4.58 48.55
CA PRO H 6 -16.83 -3.57 47.62
C PRO H 6 -15.33 -3.38 47.71
N ASN H 7 -14.73 -3.02 46.57
CA ASN H 7 -13.37 -2.53 46.50
C ASN H 7 -13.29 -1.30 47.45
N SER H 8 -12.54 -1.42 48.55
CA SER H 8 -12.34 -0.28 49.46
C SER H 8 -11.42 0.73 48.79
N GLN H 9 -11.63 2.02 49.05
CA GLN H 9 -10.85 3.06 48.37
C GLN H 9 -9.93 3.85 49.31
N ALA H 10 -8.82 4.30 48.78
CA ALA H 10 -7.92 5.20 49.53
C ALA H 10 -8.64 6.39 50.18
N ARG H 11 -8.21 6.76 51.40
CA ARG H 11 -8.84 7.83 52.17
C ARG H 11 -8.09 9.15 52.11
N PRO H 12 -8.72 10.19 51.57
CA PRO H 12 -8.10 11.52 51.61
C PRO H 12 -7.68 11.81 53.03
N THR H 13 -6.41 12.13 53.22
CA THR H 13 -5.81 12.31 54.52
C THR H 13 -5.03 13.60 54.57
N VAL H 14 -5.27 14.42 55.58
CA VAL H 14 -4.59 15.71 55.65
C VAL H 14 -3.18 15.58 56.23
N ILE H 15 -2.19 16.04 55.49
CA ILE H 15 -0.81 16.03 55.96
C ILE H 15 -0.43 17.47 56.20
N ARG H 16 0.07 17.78 57.37
CA ARG H 16 0.29 19.14 57.83
C ARG H 16 1.72 19.25 58.32
N TRP H 17 2.45 20.24 57.80
CA TRP H 17 3.82 20.51 58.22
C TRP H 17 3.89 21.88 58.83
N SER H 18 4.35 21.92 60.09
CA SER H 18 4.21 23.08 60.97
C SER H 18 5.54 23.68 61.39
N GLU H 19 6.65 23.08 60.94
CA GLU H 19 7.97 23.48 61.39
C GLU H 19 8.57 24.64 60.57
N GLY H 20 7.93 25.06 59.50
CA GLY H 20 8.48 26.13 58.67
C GLY H 20 9.41 25.60 57.61
N GLY H 21 9.90 26.52 56.79
CA GLY H 21 10.76 26.24 55.66
C GLY H 21 10.18 26.96 54.46
N LYS H 22 10.79 26.76 53.30
CA LYS H 22 10.38 27.45 52.06
C LYS H 22 9.79 26.46 51.08
N GLU H 23 10.54 25.40 50.79
CA GLU H 23 10.17 24.44 49.77
C GLU H 23 10.01 23.09 50.50
N VAL H 24 8.78 22.57 50.52
CA VAL H 24 8.37 21.42 51.34
C VAL H 24 7.68 20.36 50.49
N PHE H 25 8.13 19.13 50.64
CA PHE H 25 7.64 17.97 49.89
C PHE H 25 7.45 16.79 50.82
N ILE H 26 6.69 15.80 50.36
CA ILE H 26 6.51 14.57 51.14
C ILE H 26 6.68 13.38 50.21
N SER H 27 7.26 12.31 50.74
CA SER H 27 7.30 11.04 50.05
C SER H 27 7.08 9.93 51.05
N GLY H 28 6.84 8.72 50.58
CA GLY H 28 6.59 7.62 51.53
C GLY H 28 6.29 6.28 50.90
N SER H 29 5.99 5.31 51.76
CA SER H 29 5.70 3.97 51.32
C SER H 29 4.38 3.97 50.56
N PHE H 30 3.49 4.91 50.88
CA PHE H 30 2.18 4.97 50.20
C PHE H 30 2.30 5.06 48.66
N ASN H 31 3.37 5.69 48.17
CA ASN H 31 3.64 5.76 46.73
C ASN H 31 4.94 5.07 46.34
N ASN H 32 5.31 4.05 47.10
CA ASN H 32 6.58 3.33 46.84
C ASN H 32 7.80 4.28 46.76
N TRP H 33 7.69 5.40 47.48
CA TRP H 33 8.73 6.43 47.48
C TRP H 33 9.10 6.88 46.06
N SER H 34 8.12 6.87 45.18
CA SER H 34 8.43 7.00 43.76
C SER H 34 8.60 8.44 43.36
N THR H 35 8.08 9.35 44.17
CA THR H 35 8.24 10.78 43.90
C THR H 35 8.12 11.63 45.17
N LYS H 36 8.57 12.89 45.06
CA LYS H 36 8.37 13.89 46.12
C LYS H 36 7.19 14.78 45.73
N ILE H 37 6.13 14.72 46.55
CA ILE H 37 4.91 15.52 46.35
C ILE H 37 5.05 16.89 47.02
N PRO H 38 4.90 18.00 46.27
CA PRO H 38 4.93 19.34 46.85
C PRO H 38 3.79 19.56 47.82
N LEU H 39 4.06 20.24 48.93
CA LEU H 39 3.01 20.75 49.81
C LEU H 39 2.74 22.24 49.54
N ILE H 40 1.53 22.65 49.91
CA ILE H 40 0.95 23.97 49.62
C ILE H 40 0.98 24.82 50.87
N LYS H 41 1.41 26.07 50.76
CA LYS H 41 1.53 26.97 51.92
C LYS H 41 0.18 27.53 52.31
N SER H 42 -0.08 27.56 53.62
CA SER H 42 -1.33 28.09 54.18
C SER H 42 -1.01 28.74 55.52
N HIS H 43 -1.10 30.07 55.60
CA HIS H 43 -0.60 30.80 56.80
C HIS H 43 0.79 30.25 57.21
N ASN H 44 0.94 29.69 58.41
CA ASN H 44 2.24 29.16 58.82
C ASN H 44 2.43 27.67 58.58
N ASP H 45 1.48 27.05 57.88
CA ASP H 45 1.60 25.64 57.61
C ASP H 45 1.88 25.38 56.13
N PHE H 46 2.35 24.16 55.88
CA PHE H 46 2.34 23.55 54.56
C PHE H 46 1.43 22.32 54.62
N VAL H 47 0.60 22.17 53.60
CA VAL H 47 -0.48 21.17 53.62
C VAL H 47 -0.40 20.35 52.35
N ALA H 48 -0.66 19.06 52.48
CA ALA H 48 -1.11 18.26 51.34
C ALA H 48 -2.26 17.34 51.78
N ILE H 49 -3.04 16.92 50.81
CA ILE H 49 -4.04 15.90 51.03
C ILE H 49 -3.69 14.72 50.17
N LEU H 50 -3.36 13.61 50.80
CA LEU H 50 -2.97 12.42 50.12
C LEU H 50 -4.09 11.38 50.27
N ASP H 51 -4.31 10.61 49.22
CA ASP H 51 -5.26 9.53 49.27
C ASP H 51 -4.49 8.26 49.70
N LEU H 52 -4.72 7.83 50.93
CA LEU H 52 -3.98 6.73 51.51
C LEU H 52 -4.84 5.51 51.74
N PRO H 53 -4.40 4.33 51.27
CA PRO H 53 -5.13 3.10 51.65
C PRO H 53 -5.16 2.87 53.17
N GLU H 54 -6.14 2.10 53.64
CA GLU H 54 -6.20 1.68 55.06
C GLU H 54 -4.90 1.01 55.43
N GLY H 55 -4.40 1.26 56.63
CA GLY H 55 -3.21 0.56 57.12
C GLY H 55 -2.06 1.50 57.51
N GLU H 56 -0.86 0.93 57.68
CA GLU H 56 0.34 1.68 58.10
C GLU H 56 1.06 2.20 56.88
N HIS H 57 1.54 3.43 56.97
CA HIS H 57 2.42 3.98 55.96
C HIS H 57 3.59 4.68 56.61
N GLN H 58 4.74 4.60 55.97
CA GLN H 58 5.85 5.45 56.41
C GLN H 58 5.96 6.65 55.48
N TYR H 59 6.39 7.78 56.01
CA TYR H 59 6.59 8.95 55.20
C TYR H 59 7.64 9.81 55.81
N LYS H 60 8.14 10.74 55.00
CA LYS H 60 9.09 11.72 55.47
C LYS H 60 8.99 12.95 54.62
N PHE H 61 9.42 14.07 55.18
CA PHE H 61 9.38 15.32 54.48
C PHE H 61 10.73 15.65 53.85
N PHE H 62 10.68 16.36 52.73
CA PHE H 62 11.87 16.94 52.12
C PHE H 62 11.67 18.44 52.13
N VAL H 63 12.50 19.10 52.95
CA VAL H 63 12.34 20.50 53.24
C VAL H 63 13.65 21.22 52.98
N ASP H 64 13.63 22.16 52.04
CA ASP H 64 14.76 23.04 51.75
C ASP H 64 16.07 22.25 51.67
N GLY H 65 16.01 21.16 50.91
CA GLY H 65 17.19 20.37 50.58
C GLY H 65 17.52 19.23 51.51
N GLN H 66 16.70 18.98 52.53
CA GLN H 66 17.03 17.99 53.55
C GLN H 66 15.84 17.12 53.93
N TRP H 67 16.08 15.84 54.14
CA TRP H 67 15.05 14.95 54.66
C TRP H 67 14.80 15.19 56.13
N VAL H 68 13.53 15.28 56.51
CA VAL H 68 13.19 15.61 57.87
C VAL H 68 11.85 15.00 58.30
N HIS H 69 11.75 14.67 59.58
CA HIS H 69 10.56 14.12 60.17
C HIS H 69 9.72 15.17 60.88
N ASP H 70 8.45 14.89 60.99
CA ASP H 70 7.58 15.71 61.79
C ASP H 70 7.76 15.23 63.24
N PRO H 71 8.22 16.12 64.12
CA PRO H 71 8.47 15.77 65.53
C PRO H 71 7.20 15.53 66.36
N SER H 72 6.04 15.95 65.84
CA SER H 72 4.81 15.79 66.57
C SER H 72 4.11 14.49 66.21
N GLU H 73 4.70 13.68 65.33
CA GLU H 73 4.07 12.41 64.93
C GLU H 73 4.98 11.21 65.21
N PRO H 74 4.38 10.02 65.38
CA PRO H 74 5.22 8.87 65.71
C PRO H 74 6.34 8.63 64.67
N VAL H 75 7.41 7.98 65.12
CA VAL H 75 8.55 7.69 64.26
C VAL H 75 8.91 6.20 64.27
N VAL H 76 9.65 5.76 63.25
CA VAL H 76 10.06 4.34 63.13
C VAL H 76 11.29 4.31 62.24
N THR H 77 12.10 3.27 62.37
CA THR H 77 13.29 3.11 61.58
C THR H 77 12.93 2.34 60.31
N SER H 78 13.24 2.89 59.13
CA SER H 78 13.03 2.17 57.86
C SER H 78 14.00 1.01 57.74
N GLN H 79 13.81 0.19 56.70
CA GLN H 79 14.70 -0.94 56.44
C GLN H 79 16.04 -0.48 55.90
N LEU H 80 16.08 0.76 55.42
CA LEU H 80 17.29 1.43 55.00
C LEU H 80 18.02 2.02 56.23
N GLY H 81 17.44 1.91 57.43
CA GLY H 81 18.09 2.39 58.66
C GLY H 81 17.75 3.83 59.04
N THR H 82 17.01 4.54 58.18
CA THR H 82 16.67 5.94 58.44
C THR H 82 15.38 6.05 59.19
N ILE H 83 15.13 7.25 59.72
CA ILE H 83 13.97 7.49 60.51
C ILE H 83 12.87 8.05 59.60
N ASN H 84 11.69 7.43 59.64
CA ASN H 84 10.50 7.94 58.98
C ASN H 84 9.45 8.20 59.99
N ASN H 85 8.48 9.04 59.63
CA ASN H 85 7.22 9.10 60.36
C ASN H 85 6.36 7.91 59.99
N LEU H 86 5.39 7.62 60.83
CA LEU H 86 4.51 6.50 60.66
C LEU H 86 3.11 7.01 60.94
N ILE H 87 2.19 6.73 60.03
CA ILE H 87 0.77 7.06 60.19
C ILE H 87 -0.06 5.80 60.01
N HIS H 88 -1.15 5.71 60.76
CA HIS H 88 -2.11 4.63 60.62
C HIS H 88 -3.40 5.24 60.07
N VAL H 89 -3.87 4.72 58.95
CA VAL H 89 -5.08 5.23 58.30
C VAL H 89 -6.18 4.21 58.58
N LYS H 90 -7.26 4.64 59.25
CA LYS H 90 -8.48 3.80 59.41
C LYS H 90 -9.18 3.64 58.09
N PRO I 6 10.84 15.37 -14.76
CA PRO I 6 10.43 16.22 -15.89
C PRO I 6 10.56 17.71 -15.52
N ASN I 7 10.78 18.57 -16.51
CA ASN I 7 10.86 19.99 -16.22
C ASN I 7 9.57 20.48 -15.55
N SER I 8 9.71 21.31 -14.54
CA SER I 8 8.57 21.87 -13.79
C SER I 8 7.54 22.59 -14.67
N GLN I 9 7.99 23.25 -15.74
CA GLN I 9 7.08 24.00 -16.61
C GLN I 9 6.32 23.15 -17.61
N ALA I 10 6.71 21.89 -17.74
CA ALA I 10 6.14 21.03 -18.73
C ALA I 10 4.66 20.74 -18.41
N ARG I 11 3.83 20.67 -19.44
CA ARG I 11 2.47 20.20 -19.32
C ARG I 11 2.41 18.77 -19.86
N PRO I 12 2.27 17.79 -18.97
CA PRO I 12 2.12 16.41 -19.40
C PRO I 12 0.85 16.28 -20.20
N THR I 13 0.96 15.84 -21.44
CA THR I 13 -0.15 15.85 -22.32
C THR I 13 -0.40 14.44 -22.85
N VAL I 14 -1.61 13.93 -22.61
CA VAL I 14 -1.95 12.59 -23.07
C VAL I 14 -2.21 12.68 -24.57
N ILE I 15 -1.49 11.85 -25.34
CA ILE I 15 -1.73 11.74 -26.77
C ILE I 15 -2.28 10.34 -27.00
N ARG I 16 -3.45 10.24 -27.66
CA ARG I 16 -4.15 8.97 -27.79
C ARG I 16 -4.43 8.73 -29.28
N TRP I 17 -4.06 7.54 -29.74
CA TRP I 17 -4.37 7.09 -31.08
C TRP I 17 -5.35 5.92 -30.93
N SER I 18 -6.56 6.11 -31.44
CA SER I 18 -7.62 5.13 -31.24
C SER I 18 -8.01 4.36 -32.52
N GLU I 19 -7.42 4.73 -33.66
CA GLU I 19 -7.81 4.13 -34.96
C GLU I 19 -7.39 2.70 -35.11
N GLY I 20 -6.54 2.21 -34.23
CA GLY I 20 -5.99 0.87 -34.36
C GLY I 20 -4.68 0.90 -35.09
N GLY I 21 -4.05 -0.29 -35.13
CA GLY I 21 -2.70 -0.46 -35.65
C GLY I 21 -1.94 -1.45 -34.79
N LYS I 22 -0.77 -1.85 -35.27
CA LYS I 22 0.14 -2.71 -34.51
C LYS I 22 1.29 -1.92 -33.90
N GLU I 23 1.80 -0.94 -34.63
CA GLU I 23 2.94 -0.14 -34.17
C GLU I 23 2.65 1.33 -34.45
N VAL I 24 2.66 2.14 -33.39
CA VAL I 24 2.30 3.55 -33.46
C VAL I 24 3.37 4.37 -32.75
N PHE I 25 3.85 5.41 -33.44
CA PHE I 25 4.83 6.35 -32.93
C PHE I 25 4.29 7.75 -33.21
N ILE I 26 4.87 8.73 -32.57
CA ILE I 26 4.56 10.12 -32.84
C ILE I 26 5.85 10.90 -32.99
N SER I 27 5.82 11.88 -33.88
CA SER I 27 6.90 12.83 -33.99
C SER I 27 6.29 14.21 -34.22
N GLY I 28 7.10 15.26 -34.09
CA GLY I 28 6.57 16.62 -34.23
C GLY I 28 7.55 17.75 -34.02
N SER I 29 7.04 18.98 -34.10
CA SER I 29 7.91 20.17 -33.93
C SER I 29 8.49 20.19 -32.53
N PHE I 30 7.80 19.56 -31.59
CA PHE I 30 8.23 19.52 -30.19
C PHE I 30 9.60 18.82 -29.98
N ASN I 31 10.01 17.92 -30.86
CA ASN I 31 11.35 17.33 -30.82
C ASN I 31 12.11 17.57 -32.13
N ASN I 32 11.71 18.59 -32.88
CA ASN I 32 12.30 18.89 -34.20
C ASN I 32 12.26 17.71 -35.17
N TRP I 33 11.23 16.87 -35.02
CA TRP I 33 11.09 15.66 -35.82
C TRP I 33 12.32 14.79 -35.82
N SER I 34 13.06 14.78 -34.72
CA SER I 34 14.33 14.11 -34.69
C SER I 34 14.15 12.60 -34.50
N THR I 35 13.06 12.24 -33.82
CA THR I 35 12.84 10.89 -33.28
C THR I 35 11.35 10.49 -33.43
N LYS I 36 11.10 9.22 -33.71
CA LYS I 36 9.77 8.65 -33.59
C LYS I 36 9.57 8.07 -32.18
N ILE I 37 8.67 8.67 -31.42
CA ILE I 37 8.41 8.35 -30.03
C ILE I 37 7.29 7.31 -30.01
N PRO I 38 7.55 6.17 -29.36
CA PRO I 38 6.56 5.13 -29.35
C PRO I 38 5.35 5.50 -28.50
N LEU I 39 4.19 5.13 -29.00
CA LEU I 39 2.99 5.15 -28.19
C LEU I 39 2.82 3.70 -27.65
N ILE I 40 2.25 3.55 -26.46
CA ILE I 40 2.17 2.27 -25.77
C ILE I 40 0.76 1.73 -25.92
N LYS I 41 0.62 0.41 -26.13
CA LYS I 41 -0.71 -0.21 -26.33
C LYS I 41 -1.53 -0.18 -25.06
N SER I 42 -2.81 0.21 -25.16
CA SER I 42 -3.72 0.25 -24.02
C SER I 42 -5.06 -0.20 -24.55
N HIS I 43 -5.25 -1.52 -24.49
CA HIS I 43 -6.47 -2.14 -24.97
C HIS I 43 -6.57 -1.82 -26.45
N ASN I 44 -7.59 -1.05 -26.85
CA ASN I 44 -7.77 -0.72 -28.24
C ASN I 44 -6.94 0.50 -28.70
N ASP I 45 -6.34 1.21 -27.77
CA ASP I 45 -5.66 2.44 -28.12
C ASP I 45 -4.18 2.31 -27.99
N PHE I 46 -3.51 3.39 -28.35
CA PHE I 46 -2.11 3.57 -28.12
C PHE I 46 -2.04 4.93 -27.48
N VAL I 47 -1.17 5.06 -26.47
CA VAL I 47 -1.12 6.25 -25.65
C VAL I 47 0.32 6.65 -25.40
N ALA I 48 0.59 7.94 -25.44
CA ALA I 48 1.81 8.51 -24.86
C ALA I 48 1.43 9.68 -23.98
N ILE I 49 2.33 10.00 -23.08
CA ILE I 49 2.25 11.23 -22.34
C ILE I 49 3.49 12.02 -22.72
N LEU I 50 3.28 13.17 -23.36
CA LEU I 50 4.37 14.04 -23.75
C LEU I 50 4.41 15.21 -22.77
N ASP I 51 5.61 15.52 -22.29
CA ASP I 51 5.79 16.67 -21.44
C ASP I 51 6.03 17.89 -22.33
N LEU I 52 4.96 18.61 -22.66
CA LEU I 52 5.01 19.63 -23.67
C LEU I 52 5.18 21.03 -23.06
N PRO I 53 6.03 21.85 -23.67
CA PRO I 53 6.08 23.22 -23.21
C PRO I 53 4.85 24.00 -23.69
N GLU I 54 4.62 25.15 -23.07
CA GLU I 54 3.59 26.08 -23.45
C GLU I 54 3.79 26.43 -24.89
N GLY I 55 2.72 26.45 -25.68
CA GLY I 55 2.82 26.87 -27.09
C GLY I 55 2.03 26.01 -28.07
N GLU I 56 2.32 26.23 -29.34
CA GLU I 56 1.71 25.51 -30.46
C GLU I 56 2.68 24.48 -30.98
N HIS I 57 2.22 23.24 -31.14
CA HIS I 57 3.09 22.16 -31.63
C HIS I 57 2.39 21.45 -32.75
N GLN I 58 3.10 21.19 -33.84
CA GLN I 58 2.61 20.29 -34.84
C GLN I 58 3.09 18.89 -34.56
N TYR I 59 2.31 17.90 -34.95
CA TYR I 59 2.69 16.49 -34.78
C TYR I 59 2.01 15.59 -35.79
N LYS I 60 2.51 14.36 -35.91
CA LYS I 60 1.91 13.38 -36.81
C LYS I 60 2.25 12.00 -36.32
N PHE I 61 1.38 11.03 -36.63
CA PHE I 61 1.61 9.65 -36.24
C PHE I 61 2.25 8.82 -37.31
N PHE I 62 3.02 7.83 -36.90
CA PHE I 62 3.62 6.88 -37.83
C PHE I 62 3.00 5.59 -37.39
N VAL I 63 2.00 5.13 -38.16
CA VAL I 63 1.22 3.95 -37.83
C VAL I 63 1.49 2.83 -38.82
N ASP I 64 2.05 1.73 -38.33
CA ASP I 64 2.44 0.60 -39.17
C ASP I 64 3.12 1.07 -40.43
N GLY I 65 4.19 1.82 -40.28
CA GLY I 65 5.00 2.23 -41.41
C GLY I 65 4.46 3.35 -42.25
N GLN I 66 3.34 3.98 -41.87
CA GLN I 66 2.78 5.08 -42.66
C GLN I 66 2.53 6.34 -41.81
N TRP I 67 2.88 7.51 -42.34
CA TRP I 67 2.51 8.77 -41.73
C TRP I 67 1.03 9.08 -41.87
N VAL I 68 0.35 9.25 -40.73
CA VAL I 68 -1.05 9.59 -40.68
C VAL I 68 -1.37 10.60 -39.56
N HIS I 69 -2.44 11.37 -39.80
CA HIS I 69 -2.92 12.33 -38.86
C HIS I 69 -4.15 11.77 -38.20
N ASP I 70 -4.52 12.38 -37.09
CA ASP I 70 -5.67 12.00 -36.32
C ASP I 70 -6.81 12.88 -36.81
N PRO I 71 -7.81 12.29 -37.50
CA PRO I 71 -8.93 13.10 -38.01
C PRO I 71 -9.76 13.87 -36.99
N SER I 72 -9.65 13.54 -35.71
CA SER I 72 -10.49 14.17 -34.68
C SER I 72 -9.83 15.38 -34.01
N GLU I 73 -8.58 15.71 -34.39
CA GLU I 73 -7.92 16.87 -33.85
C GLU I 73 -7.65 17.85 -34.96
N PRO I 74 -7.43 19.13 -34.60
CA PRO I 74 -7.14 20.11 -35.63
C PRO I 74 -5.90 19.74 -36.44
N VAL I 75 -5.85 20.26 -37.65
CA VAL I 75 -4.75 19.97 -38.56
C VAL I 75 -4.24 21.29 -39.10
N VAL I 76 -3.08 21.24 -39.70
CA VAL I 76 -2.47 22.42 -40.29
C VAL I 76 -1.60 21.86 -41.39
N THR I 77 -1.14 22.73 -42.29
CA THR I 77 -0.25 22.33 -43.35
C THR I 77 1.16 22.76 -43.04
N SER I 78 2.09 21.81 -43.18
CA SER I 78 3.52 22.05 -42.97
C SER I 78 4.17 22.82 -44.13
N GLN I 79 5.35 23.38 -43.89
CA GLN I 79 6.12 24.00 -44.96
C GLN I 79 6.48 22.98 -46.01
N LEU I 80 6.53 21.69 -45.65
CA LEU I 80 6.70 20.61 -46.65
C LEU I 80 5.43 20.42 -47.52
N GLY I 81 4.32 21.03 -47.10
CA GLY I 81 3.03 20.90 -47.76
C GLY I 81 2.29 19.68 -47.25
N THR I 82 2.66 19.18 -46.08
CA THR I 82 2.08 17.96 -45.55
C THR I 82 1.15 18.31 -44.40
N ILE I 83 0.23 17.38 -44.13
CA ILE I 83 -0.83 17.60 -43.15
C ILE I 83 -0.39 17.09 -41.79
N ASN I 84 -0.29 17.98 -40.81
CA ASN I 84 -0.03 17.56 -39.43
C ASN I 84 -1.18 17.93 -38.52
N ASN I 85 -1.24 17.28 -37.36
CA ASN I 85 -2.08 17.79 -36.32
C ASN I 85 -1.41 19.00 -35.66
N LEU I 86 -2.25 19.87 -35.11
CA LEU I 86 -1.80 20.98 -34.28
C LEU I 86 -2.39 20.80 -32.88
N ILE I 87 -1.59 21.03 -31.85
CA ILE I 87 -2.13 21.14 -30.47
C ILE I 87 -1.67 22.45 -29.84
N HIS I 88 -2.59 23.16 -29.17
CA HIS I 88 -2.26 24.36 -28.39
C HIS I 88 -2.15 23.98 -26.96
N VAL I 89 -0.97 24.17 -26.38
CA VAL I 89 -0.74 23.90 -24.95
C VAL I 89 -0.70 25.23 -24.18
N LYS I 90 -1.70 25.42 -23.35
CA LYS I 90 -1.81 26.61 -22.52
C LYS I 90 -0.83 26.46 -21.37
N PRO J 6 -36.14 -26.41 10.52
CA PRO J 6 -34.74 -26.14 10.22
C PRO J 6 -33.84 -27.11 10.96
N ASN J 7 -32.68 -27.44 10.39
CA ASN J 7 -31.74 -28.32 11.07
C ASN J 7 -31.35 -27.67 12.40
N SER J 8 -31.30 -28.47 13.45
CA SER J 8 -30.97 -27.99 14.79
C SER J 8 -29.63 -27.26 14.85
N GLN J 9 -28.67 -27.62 13.98
CA GLN J 9 -27.34 -27.00 13.99
C GLN J 9 -27.26 -25.65 13.29
N ALA J 10 -28.36 -25.25 12.64
CA ALA J 10 -28.35 -24.02 11.87
C ALA J 10 -28.24 -22.80 12.77
N ARG J 11 -27.50 -21.81 12.32
CA ARG J 11 -27.47 -20.49 12.89
C ARG J 11 -28.30 -19.57 12.02
N PRO J 12 -29.55 -19.25 12.42
CA PRO J 12 -30.36 -18.30 11.64
C PRO J 12 -29.65 -16.99 11.65
N THR J 13 -29.39 -16.44 10.49
CA THR J 13 -28.55 -15.33 10.41
C THR J 13 -29.27 -14.34 9.57
N VAL J 14 -29.48 -13.15 10.12
CA VAL J 14 -30.23 -12.09 9.46
C VAL J 14 -29.26 -11.46 8.46
N ILE J 15 -29.69 -11.36 7.21
CA ILE J 15 -28.90 -10.68 6.19
C ILE J 15 -29.77 -9.50 5.73
N ARG J 16 -29.14 -8.33 5.63
CA ARG J 16 -29.85 -7.08 5.41
C ARG J 16 -29.25 -6.37 4.23
N TRP J 17 -30.07 -5.96 3.26
CA TRP J 17 -29.61 -5.16 2.15
C TRP J 17 -30.22 -3.77 2.29
N SER J 18 -29.36 -2.78 2.48
CA SER J 18 -29.77 -1.43 2.85
C SER J 18 -29.57 -0.41 1.72
N GLU J 19 -29.04 -0.85 0.58
CA GLU J 19 -28.72 0.10 -0.49
C GLU J 19 -29.90 0.40 -1.40
N GLY J 20 -31.02 -0.27 -1.20
CA GLY J 20 -32.17 -0.06 -2.08
C GLY J 20 -32.20 -0.95 -3.32
N GLY J 21 -33.32 -0.86 -4.04
CA GLY J 21 -33.63 -1.70 -5.21
C GLY J 21 -35.10 -2.09 -5.13
N LYS J 22 -35.60 -2.77 -6.16
CA LYS J 22 -36.97 -3.36 -6.17
C LYS J 22 -36.98 -4.88 -5.94
N GLU J 23 -35.97 -5.60 -6.45
CA GLU J 23 -35.90 -7.06 -6.40
C GLU J 23 -34.49 -7.45 -5.96
N VAL J 24 -34.34 -8.04 -4.77
CA VAL J 24 -33.01 -8.33 -4.19
C VAL J 24 -32.95 -9.83 -3.87
N PHE J 25 -31.88 -10.49 -4.28
CA PHE J 25 -31.68 -11.92 -3.99
C PHE J 25 -30.29 -12.07 -3.40
N ILE J 26 -30.08 -13.17 -2.70
CA ILE J 26 -28.72 -13.52 -2.25
C ILE J 26 -28.39 -14.93 -2.72
N SER J 27 -27.11 -15.15 -3.00
CA SER J 27 -26.58 -16.49 -3.20
C SER J 27 -25.19 -16.59 -2.60
N GLY J 28 -24.67 -17.81 -2.47
CA GLY J 28 -23.35 -17.99 -1.89
C GLY J 28 -22.83 -19.41 -1.82
N SER J 29 -21.66 -19.58 -1.18
CA SER J 29 -21.02 -20.89 -1.09
C SER J 29 -21.90 -21.79 -0.24
N PHE J 30 -22.67 -21.20 0.67
CA PHE J 30 -23.56 -21.93 1.57
C PHE J 30 -24.61 -22.77 0.85
N ASN J 31 -24.95 -22.46 -0.40
CA ASN J 31 -25.81 -23.35 -1.19
C ASN J 31 -25.16 -23.78 -2.49
N ASN J 32 -23.83 -23.76 -2.51
CA ASN J 32 -23.04 -23.98 -3.72
C ASN J 32 -23.52 -23.13 -4.88
N TRP J 33 -23.93 -21.91 -4.57
CA TRP J 33 -24.44 -20.99 -5.57
C TRP J 33 -25.56 -21.58 -6.44
N SER J 34 -26.31 -22.57 -5.93
CA SER J 34 -27.34 -23.23 -6.74
C SER J 34 -28.54 -22.31 -6.99
N THR J 35 -28.82 -21.42 -6.05
CA THR J 35 -30.10 -20.71 -5.99
C THR J 35 -29.95 -19.24 -5.61
N LYS J 36 -30.70 -18.37 -6.29
CA LYS J 36 -30.89 -17.01 -5.81
C LYS J 36 -32.02 -16.99 -4.80
N ILE J 37 -31.70 -16.73 -3.56
CA ILE J 37 -32.67 -16.65 -2.49
C ILE J 37 -33.23 -15.23 -2.33
N PRO J 38 -34.57 -15.08 -2.39
CA PRO J 38 -35.16 -13.77 -2.28
C PRO J 38 -35.02 -13.13 -0.89
N LEU J 39 -34.67 -11.83 -0.86
CA LEU J 39 -34.82 -11.03 0.35
C LEU J 39 -36.21 -10.34 0.32
N ILE J 40 -36.79 -10.16 1.49
CA ILE J 40 -38.16 -9.66 1.65
C ILE J 40 -38.05 -8.17 1.97
N LYS J 41 -38.86 -7.33 1.32
CA LYS J 41 -38.80 -5.90 1.60
C LYS J 41 -39.29 -5.60 3.03
N SER J 42 -38.51 -4.78 3.73
CA SER J 42 -38.83 -4.37 5.11
C SER J 42 -38.52 -2.89 5.20
N HIS J 43 -39.56 -2.07 5.03
CA HIS J 43 -39.38 -0.61 4.94
C HIS J 43 -38.39 -0.20 3.84
N ASN J 44 -37.24 0.38 4.19
CA ASN J 44 -36.20 0.72 3.19
C ASN J 44 -35.17 -0.39 2.93
N ASP J 45 -35.28 -1.47 3.69
CA ASP J 45 -34.35 -2.57 3.63
C ASP J 45 -34.98 -3.75 2.91
N PHE J 46 -34.13 -4.70 2.55
CA PHE J 46 -34.54 -6.05 2.24
C PHE J 46 -33.82 -6.97 3.22
N VAL J 47 -34.51 -8.03 3.59
CA VAL J 47 -34.08 -8.87 4.68
C VAL J 47 -34.34 -10.34 4.34
N ALA J 48 -33.37 -11.19 4.69
CA ALA J 48 -33.58 -12.62 4.74
C ALA J 48 -33.01 -13.17 6.05
N ILE J 49 -33.53 -14.31 6.45
CA ILE J 49 -32.90 -15.09 7.48
C ILE J 49 -32.44 -16.37 6.86
N LEU J 50 -31.13 -16.54 6.78
CA LEU J 50 -30.53 -17.77 6.25
C LEU J 50 -30.16 -18.71 7.38
N ASP J 51 -30.54 -19.98 7.27
CA ASP J 51 -30.13 -20.97 8.26
C ASP J 51 -28.77 -21.50 7.85
N LEU J 52 -27.72 -20.88 8.37
CA LEU J 52 -26.37 -21.16 7.92
C LEU J 52 -25.65 -22.11 8.84
N PRO J 53 -24.92 -23.03 8.24
CA PRO J 53 -24.04 -23.86 9.07
C PRO J 53 -22.86 -23.06 9.56
N GLU J 54 -22.22 -23.57 10.61
CA GLU J 54 -20.91 -23.10 11.08
C GLU J 54 -19.86 -23.07 9.96
N GLY J 55 -19.00 -22.05 9.94
CA GLY J 55 -17.91 -21.97 8.97
C GLY J 55 -17.83 -20.62 8.28
N GLU J 56 -17.00 -20.59 7.25
CA GLU J 56 -16.75 -19.41 6.48
C GLU J 56 -17.53 -19.53 5.18
N HIS J 57 -18.32 -18.50 4.84
CA HIS J 57 -19.16 -18.49 3.63
C HIS J 57 -18.94 -17.24 2.78
N GLN J 58 -18.90 -17.42 1.46
CA GLN J 58 -18.94 -16.31 0.52
C GLN J 58 -20.35 -16.16 0.04
N TYR J 59 -20.74 -14.91 -0.20
CA TYR J 59 -22.05 -14.57 -0.68
C TYR J 59 -22.03 -13.29 -1.52
N LYS J 60 -23.09 -13.09 -2.30
CA LYS J 60 -23.20 -11.85 -3.08
C LYS J 60 -24.65 -11.66 -3.39
N PHE J 61 -25.03 -10.42 -3.65
CA PHE J 61 -26.42 -10.09 -3.88
C PHE J 61 -26.69 -9.93 -5.36
N PHE J 62 -27.95 -10.14 -5.73
CA PHE J 62 -28.41 -9.92 -7.09
C PHE J 62 -29.56 -8.91 -7.00
N VAL J 63 -29.25 -7.67 -7.34
CA VAL J 63 -30.14 -6.51 -7.09
C VAL J 63 -30.59 -5.94 -8.43
N ASP J 64 -31.89 -6.04 -8.72
CA ASP J 64 -32.43 -5.66 -10.00
C ASP J 64 -31.55 -6.07 -11.18
N GLY J 65 -31.14 -7.34 -11.22
CA GLY J 65 -30.46 -7.91 -12.36
C GLY J 65 -28.95 -7.75 -12.39
N GLN J 66 -28.38 -7.15 -11.36
CA GLN J 66 -26.94 -6.96 -11.32
C GLN J 66 -26.36 -7.64 -10.07
N TRP J 67 -25.18 -8.27 -10.21
CA TRP J 67 -24.47 -8.78 -9.05
C TRP J 67 -23.71 -7.70 -8.29
N VAL J 68 -24.00 -7.58 -7.00
CA VAL J 68 -23.38 -6.56 -6.19
C VAL J 68 -23.06 -7.06 -4.80
N HIS J 69 -21.88 -6.68 -4.29
CA HIS J 69 -21.48 -6.93 -2.91
C HIS J 69 -21.92 -5.77 -2.02
N ASP J 70 -21.99 -6.03 -0.72
CA ASP J 70 -22.27 -5.01 0.28
C ASP J 70 -20.94 -4.37 0.76
N PRO J 71 -20.72 -3.08 0.42
CA PRO J 71 -19.43 -2.43 0.70
C PRO J 71 -19.08 -2.32 2.18
N SER J 72 -20.11 -2.37 3.05
CA SER J 72 -19.96 -2.24 4.50
C SER J 72 -19.54 -3.54 5.20
N GLU J 73 -19.51 -4.65 4.47
CA GLU J 73 -19.15 -5.95 5.03
C GLU J 73 -17.87 -6.46 4.40
N PRO J 74 -17.17 -7.34 5.12
CA PRO J 74 -15.94 -7.89 4.58
C PRO J 74 -16.12 -8.41 3.17
N VAL J 75 -15.06 -8.28 2.36
CA VAL J 75 -15.06 -8.75 0.97
C VAL J 75 -13.89 -9.65 0.66
N VAL J 76 -14.06 -10.46 -0.37
CA VAL J 76 -13.01 -11.34 -0.81
C VAL J 76 -13.22 -11.62 -2.30
N THR J 77 -12.18 -12.01 -2.98
CA THR J 77 -12.35 -12.45 -4.37
C THR J 77 -12.49 -13.98 -4.44
N SER J 78 -13.39 -14.42 -5.30
CA SER J 78 -13.59 -15.85 -5.57
C SER J 78 -12.48 -16.38 -6.50
N GLN J 79 -12.45 -17.70 -6.72
CA GLN J 79 -11.51 -18.31 -7.65
C GLN J 79 -11.91 -17.95 -9.09
N LEU J 80 -13.17 -17.60 -9.31
CA LEU J 80 -13.57 -16.92 -10.54
C LEU J 80 -12.98 -15.49 -10.69
N GLY J 81 -12.45 -14.91 -9.63
CA GLY J 81 -11.87 -13.57 -9.66
C GLY J 81 -12.95 -12.53 -9.55
N THR J 82 -14.08 -12.90 -8.91
CA THR J 82 -15.13 -11.94 -8.66
C THR J 82 -15.16 -11.58 -7.18
N ILE J 83 -15.69 -10.41 -6.88
CA ILE J 83 -15.76 -9.92 -5.51
C ILE J 83 -17.05 -10.40 -4.79
N ASN J 84 -16.86 -11.07 -3.66
CA ASN J 84 -17.96 -11.55 -2.85
C ASN J 84 -17.83 -10.93 -1.47
N ASN J 85 -18.94 -10.90 -0.72
CA ASN J 85 -18.84 -10.63 0.71
C ASN J 85 -18.43 -11.92 1.38
N LEU J 86 -17.93 -11.81 2.59
CA LEU J 86 -17.51 -12.97 3.37
C LEU J 86 -18.12 -12.89 4.78
N ILE J 87 -18.57 -14.02 5.32
CA ILE J 87 -19.07 -14.06 6.69
C ILE J 87 -18.50 -15.27 7.41
N HIS J 88 -18.16 -15.12 8.69
CA HIS J 88 -17.78 -16.25 9.53
C HIS J 88 -18.89 -16.53 10.50
N VAL J 89 -19.41 -17.75 10.45
CA VAL J 89 -20.49 -18.12 11.33
C VAL J 89 -19.87 -19.06 12.36
N LYS J 90 -19.80 -18.58 13.60
CA LYS J 90 -19.34 -19.41 14.70
C LYS J 90 -20.39 -20.46 15.03
N GLN K 9 22.50 -23.51 8.81
CA GLN K 9 23.57 -22.49 8.53
C GLN K 9 24.38 -22.83 7.27
N ALA K 10 24.71 -24.12 7.10
CA ALA K 10 25.40 -24.60 5.89
C ALA K 10 24.53 -24.44 4.63
N ARG K 11 25.16 -23.99 3.55
CA ARG K 11 24.47 -23.68 2.29
C ARG K 11 24.61 -24.90 1.36
N PRO K 12 23.49 -25.36 0.77
CA PRO K 12 23.60 -26.44 -0.18
C PRO K 12 24.12 -25.84 -1.46
N THR K 13 25.16 -26.46 -1.99
CA THR K 13 25.96 -25.87 -3.07
C THR K 13 26.13 -26.93 -4.13
N VAL K 14 25.72 -26.61 -5.35
CA VAL K 14 25.81 -27.59 -6.44
C VAL K 14 27.22 -27.56 -7.03
N ILE K 15 27.86 -28.72 -7.13
CA ILE K 15 29.19 -28.82 -7.74
C ILE K 15 29.03 -29.62 -9.00
N ARG K 16 29.49 -29.08 -10.14
CA ARG K 16 29.40 -29.77 -11.41
C ARG K 16 30.75 -29.96 -12.08
N TRP K 17 30.96 -31.15 -12.59
CA TRP K 17 32.15 -31.51 -13.33
C TRP K 17 31.75 -31.77 -14.78
N SER K 18 32.25 -30.94 -15.68
CA SER K 18 31.93 -31.02 -17.10
C SER K 18 33.03 -31.65 -17.96
N GLU K 19 34.16 -32.01 -17.36
CA GLU K 19 35.28 -32.47 -18.16
C GLU K 19 35.15 -33.95 -18.55
N GLY K 20 34.03 -34.58 -18.23
CA GLY K 20 33.82 -35.99 -18.56
C GLY K 20 34.60 -36.96 -17.70
N GLY K 21 34.39 -38.24 -17.95
CA GLY K 21 34.83 -39.30 -17.07
C GLY K 21 33.74 -40.34 -17.06
N LYS K 22 34.07 -41.51 -16.54
CA LYS K 22 33.04 -42.50 -16.28
C LYS K 22 32.59 -42.34 -14.84
N GLU K 23 33.56 -42.18 -13.92
CA GLU K 23 33.31 -42.05 -12.46
C GLU K 23 34.00 -40.82 -11.89
N VAL K 24 33.24 -39.98 -11.19
CA VAL K 24 33.74 -38.75 -10.56
C VAL K 24 33.35 -38.65 -9.09
N PHE K 25 34.36 -38.40 -8.24
CA PHE K 25 34.13 -38.16 -6.82
C PHE K 25 34.77 -36.80 -6.43
N ILE K 26 34.38 -36.31 -5.26
CA ILE K 26 34.95 -35.10 -4.75
C ILE K 26 35.32 -35.29 -3.32
N SER K 27 36.34 -34.55 -2.89
CA SER K 27 36.73 -34.42 -1.49
C SER K 27 37.34 -33.06 -1.25
N GLY K 28 37.56 -32.68 0.00
CA GLY K 28 38.23 -31.43 0.30
C GLY K 28 38.29 -31.06 1.77
N SER K 29 38.72 -29.85 2.04
CA SER K 29 38.81 -29.31 3.40
C SER K 29 37.47 -29.32 4.13
N PHE K 30 36.36 -29.18 3.40
CA PHE K 30 35.03 -29.09 4.01
C PHE K 30 34.69 -30.30 4.90
N ASN K 31 35.29 -31.46 4.59
CA ASN K 31 35.20 -32.65 5.45
C ASN K 31 36.56 -33.17 5.96
N ASN K 32 37.55 -32.28 6.02
CA ASN K 32 38.95 -32.60 6.27
C ASN K 32 39.46 -33.82 5.47
N TRP K 33 39.05 -33.88 4.19
CA TRP K 33 39.45 -34.97 3.30
C TRP K 33 39.20 -36.36 3.88
N SER K 34 38.16 -36.49 4.71
CA SER K 34 37.88 -37.72 5.41
C SER K 34 37.30 -38.80 4.50
N THR K 35 36.65 -38.40 3.44
CA THR K 35 36.14 -39.37 2.48
C THR K 35 35.88 -38.71 1.11
N LYS K 36 35.41 -39.53 0.17
CA LYS K 36 35.10 -39.08 -1.16
C LYS K 36 33.62 -39.14 -1.28
N ILE K 37 33.05 -38.14 -1.92
CA ILE K 37 31.59 -38.08 -2.15
C ILE K 37 31.36 -38.27 -3.64
N PRO K 38 30.48 -39.19 -4.01
CA PRO K 38 30.26 -39.40 -5.45
C PRO K 38 29.52 -38.26 -6.15
N LEU K 39 29.96 -37.91 -7.36
CA LEU K 39 29.17 -37.08 -8.26
C LEU K 39 28.34 -37.98 -9.12
N ILE K 40 27.15 -37.50 -9.49
CA ILE K 40 26.18 -38.25 -10.30
C ILE K 40 25.97 -37.67 -11.73
N LYS K 41 25.83 -38.52 -12.76
CA LYS K 41 25.79 -38.05 -14.18
C LYS K 41 24.42 -37.48 -14.59
N SER K 42 24.41 -36.29 -15.20
CA SER K 42 23.17 -35.62 -15.68
C SER K 42 23.31 -34.88 -17.02
N HIS K 43 22.66 -35.43 -18.07
CA HIS K 43 22.78 -34.90 -19.43
C HIS K 43 24.27 -34.77 -19.76
N ASN K 44 24.80 -33.53 -19.76
CA ASN K 44 26.18 -33.22 -20.15
C ASN K 44 27.19 -33.45 -19.01
N ASP K 45 26.77 -33.16 -17.78
CA ASP K 45 27.67 -32.98 -16.64
C ASP K 45 27.60 -34.10 -15.58
N PHE K 46 28.50 -34.06 -14.60
CA PHE K 46 28.36 -34.80 -13.31
C PHE K 46 28.08 -33.79 -12.21
N VAL K 47 27.11 -34.05 -11.32
CA VAL K 47 26.80 -33.13 -10.20
C VAL K 47 26.82 -33.75 -8.80
N ALA K 48 27.13 -32.92 -7.84
CA ALA K 48 26.92 -33.26 -6.46
C ALA K 48 26.36 -32.03 -5.77
N ILE K 49 25.66 -32.25 -4.68
CA ILE K 49 25.17 -31.16 -3.85
C ILE K 49 25.76 -31.33 -2.45
N LEU K 50 26.52 -30.33 -2.04
CA LEU K 50 27.26 -30.36 -0.78
C LEU K 50 26.70 -29.28 0.12
N ASP K 51 26.59 -29.59 1.41
CA ASP K 51 26.21 -28.59 2.40
C ASP K 51 27.47 -27.94 2.96
N LEU K 52 27.80 -26.78 2.42
CA LEU K 52 29.05 -26.10 2.76
C LEU K 52 28.79 -24.83 3.60
N PRO K 53 29.53 -24.68 4.73
CA PRO K 53 29.33 -23.46 5.54
C PRO K 53 29.90 -22.23 4.83
N GLU K 54 29.49 -21.03 5.25
CA GLU K 54 30.09 -19.81 4.72
C GLU K 54 31.61 -19.88 4.80
N GLY K 55 32.28 -19.26 3.84
CA GLY K 55 33.74 -19.20 3.81
C GLY K 55 34.42 -20.00 2.69
N GLU K 56 35.71 -20.16 2.81
CA GLU K 56 36.53 -20.74 1.76
C GLU K 56 36.71 -22.20 1.96
N HIS K 57 36.67 -22.97 0.88
CA HIS K 57 36.93 -24.40 0.95
C HIS K 57 37.79 -24.88 -0.19
N GLN K 58 38.77 -25.71 0.13
CA GLN K 58 39.58 -26.35 -0.88
C GLN K 58 38.92 -27.66 -1.27
N TYR K 59 38.98 -28.02 -2.55
CA TYR K 59 38.48 -29.30 -3.01
C TYR K 59 39.22 -29.82 -4.24
N LYS K 60 39.13 -31.13 -4.46
CA LYS K 60 39.65 -31.75 -5.67
C LYS K 60 38.82 -32.95 -6.08
N PHE K 61 38.90 -33.30 -7.37
CA PHE K 61 38.10 -34.39 -7.92
C PHE K 61 38.95 -35.61 -8.07
N PHE K 62 38.31 -36.76 -7.91
CA PHE K 62 38.94 -38.03 -8.12
C PHE K 62 38.17 -38.65 -9.26
N VAL K 63 38.78 -38.58 -10.44
CA VAL K 63 38.13 -38.90 -11.70
C VAL K 63 38.81 -40.11 -12.33
N ASP K 64 38.08 -41.21 -12.41
CA ASP K 64 38.59 -42.49 -12.87
C ASP K 64 39.95 -42.83 -12.28
N GLY K 65 40.09 -42.69 -10.98
CA GLY K 65 41.27 -43.17 -10.30
C GLY K 65 42.38 -42.14 -10.18
N GLN K 66 42.18 -40.93 -10.68
CA GLN K 66 43.18 -39.89 -10.60
C GLN K 66 42.65 -38.62 -9.95
N TRP K 67 43.47 -38.01 -9.10
CA TRP K 67 43.15 -36.69 -8.54
C TRP K 67 43.33 -35.57 -9.57
N VAL K 68 42.28 -34.80 -9.79
CA VAL K 68 42.28 -33.77 -10.85
C VAL K 68 41.48 -32.51 -10.45
N HIS K 69 41.95 -31.33 -10.82
CA HIS K 69 41.21 -30.08 -10.54
C HIS K 69 40.51 -29.55 -11.79
N ASP K 70 39.46 -28.76 -11.58
CA ASP K 70 38.79 -28.12 -12.72
C ASP K 70 39.65 -26.88 -13.10
N PRO K 71 40.21 -26.82 -14.33
CA PRO K 71 41.02 -25.64 -14.68
C PRO K 71 40.20 -24.36 -14.86
N SER K 72 38.88 -24.48 -14.97
CA SER K 72 38.01 -23.30 -15.07
C SER K 72 37.61 -22.67 -13.76
N GLU K 73 37.97 -23.29 -12.64
CA GLU K 73 37.61 -22.73 -11.35
C GLU K 73 38.87 -22.27 -10.61
N PRO K 74 38.73 -21.33 -9.68
CA PRO K 74 39.89 -20.86 -8.93
C PRO K 74 40.72 -21.98 -8.31
N VAL K 75 42.03 -21.74 -8.25
CA VAL K 75 42.96 -22.72 -7.77
C VAL K 75 43.74 -22.14 -6.57
N VAL K 76 44.28 -23.06 -5.78
CA VAL K 76 45.15 -22.71 -4.65
C VAL K 76 46.10 -23.91 -4.55
N THR K 77 47.29 -23.67 -3.98
CA THR K 77 48.25 -24.72 -3.63
C THR K 77 48.00 -25.12 -2.18
N SER K 78 47.83 -26.41 -1.95
CA SER K 78 47.60 -26.95 -0.61
C SER K 78 48.90 -26.99 0.19
N GLN K 79 48.79 -27.31 1.47
CA GLN K 79 49.98 -27.47 2.32
C GLN K 79 50.81 -28.66 1.92
N LEU K 80 50.20 -29.63 1.22
CA LEU K 80 50.94 -30.78 0.69
C LEU K 80 51.72 -30.44 -0.58
N GLY K 81 51.51 -29.28 -1.17
CA GLY K 81 52.23 -28.89 -2.41
C GLY K 81 51.44 -29.16 -3.69
N THR K 82 50.15 -29.51 -3.54
CA THR K 82 49.30 -29.92 -4.63
C THR K 82 48.25 -28.90 -4.99
N ILE K 83 47.76 -28.99 -6.24
CA ILE K 83 46.85 -27.97 -6.76
C ILE K 83 45.42 -28.37 -6.48
N ASN K 84 44.68 -27.53 -5.74
CA ASN K 84 43.24 -27.76 -5.48
C ASN K 84 42.42 -26.63 -6.05
N ASN K 85 41.13 -26.89 -6.24
CA ASN K 85 40.19 -25.81 -6.45
C ASN K 85 39.83 -25.14 -5.13
N LEU K 86 39.36 -23.90 -5.24
CA LEU K 86 38.95 -23.11 -4.10
C LEU K 86 37.56 -22.58 -4.38
N ILE K 87 36.66 -22.71 -3.40
CA ILE K 87 35.30 -22.16 -3.54
C ILE K 87 35.05 -21.23 -2.36
N HIS K 88 34.57 -20.03 -2.64
CA HIS K 88 34.10 -19.16 -1.58
C HIS K 88 32.58 -19.28 -1.48
N VAL K 89 32.09 -19.79 -0.37
CA VAL K 89 30.65 -19.87 -0.19
C VAL K 89 30.19 -18.63 0.55
N LYS K 90 29.23 -17.92 -0.03
CA LYS K 90 28.65 -16.74 0.61
C LYS K 90 27.88 -17.15 1.87
N GLN L 9 -10.04 26.97 25.23
CA GLN L 9 -9.16 27.89 26.00
C GLN L 9 -7.68 27.45 25.91
N ALA L 10 -7.22 26.65 26.87
CA ALA L 10 -5.80 26.29 26.96
C ALA L 10 -5.41 25.22 25.95
N ARG L 11 -4.13 25.22 25.56
CA ARG L 11 -3.57 24.21 24.65
C ARG L 11 -2.55 23.33 25.42
N PRO L 12 -2.58 21.99 25.17
CA PRO L 12 -1.52 21.19 25.75
C PRO L 12 -0.19 21.48 25.06
N THR L 13 0.81 21.78 25.89
CA THR L 13 2.14 22.15 25.46
C THR L 13 3.15 21.23 26.14
N VAL L 14 4.00 20.59 25.37
CA VAL L 14 5.03 19.71 25.93
C VAL L 14 6.19 20.63 26.34
N ILE L 15 6.55 20.62 27.63
CA ILE L 15 7.75 21.27 28.10
C ILE L 15 8.79 20.18 28.26
N ARG L 16 10.02 20.47 27.84
CA ARG L 16 11.11 19.50 27.82
C ARG L 16 12.32 20.14 28.44
N TRP L 17 12.89 19.44 29.42
CA TRP L 17 14.08 19.93 30.11
C TRP L 17 15.22 18.97 29.75
N SER L 18 16.25 19.53 29.13
CA SER L 18 17.31 18.72 28.49
C SER L 18 18.64 18.87 29.19
N GLU L 19 18.67 19.56 30.32
CA GLU L 19 19.94 19.84 30.93
C GLU L 19 20.33 18.83 31.98
N GLY L 20 19.56 17.76 32.15
CA GLY L 20 19.92 16.74 33.11
C GLY L 20 19.57 17.09 34.54
N GLY L 21 19.80 16.16 35.43
CA GLY L 21 19.47 16.29 36.85
C GLY L 21 18.68 15.06 37.26
N LYS L 22 18.29 14.97 38.52
CA LYS L 22 17.56 13.77 38.98
C LYS L 22 16.11 14.05 39.26
N GLU L 23 15.77 15.24 39.76
CA GLU L 23 14.36 15.62 40.01
C GLU L 23 14.14 16.99 39.44
N VAL L 24 13.07 17.15 38.67
CA VAL L 24 12.78 18.39 37.90
C VAL L 24 11.29 18.79 38.05
N PHE L 25 11.05 20.01 38.57
CA PHE L 25 9.71 20.58 38.63
C PHE L 25 9.64 21.88 37.86
N ILE L 26 8.43 22.31 37.54
CA ILE L 26 8.23 23.57 36.88
C ILE L 26 7.17 24.32 37.66
N SER L 27 7.31 25.64 37.65
CA SER L 27 6.26 26.54 38.13
C SER L 27 6.27 27.76 37.22
N GLY L 28 5.21 28.59 37.25
CA GLY L 28 5.26 29.84 36.51
C GLY L 28 4.03 30.74 36.63
N SER L 29 3.93 31.73 35.75
CA SER L 29 2.85 32.69 35.81
C SER L 29 1.50 32.02 35.50
N PHE L 30 1.54 30.98 34.69
CA PHE L 30 0.39 30.24 34.28
C PHE L 30 -0.47 29.68 35.40
N ASN L 31 0.12 29.46 36.58
CA ASN L 31 -0.66 29.11 37.77
C ASN L 31 -0.40 30.07 38.95
N ASN L 32 -0.01 31.29 38.59
CA ASN L 32 0.45 32.30 39.54
C ASN L 32 1.45 31.76 40.54
N TRP L 33 2.37 30.88 40.09
CA TRP L 33 3.43 30.30 40.95
C TRP L 33 2.90 29.63 42.22
N SER L 34 1.70 29.07 42.13
CA SER L 34 1.02 28.58 43.32
C SER L 34 1.50 27.19 43.72
N THR L 35 2.11 26.43 42.80
CA THR L 35 2.68 25.13 43.13
C THR L 35 3.74 24.72 42.11
N LYS L 36 4.36 23.57 42.35
CA LYS L 36 5.31 23.01 41.44
C LYS L 36 4.73 21.76 40.81
N ILE L 37 4.97 21.57 39.53
CA ILE L 37 4.46 20.45 38.75
C ILE L 37 5.67 19.59 38.39
N PRO L 38 5.62 18.28 38.67
CA PRO L 38 6.77 17.43 38.35
C PRO L 38 6.92 17.16 36.86
N LEU L 39 8.15 17.15 36.36
CA LEU L 39 8.46 16.63 35.06
C LEU L 39 8.94 15.19 35.25
N ILE L 40 8.67 14.39 34.24
CA ILE L 40 8.92 12.95 34.26
C ILE L 40 10.10 12.57 33.32
N LYS L 41 11.04 11.77 33.83
CA LYS L 41 12.18 11.28 33.06
C LYS L 41 11.80 10.55 31.78
N SER L 42 12.44 10.93 30.67
CA SER L 42 12.29 10.22 29.38
C SER L 42 13.62 10.24 28.64
N HIS L 43 14.31 9.11 28.66
CA HIS L 43 15.68 9.02 28.13
C HIS L 43 16.56 10.11 28.76
N ASN L 44 17.12 11.03 27.98
CA ASN L 44 17.95 12.08 28.57
C ASN L 44 17.22 13.35 28.98
N ASP L 45 15.91 13.36 28.75
CA ASP L 45 15.10 14.52 29.00
C ASP L 45 14.12 14.28 30.18
N PHE L 46 13.56 15.38 30.67
CA PHE L 46 12.38 15.34 31.51
C PHE L 46 11.27 16.09 30.79
N VAL L 47 10.05 15.64 30.97
CA VAL L 47 8.97 16.16 30.20
C VAL L 47 7.72 16.40 31.07
N ALA L 48 7.00 17.44 30.74
CA ALA L 48 5.68 17.69 31.28
C ALA L 48 4.78 18.18 30.18
N ILE L 49 3.48 17.97 30.40
CA ILE L 49 2.50 18.47 29.48
C ILE L 49 1.65 19.46 30.28
N LEU L 50 1.66 20.70 29.83
CA LEU L 50 0.91 21.75 30.49
C LEU L 50 -0.20 22.31 29.59
N ASP L 51 -1.35 22.47 30.17
CA ASP L 51 -2.49 23.11 29.52
C ASP L 51 -2.29 24.60 29.67
N LEU L 52 -1.70 25.23 28.66
CA LEU L 52 -1.36 26.64 28.71
C LEU L 52 -2.28 27.46 27.79
N PRO L 53 -2.86 28.55 28.31
CA PRO L 53 -3.62 29.52 27.49
C PRO L 53 -2.78 30.16 26.43
N GLU L 54 -3.44 30.62 25.37
CA GLU L 54 -2.78 31.44 24.36
C GLU L 54 -2.15 32.65 25.04
N GLY L 55 -0.96 33.02 24.57
CA GLY L 55 -0.27 34.20 25.08
C GLY L 55 1.03 33.87 25.75
N GLU L 56 1.52 34.82 26.53
CA GLU L 56 2.86 34.78 27.13
C GLU L 56 2.83 34.23 28.54
N HIS L 57 3.81 33.40 28.87
CA HIS L 57 3.94 32.92 30.24
C HIS L 57 5.38 32.90 30.66
N GLN L 58 5.65 33.35 31.87
CA GLN L 58 6.94 33.12 32.47
C GLN L 58 6.92 31.81 33.22
N TYR L 59 8.05 31.12 33.23
CA TYR L 59 8.22 29.93 33.99
C TYR L 59 9.68 29.71 34.37
N LYS L 60 9.87 28.83 35.33
CA LYS L 60 11.22 28.40 35.70
C LYS L 60 11.19 27.01 36.28
N PHE L 61 12.35 26.36 36.31
CA PHE L 61 12.47 25.00 36.79
C PHE L 61 13.13 24.94 38.14
N PHE L 62 12.67 23.98 38.93
CA PHE L 62 13.25 23.66 40.24
C PHE L 62 13.91 22.28 40.15
N VAL L 63 15.22 22.26 40.04
CA VAL L 63 15.95 21.08 39.65
C VAL L 63 16.92 20.73 40.77
N ASP L 64 16.69 19.57 41.36
CA ASP L 64 17.46 19.10 42.48
C ASP L 64 17.67 20.20 43.49
N GLY L 65 16.58 20.87 43.88
CA GLY L 65 16.65 21.89 44.93
C GLY L 65 17.01 23.30 44.51
N GLN L 66 17.26 23.55 43.22
CA GLN L 66 17.69 24.89 42.75
C GLN L 66 16.77 25.46 41.67
N TRP L 67 16.46 26.74 41.78
CA TRP L 67 15.75 27.43 40.69
C TRP L 67 16.66 27.70 39.51
N VAL L 68 16.26 27.19 38.36
CA VAL L 68 17.11 27.32 37.19
C VAL L 68 16.29 27.45 35.91
N HIS L 69 16.81 28.20 34.94
CA HIS L 69 16.09 28.35 33.68
C HIS L 69 16.66 27.48 32.58
N ASP L 70 15.86 27.23 31.56
CA ASP L 70 16.30 26.50 30.36
C ASP L 70 17.11 27.43 29.44
N PRO L 71 18.43 27.19 29.30
CA PRO L 71 19.22 28.15 28.53
C PRO L 71 18.91 28.17 27.05
N SER L 72 18.18 27.20 26.52
CA SER L 72 17.86 27.16 25.07
C SER L 72 16.55 27.88 24.75
N GLU L 73 15.86 28.42 25.75
CA GLU L 73 14.60 29.07 25.52
C GLU L 73 14.72 30.53 25.94
N PRO L 74 13.89 31.40 25.37
CA PRO L 74 14.01 32.81 25.72
C PRO L 74 13.83 33.06 27.22
N VAL L 75 14.41 34.16 27.67
CA VAL L 75 14.36 34.57 29.05
C VAL L 75 13.98 36.04 29.20
N VAL L 76 13.48 36.36 30.39
CA VAL L 76 13.13 37.71 30.79
C VAL L 76 13.50 37.89 32.26
N THR L 77 13.47 39.14 32.72
CA THR L 77 13.70 39.43 34.10
C THR L 77 12.34 39.65 34.78
N SER L 78 12.07 38.92 35.86
CA SER L 78 10.78 39.00 36.60
C SER L 78 10.69 40.28 37.44
N GLN L 79 9.50 40.59 37.93
CA GLN L 79 9.32 41.73 38.83
C GLN L 79 10.02 41.55 40.17
N LEU L 80 10.51 40.34 40.42
CA LEU L 80 11.35 40.03 41.57
C LEU L 80 12.82 40.27 41.23
N GLY L 81 13.11 40.50 39.96
CA GLY L 81 14.47 40.68 39.52
C GLY L 81 15.19 39.40 39.14
N THR L 82 14.44 38.33 38.94
CA THR L 82 15.04 37.02 38.68
C THR L 82 14.86 36.61 37.19
N ILE L 83 15.71 35.72 36.70
CA ILE L 83 15.61 35.27 35.30
C ILE L 83 14.60 34.15 35.20
N ASN L 84 13.55 34.31 34.37
CA ASN L 84 12.63 33.24 34.01
C ASN L 84 12.65 33.05 32.50
N ASN L 85 12.28 31.84 32.07
CA ASN L 85 11.95 31.59 30.71
C ASN L 85 10.65 32.27 30.38
N LEU L 86 10.45 32.49 29.09
CA LEU L 86 9.25 33.04 28.51
C LEU L 86 8.86 32.11 27.38
N ILE L 87 7.60 31.68 27.36
CA ILE L 87 7.01 30.96 26.24
C ILE L 87 5.83 31.77 25.70
N HIS L 88 5.68 31.72 24.37
CA HIS L 88 4.51 32.25 23.68
C HIS L 88 3.75 31.10 23.16
N VAL L 89 2.48 31.02 23.52
CA VAL L 89 1.64 29.91 23.17
C VAL L 89 0.68 30.41 22.11
N LYS L 90 0.72 29.80 20.93
CA LYS L 90 -0.15 30.19 19.81
C LYS L 90 -1.60 29.92 20.14
N PRO M 6 16.46 14.35 -14.63
CA PRO M 6 17.85 13.89 -14.59
C PRO M 6 18.01 12.68 -13.64
N ASN M 7 18.09 11.47 -14.21
CA ASN M 7 17.99 10.24 -13.41
C ASN M 7 19.23 9.92 -12.54
N SER M 8 19.09 9.89 -11.21
CA SER M 8 20.27 9.99 -10.33
C SER M 8 21.24 8.84 -10.52
N GLN M 9 20.74 7.65 -10.83
CA GLN M 9 21.59 6.45 -10.93
C GLN M 9 22.21 6.25 -12.29
N ALA M 10 21.77 7.01 -13.27
CA ALA M 10 22.20 6.80 -14.61
C ALA M 10 23.69 7.09 -14.76
N ARG M 11 24.35 6.30 -15.58
CA ARG M 11 25.71 6.61 -16.07
C ARG M 11 25.67 7.25 -17.50
N PRO M 12 25.84 8.57 -17.59
CA PRO M 12 25.93 9.20 -18.91
C PRO M 12 27.11 8.58 -19.67
N THR M 13 26.80 7.97 -20.81
CA THR M 13 27.76 7.17 -21.53
C THR M 13 27.90 7.68 -22.93
N VAL M 14 29.12 8.03 -23.32
CA VAL M 14 29.36 8.57 -24.63
C VAL M 14 29.39 7.39 -25.61
N ILE M 15 28.51 7.41 -26.60
CA ILE M 15 28.52 6.46 -27.70
C ILE M 15 28.99 7.16 -28.97
N ARG M 16 29.90 6.49 -29.68
CA ARG M 16 30.54 7.02 -30.89
C ARG M 16 30.37 6.11 -32.09
N TRP M 17 29.84 6.62 -33.18
CA TRP M 17 29.86 5.89 -34.45
C TRP M 17 30.86 6.55 -35.39
N SER M 18 31.86 5.80 -35.84
CA SER M 18 32.94 6.39 -36.62
C SER M 18 33.11 5.80 -38.04
N GLU M 19 32.40 4.71 -38.35
CA GLU M 19 32.46 4.10 -39.68
C GLU M 19 31.89 5.02 -40.77
N GLY M 20 31.35 6.19 -40.41
CA GLY M 20 30.76 7.10 -41.40
C GLY M 20 29.30 6.86 -41.66
N GLY M 21 28.71 7.73 -42.46
CA GLY M 21 27.29 7.65 -42.84
C GLY M 21 26.59 8.99 -42.87
N LYS M 22 25.33 8.99 -43.31
CA LYS M 22 24.53 10.23 -43.44
C LYS M 22 23.58 10.44 -42.29
N GLU M 23 22.95 9.36 -41.82
CA GLU M 23 22.08 9.43 -40.62
C GLU M 23 22.27 8.19 -39.77
N VAL M 24 22.40 8.43 -38.47
CA VAL M 24 22.80 7.39 -37.51
C VAL M 24 21.89 7.44 -36.26
N PHE M 25 21.35 6.26 -35.89
CA PHE M 25 20.53 6.08 -34.68
C PHE M 25 21.08 4.89 -33.93
N ILE M 26 20.77 4.83 -32.64
CA ILE M 26 21.12 3.70 -31.82
C ILE M 26 19.85 3.28 -31.12
N SER M 27 19.70 1.98 -30.91
CA SER M 27 18.65 1.44 -30.07
C SER M 27 19.21 0.26 -29.31
N GLY M 28 18.52 -0.21 -28.27
CA GLY M 28 19.06 -1.35 -27.53
C GLY M 28 18.18 -1.87 -26.43
N SER M 29 18.68 -2.84 -25.69
CA SER M 29 17.91 -3.44 -24.59
C SER M 29 17.73 -2.42 -23.48
N PHE M 30 18.62 -1.41 -23.40
CA PHE M 30 18.54 -0.38 -22.37
C PHE M 30 17.24 0.43 -22.47
N ASN M 31 16.61 0.50 -23.62
CA ASN M 31 15.28 1.08 -23.67
C ASN M 31 14.21 0.13 -24.21
N ASN M 32 14.40 -1.20 -24.02
CA ASN M 32 13.53 -2.25 -24.57
C ASN M 32 13.32 -2.07 -26.06
N TRP M 33 14.34 -1.55 -26.75
CA TRP M 33 14.28 -1.36 -28.19
C TRP M 33 13.09 -0.50 -28.58
N SER M 34 12.68 0.44 -27.72
CA SER M 34 11.43 1.15 -27.98
C SER M 34 11.63 2.23 -29.00
N THR M 35 12.84 2.77 -29.03
CA THR M 35 13.09 3.99 -29.77
C THR M 35 14.45 3.92 -30.48
N LYS M 36 14.51 4.51 -31.67
CA LYS M 36 15.78 4.81 -32.32
C LYS M 36 16.22 6.20 -31.89
N ILE M 37 17.33 6.27 -31.15
CA ILE M 37 17.80 7.56 -30.65
C ILE M 37 18.84 8.14 -31.62
N PRO M 38 18.61 9.40 -32.11
CA PRO M 38 19.57 10.00 -33.05
C PRO M 38 20.96 10.20 -32.46
N LEU M 39 22.01 9.92 -33.23
CA LEU M 39 23.36 10.44 -32.92
C LEU M 39 23.58 11.77 -33.68
N ILE M 40 24.36 12.67 -33.07
CA ILE M 40 24.65 14.03 -33.59
C ILE M 40 26.02 13.97 -34.27
N LYS M 41 26.11 14.48 -35.49
CA LYS M 41 27.40 14.56 -36.19
C LYS M 41 28.27 15.58 -35.45
N SER M 42 29.53 15.21 -35.26
CA SER M 42 30.50 16.09 -34.63
C SER M 42 31.82 15.79 -35.31
N HIS M 43 32.33 16.73 -36.09
CA HIS M 43 33.55 16.52 -36.85
C HIS M 43 33.43 15.23 -37.69
N ASN M 44 34.29 14.23 -37.49
CA ASN M 44 34.17 12.98 -38.26
C ASN M 44 33.12 12.02 -37.70
N ASP M 45 32.84 12.11 -36.41
CA ASP M 45 32.03 11.09 -35.70
C ASP M 45 30.57 11.47 -35.59
N PHE M 46 29.70 10.46 -35.41
CA PHE M 46 28.38 10.71 -34.83
C PHE M 46 28.43 10.33 -33.35
N VAL M 47 27.75 11.10 -32.51
CA VAL M 47 27.86 10.95 -31.05
C VAL M 47 26.51 11.05 -30.38
N ALA M 48 26.34 10.32 -29.29
CA ALA M 48 25.23 10.52 -28.38
C ALA M 48 25.74 10.26 -26.97
N ILE M 49 25.02 10.82 -26.00
CA ILE M 49 25.27 10.55 -24.60
C ILE M 49 24.02 9.89 -24.12
N LEU M 50 24.13 8.62 -23.78
CA LEU M 50 22.99 7.89 -23.27
C LEU M 50 23.11 7.79 -21.75
N ASP M 51 21.99 7.91 -21.05
CA ASP M 51 22.00 7.84 -19.62
C ASP M 51 21.72 6.38 -19.26
N LEU M 52 22.76 5.55 -19.15
CA LEU M 52 22.56 4.14 -19.06
C LEU M 52 22.49 3.62 -17.65
N PRO M 53 21.56 2.65 -17.40
CA PRO M 53 21.57 1.96 -16.11
C PRO M 53 22.83 1.10 -15.95
N GLU M 54 23.18 0.75 -14.73
CA GLU M 54 24.21 -0.22 -14.45
C GLU M 54 23.84 -1.55 -15.12
N GLY M 55 24.81 -2.24 -15.70
CA GLY M 55 24.62 -3.64 -16.09
C GLY M 55 24.96 -3.87 -17.54
N GLU M 56 24.56 -5.01 -18.04
CA GLU M 56 24.90 -5.42 -19.35
C GLU M 56 23.80 -5.03 -20.38
N HIS M 57 24.14 -4.35 -21.47
CA HIS M 57 23.15 -3.99 -22.49
C HIS M 57 23.57 -4.39 -23.88
N GLN M 58 22.61 -4.90 -24.65
CA GLN M 58 22.79 -5.08 -26.11
C GLN M 58 22.33 -3.84 -26.84
N TYR M 59 23.01 -3.53 -27.95
CA TYR M 59 22.63 -2.34 -28.76
C TYR M 59 23.06 -2.53 -30.19
N LYS M 60 22.44 -1.77 -31.08
CA LYS M 60 22.77 -1.81 -32.48
C LYS M 60 22.47 -0.42 -33.09
N PHE M 61 23.15 -0.13 -34.19
CA PHE M 61 23.02 1.13 -34.87
C PHE M 61 22.08 0.98 -36.08
N PHE M 62 21.39 2.06 -36.44
CA PHE M 62 20.57 2.13 -37.66
C PHE M 62 21.21 3.29 -38.45
N VAL M 63 21.98 2.91 -39.45
CA VAL M 63 22.78 3.81 -40.26
C VAL M 63 22.26 3.73 -41.70
N ASP M 64 21.89 4.90 -42.21
CA ASP M 64 21.36 5.03 -43.55
C ASP M 64 20.39 3.91 -43.88
N GLY M 65 19.42 3.70 -42.98
CA GLY M 65 18.36 2.73 -43.20
C GLY M 65 18.69 1.26 -43.00
N GLN M 66 19.83 0.95 -42.41
CA GLN M 66 20.25 -0.42 -42.23
C GLN M 66 20.74 -0.64 -40.79
N TRP M 67 20.35 -1.77 -40.21
CA TRP M 67 20.91 -2.20 -38.93
C TRP M 67 22.36 -2.67 -39.11
N VAL M 68 23.27 -2.07 -38.35
CA VAL M 68 24.68 -2.43 -38.39
C VAL M 68 25.30 -2.33 -37.01
N HIS M 69 26.18 -3.27 -36.72
CA HIS M 69 26.94 -3.22 -35.47
C HIS M 69 28.26 -2.45 -35.66
N ASP M 70 28.81 -2.00 -34.54
CA ASP M 70 30.12 -1.39 -34.51
C ASP M 70 31.13 -2.52 -34.55
N PRO M 71 31.93 -2.59 -35.64
CA PRO M 71 32.95 -3.63 -35.76
C PRO M 71 34.01 -3.56 -34.65
N SER M 72 34.17 -2.39 -34.05
CA SER M 72 35.17 -2.22 -33.02
C SER M 72 34.78 -2.69 -31.61
N GLU M 73 33.51 -3.01 -31.38
CA GLU M 73 33.05 -3.41 -30.05
C GLU M 73 32.58 -4.87 -30.06
N PRO M 74 32.57 -5.53 -28.89
CA PRO M 74 32.19 -6.96 -28.87
C PRO M 74 30.76 -7.15 -29.37
N VAL M 75 30.55 -8.29 -30.02
CA VAL M 75 29.23 -8.69 -30.49
C VAL M 75 28.69 -9.97 -29.78
N VAL M 76 27.37 -10.09 -29.75
CA VAL M 76 26.66 -11.25 -29.24
C VAL M 76 25.48 -11.53 -30.15
N THR M 77 24.86 -12.70 -29.98
CA THR M 77 23.59 -12.93 -30.66
C THR M 77 22.41 -12.67 -29.69
N SER M 78 21.39 -12.00 -30.17
CA SER M 78 20.17 -11.78 -29.40
C SER M 78 19.25 -13.02 -29.39
N GLN M 79 18.15 -12.92 -28.65
CA GLN M 79 17.18 -14.01 -28.64
C GLN M 79 16.37 -14.06 -29.94
N LEU M 80 16.46 -13.01 -30.76
CA LEU M 80 15.91 -13.03 -32.09
C LEU M 80 16.83 -13.68 -33.09
N GLY M 81 18.04 -14.02 -32.65
CA GLY M 81 18.99 -14.62 -33.53
C GLY M 81 19.78 -13.61 -34.30
N THR M 82 19.70 -12.33 -33.92
CA THR M 82 20.39 -11.27 -34.66
C THR M 82 21.64 -10.81 -33.95
N ILE M 83 22.53 -10.11 -34.66
CA ILE M 83 23.80 -9.73 -34.06
C ILE M 83 23.70 -8.30 -33.49
N ASN M 84 24.03 -8.18 -32.19
CA ASN M 84 24.15 -6.88 -31.52
C ASN M 84 25.51 -6.66 -30.90
N ASN M 85 25.90 -5.41 -30.69
CA ASN M 85 27.01 -5.10 -29.79
C ASN M 85 26.57 -5.23 -28.31
N LEU M 86 27.56 -5.43 -27.45
CA LEU M 86 27.37 -5.58 -26.01
C LEU M 86 28.23 -4.56 -25.30
N ILE M 87 27.66 -3.92 -24.31
CA ILE M 87 28.39 -3.01 -23.44
C ILE M 87 28.05 -3.33 -22.00
N HIS M 88 29.05 -3.24 -21.12
CA HIS M 88 28.86 -3.44 -19.71
C HIS M 88 29.01 -2.07 -19.05
N VAL M 89 27.98 -1.63 -18.32
CA VAL M 89 28.03 -0.34 -17.63
C VAL M 89 28.26 -0.63 -16.14
N LYS M 90 29.47 -0.37 -15.64
CA LYS M 90 29.70 -0.52 -14.22
C LYS M 90 28.90 0.55 -13.45
N ASN N 7 26.56 -28.58 26.39
CA ASN N 7 25.96 -29.26 25.19
C ASN N 7 26.40 -28.55 23.90
N SER N 8 27.41 -29.09 23.25
CA SER N 8 28.00 -28.42 22.10
C SER N 8 27.08 -28.40 20.85
N GLN N 9 26.23 -29.41 20.68
CA GLN N 9 25.50 -29.56 19.41
C GLN N 9 24.16 -28.88 19.42
N ALA N 10 23.67 -28.55 18.24
CA ALA N 10 22.32 -28.00 18.07
C ALA N 10 21.27 -28.99 18.59
N ARG N 11 20.16 -28.47 19.13
CA ARG N 11 19.18 -29.26 19.84
C ARG N 11 17.90 -29.52 18.99
N PRO N 12 17.58 -30.80 18.75
CA PRO N 12 16.31 -31.05 18.09
C PRO N 12 15.19 -30.30 18.82
N THR N 13 14.40 -29.57 18.05
CA THR N 13 13.32 -28.72 18.56
C THR N 13 12.05 -28.91 17.72
N VAL N 14 10.95 -29.19 18.38
CA VAL N 14 9.70 -29.46 17.70
C VAL N 14 9.06 -28.12 17.36
N ILE N 15 8.71 -27.95 16.10
CA ILE N 15 7.87 -26.88 15.59
C ILE N 15 6.51 -27.48 15.20
N ARG N 16 5.44 -26.91 15.74
CA ARG N 16 4.03 -27.34 15.52
C ARG N 16 3.19 -26.18 14.98
N TRP N 17 2.39 -26.46 13.93
CA TRP N 17 1.43 -25.53 13.41
C TRP N 17 0.06 -26.25 13.51
N SER N 18 -0.84 -25.66 14.28
CA SER N 18 -2.11 -26.33 14.65
C SER N 18 -3.33 -25.71 14.00
N GLU N 19 -3.18 -24.56 13.38
CA GLU N 19 -4.33 -23.85 12.90
C GLU N 19 -4.71 -24.22 11.48
N GLY N 20 -4.30 -25.39 11.01
CA GLY N 20 -4.79 -25.91 9.74
C GLY N 20 -4.19 -25.29 8.48
N GLY N 21 -4.46 -25.93 7.34
CA GLY N 21 -3.87 -25.55 6.07
C GLY N 21 -3.62 -26.77 5.22
N LYS N 22 -3.23 -26.53 3.98
CA LYS N 22 -2.90 -27.62 3.08
C LYS N 22 -1.40 -27.73 2.88
N GLU N 23 -0.73 -26.65 2.50
CA GLU N 23 0.75 -26.68 2.31
C GLU N 23 1.36 -25.76 3.35
N VAL N 24 2.17 -26.32 4.24
CA VAL N 24 2.77 -25.57 5.34
C VAL N 24 4.31 -25.68 5.38
N PHE N 25 4.97 -24.52 5.44
CA PHE N 25 6.43 -24.46 5.50
C PHE N 25 6.87 -23.56 6.66
N ILE N 26 8.11 -23.69 7.07
CA ILE N 26 8.72 -22.75 7.99
C ILE N 26 10.06 -22.26 7.44
N SER N 27 10.41 -21.03 7.78
CA SER N 27 11.75 -20.50 7.54
C SER N 27 12.09 -19.60 8.73
N GLY N 28 13.37 -19.29 8.90
CA GLY N 28 13.79 -18.36 9.96
C GLY N 28 15.28 -17.97 9.98
N SER N 29 15.70 -17.33 11.07
CA SER N 29 17.07 -16.84 11.20
C SER N 29 18.06 -17.99 11.45
N PHE N 30 17.55 -19.10 11.97
CA PHE N 30 18.36 -20.29 12.25
C PHE N 30 19.11 -20.88 11.03
N ASN N 31 18.57 -20.66 9.81
CA ASN N 31 19.28 -21.02 8.56
C ASN N 31 19.48 -19.78 7.69
N ASN N 32 19.52 -18.63 8.35
CA ASN N 32 19.59 -17.34 7.67
C ASN N 32 18.52 -17.13 6.59
N TRP N 33 17.27 -17.54 6.88
CA TRP N 33 16.12 -17.41 5.93
C TRP N 33 16.44 -17.93 4.57
N SER N 34 17.31 -18.92 4.49
CA SER N 34 17.82 -19.30 3.18
C SER N 34 16.88 -20.28 2.46
N THR N 35 15.87 -20.81 3.16
CA THR N 35 14.95 -21.78 2.51
C THR N 35 13.68 -22.00 3.32
N LYS N 36 12.66 -22.55 2.63
CA LYS N 36 11.39 -22.87 3.28
C LYS N 36 11.41 -24.38 3.49
N ILE N 37 11.27 -24.79 4.75
CA ILE N 37 11.24 -26.17 5.16
C ILE N 37 9.79 -26.69 5.24
N PRO N 38 9.41 -27.74 4.48
CA PRO N 38 8.05 -28.28 4.60
C PRO N 38 7.78 -28.90 5.95
N LEU N 39 6.57 -28.69 6.45
CA LEU N 39 6.08 -29.41 7.62
C LEU N 39 5.30 -30.65 7.18
N ILE N 40 5.29 -31.65 8.05
CA ILE N 40 4.67 -32.95 7.85
C ILE N 40 3.33 -32.94 8.55
N LYS N 41 2.30 -33.37 7.82
CA LYS N 41 0.95 -33.41 8.35
C LYS N 41 0.87 -34.53 9.39
N SER N 42 0.31 -34.26 10.57
CA SER N 42 0.08 -35.33 11.57
C SER N 42 -1.24 -35.14 12.27
N HIS N 43 -2.20 -36.02 11.98
CA HIS N 43 -3.55 -35.90 12.55
C HIS N 43 -4.00 -34.47 12.24
N ASN N 44 -4.33 -33.63 13.21
CA ASN N 44 -4.72 -32.24 12.86
C ASN N 44 -3.57 -31.23 12.71
N ASP N 45 -2.34 -31.62 13.04
CA ASP N 45 -1.22 -30.67 13.09
C ASP N 45 -0.27 -30.86 11.90
N PHE N 46 0.57 -29.85 11.67
CA PHE N 46 1.75 -29.95 10.85
C PHE N 46 2.96 -29.82 11.78
N VAL N 47 3.99 -30.62 11.56
CA VAL N 47 5.13 -30.64 12.45
C VAL N 47 6.44 -30.66 11.68
N ALA N 48 7.45 -30.08 12.29
CA ALA N 48 8.82 -30.26 11.83
C ALA N 48 9.69 -30.37 13.09
N ILE N 49 10.84 -31.01 12.94
CA ILE N 49 11.85 -31.07 13.99
C ILE N 49 13.12 -30.46 13.39
N LEU N 50 13.54 -29.34 13.98
CA LEU N 50 14.71 -28.61 13.52
C LEU N 50 15.81 -28.73 14.57
N ASP N 51 17.06 -28.94 14.13
CA ASP N 51 18.18 -28.93 15.02
C ASP N 51 18.66 -27.47 15.19
N LEU N 52 18.34 -26.88 16.34
CA LEU N 52 18.60 -25.45 16.54
C LEU N 52 19.79 -25.20 17.48
N PRO N 53 20.70 -24.26 17.12
CA PRO N 53 21.72 -23.90 18.11
C PRO N 53 21.06 -23.23 19.33
N GLU N 54 21.72 -23.32 20.48
CA GLU N 54 21.34 -22.51 21.64
C GLU N 54 21.13 -21.04 21.25
N GLY N 55 20.17 -20.41 21.90
CA GLY N 55 19.92 -19.00 21.75
C GLY N 55 18.53 -18.76 21.20
N GLU N 56 18.35 -17.57 20.64
CA GLU N 56 17.02 -17.14 20.21
C GLU N 56 16.99 -17.17 18.72
N HIS N 57 15.85 -17.51 18.17
CA HIS N 57 15.67 -17.57 16.74
C HIS N 57 14.35 -16.99 16.37
N GLN N 58 14.37 -16.20 15.31
CA GLN N 58 13.17 -15.77 14.63
C GLN N 58 12.74 -16.77 13.58
N TYR N 59 11.42 -16.94 13.44
CA TYR N 59 10.86 -17.82 12.40
C TYR N 59 9.47 -17.34 12.07
N LYS N 60 8.99 -17.81 10.92
CA LYS N 60 7.64 -17.57 10.45
C LYS N 60 7.18 -18.69 9.50
N PHE N 61 5.87 -18.92 9.47
CA PHE N 61 5.29 -19.94 8.64
C PHE N 61 4.82 -19.39 7.31
N PHE N 62 4.95 -20.21 6.27
CA PHE N 62 4.30 -19.94 5.01
C PHE N 62 3.25 -20.99 4.73
N VAL N 63 1.99 -20.57 4.71
CA VAL N 63 0.88 -21.48 4.65
C VAL N 63 0.05 -21.11 3.45
N ASP N 64 -0.13 -22.07 2.55
CA ASP N 64 -1.00 -21.87 1.40
C ASP N 64 -0.82 -20.50 0.78
N GLY N 65 0.42 -20.18 0.43
CA GLY N 65 0.71 -18.98 -0.35
C GLY N 65 0.84 -17.69 0.44
N GLN N 66 1.02 -17.74 1.74
CA GLN N 66 1.22 -16.49 2.49
C GLN N 66 1.87 -16.71 3.83
N TRP N 67 2.60 -15.70 4.25
CA TRP N 67 3.28 -15.74 5.50
C TRP N 67 2.34 -15.49 6.67
N VAL N 68 2.55 -16.22 7.76
CA VAL N 68 1.71 -16.10 8.96
C VAL N 68 2.52 -16.55 10.16
N HIS N 69 2.25 -15.93 11.30
CA HIS N 69 2.93 -16.26 12.53
C HIS N 69 1.95 -17.04 13.38
N ASP N 70 2.52 -17.73 14.35
CA ASP N 70 1.76 -18.49 15.32
C ASP N 70 1.35 -17.56 16.45
N PRO N 71 0.04 -17.32 16.63
CA PRO N 71 -0.40 -16.39 17.67
C PRO N 71 -0.26 -16.87 19.09
N SER N 72 0.00 -18.16 19.30
CA SER N 72 0.19 -18.68 20.65
C SER N 72 1.63 -18.50 21.12
N GLU N 73 2.56 -18.09 20.26
CA GLU N 73 3.95 -17.98 20.65
C GLU N 73 4.45 -16.55 20.56
N PRO N 74 5.57 -16.26 21.24
CA PRO N 74 6.05 -14.90 21.28
C PRO N 74 6.37 -14.38 19.91
N VAL N 75 6.17 -13.07 19.77
CA VAL N 75 6.44 -12.35 18.54
C VAL N 75 7.44 -11.18 18.72
N VAL N 76 8.08 -10.81 17.62
CA VAL N 76 9.06 -9.72 17.58
C VAL N 76 9.03 -9.15 16.16
N THR N 77 9.46 -7.89 15.99
CA THR N 77 9.50 -7.20 14.69
C THR N 77 10.88 -7.39 14.10
N SER N 78 10.90 -7.92 12.88
CA SER N 78 12.12 -8.18 12.13
C SER N 78 12.71 -6.86 11.66
N GLN N 79 13.99 -6.91 11.27
CA GLN N 79 14.68 -5.73 10.70
C GLN N 79 14.06 -5.29 9.35
N LEU N 80 13.30 -6.17 8.69
CA LEU N 80 12.42 -5.81 7.54
C LEU N 80 11.08 -5.14 7.98
N GLY N 81 10.86 -5.02 9.27
CA GLY N 81 9.62 -4.47 9.79
C GLY N 81 8.42 -5.41 9.73
N THR N 82 8.64 -6.74 9.75
CA THR N 82 7.55 -7.70 9.69
C THR N 82 7.46 -8.49 11.00
N ILE N 83 6.31 -9.12 11.25
CA ILE N 83 6.11 -9.83 12.51
C ILE N 83 6.55 -11.29 12.34
N ASN N 84 7.42 -11.76 13.24
CA ASN N 84 7.88 -13.14 13.30
C ASN N 84 7.70 -13.67 14.68
N ASN N 85 7.69 -15.00 14.79
CA ASN N 85 7.74 -15.62 16.07
C ASN N 85 9.16 -15.63 16.57
N LEU N 86 9.31 -15.77 17.90
CA LEU N 86 10.60 -15.97 18.52
C LEU N 86 10.56 -17.21 19.36
N ILE N 87 11.63 -17.97 19.30
CA ILE N 87 11.82 -19.18 20.10
C ILE N 87 13.16 -19.11 20.79
N HIS N 88 13.22 -19.49 22.07
CA HIS N 88 14.51 -19.58 22.75
C HIS N 88 14.83 -21.03 22.96
N VAL N 89 16.05 -21.40 22.62
CA VAL N 89 16.57 -22.74 22.78
C VAL N 89 17.62 -22.83 23.90
N LYS N 90 17.30 -23.59 24.93
CA LYS N 90 18.27 -23.92 25.97
C LYS N 90 19.41 -24.80 25.43
N ASN O 7 16.73 -40.59 2.93
CA ASN O 7 16.55 -41.29 1.63
C ASN O 7 15.28 -40.76 0.97
N SER O 8 15.35 -40.52 -0.32
CA SER O 8 14.22 -39.95 -1.08
C SER O 8 12.95 -40.78 -0.97
N GLN O 9 13.06 -42.11 -0.76
CA GLN O 9 11.89 -42.99 -0.68
C GLN O 9 11.17 -43.02 0.67
N ALA O 10 11.78 -42.41 1.67
CA ALA O 10 11.27 -42.47 3.02
C ALA O 10 10.01 -41.67 3.16
N ARG O 11 9.08 -42.20 3.94
CA ARG O 11 7.91 -41.45 4.37
C ARG O 11 8.19 -40.84 5.75
N PRO O 12 8.38 -39.50 5.83
CA PRO O 12 8.56 -38.92 7.17
C PRO O 12 7.30 -39.10 7.99
N THR O 13 7.40 -39.76 9.13
CA THR O 13 6.22 -40.13 9.87
C THR O 13 6.25 -39.58 11.28
N VAL O 14 5.25 -38.80 11.65
CA VAL O 14 5.19 -38.22 12.98
C VAL O 14 4.76 -39.27 13.98
N ILE O 15 5.59 -39.46 14.99
CA ILE O 15 5.24 -40.33 16.07
C ILE O 15 5.04 -39.47 17.29
N ARG O 16 3.96 -39.69 18.00
CA ARG O 16 3.59 -38.86 19.13
C ARG O 16 3.29 -39.74 20.34
N TRP O 17 3.82 -39.35 21.49
CA TRP O 17 3.49 -40.01 22.74
C TRP O 17 2.85 -39.00 23.66
N SER O 18 1.60 -39.27 24.04
CA SER O 18 0.87 -38.29 24.83
C SER O 18 0.43 -38.83 26.20
N GLU O 19 0.94 -39.98 26.64
CA GLU O 19 0.54 -40.50 27.95
C GLU O 19 1.40 -39.90 29.07
N GLY O 20 2.34 -39.02 28.75
CA GLY O 20 3.12 -38.37 29.78
C GLY O 20 4.45 -39.05 30.11
N GLY O 21 5.19 -38.41 30.98
CA GLY O 21 6.50 -38.90 31.40
C GLY O 21 7.57 -37.85 31.27
N LYS O 22 8.79 -38.26 31.58
CA LYS O 22 9.93 -37.36 31.61
C LYS O 22 10.91 -37.63 30.47
N GLU O 23 11.23 -38.90 30.24
CA GLU O 23 12.20 -39.31 29.23
C GLU O 23 11.59 -40.40 28.37
N VAL O 24 11.59 -40.21 27.06
CA VAL O 24 10.81 -41.05 26.15
C VAL O 24 11.64 -41.37 24.92
N PHE O 25 11.70 -42.66 24.58
CA PHE O 25 12.40 -43.12 23.39
C PHE O 25 11.48 -44.03 22.65
N ILE O 26 11.81 -44.32 21.39
CA ILE O 26 11.10 -45.30 20.61
C ILE O 26 12.11 -46.23 19.96
N SER O 27 11.72 -47.48 19.79
CA SER O 27 12.54 -48.38 19.02
C SER O 27 11.61 -49.28 18.23
N GLY O 28 12.11 -50.01 17.27
CA GLY O 28 11.24 -50.92 16.52
C GLY O 28 11.89 -51.76 15.45
N SER O 29 11.06 -52.53 14.74
CA SER O 29 11.58 -53.33 13.63
C SER O 29 12.23 -52.43 12.56
N PHE O 30 11.79 -51.18 12.45
CA PHE O 30 12.29 -50.29 11.40
C PHE O 30 13.80 -49.97 11.49
N ASN O 31 14.40 -50.14 12.67
CA ASN O 31 15.86 -50.02 12.81
C ASN O 31 16.41 -51.30 13.42
N ASN O 32 15.70 -52.40 13.21
CA ASN O 32 16.05 -53.71 13.80
C ASN O 32 16.26 -53.63 15.34
N TRP O 33 15.50 -52.77 16.02
CA TRP O 33 15.64 -52.62 17.47
C TRP O 33 17.06 -52.28 17.93
N SER O 34 17.83 -51.67 17.05
CA SER O 34 19.24 -51.43 17.30
C SER O 34 19.43 -50.33 18.34
N THR O 35 18.52 -49.36 18.35
CA THR O 35 18.74 -48.06 18.99
C THR O 35 17.45 -47.54 19.61
N LYS O 36 17.56 -46.90 20.78
CA LYS O 36 16.48 -46.13 21.37
C LYS O 36 16.62 -44.70 20.89
N ILE O 37 15.63 -44.25 20.12
CA ILE O 37 15.64 -42.95 19.49
C ILE O 37 14.87 -42.02 20.43
N PRO O 38 15.50 -40.93 20.88
CA PRO O 38 14.81 -40.01 21.77
C PRO O 38 13.61 -39.37 21.09
N LEU O 39 12.51 -39.23 21.82
CA LEU O 39 11.45 -38.32 21.43
C LEU O 39 11.69 -36.97 22.08
N ILE O 40 11.21 -35.92 21.42
CA ILE O 40 11.47 -34.55 21.83
C ILE O 40 10.22 -34.00 22.51
N LYS O 41 10.37 -33.47 23.71
CA LYS O 41 9.22 -32.90 24.39
C LYS O 41 8.62 -31.76 23.58
N SER O 42 7.31 -31.73 23.53
CA SER O 42 6.59 -30.63 22.93
C SER O 42 5.28 -30.41 23.70
N HIS O 43 5.34 -29.42 24.61
CA HIS O 43 4.22 -29.14 25.52
C HIS O 43 3.84 -30.38 26.33
N ASN O 44 2.68 -30.99 26.10
CA ASN O 44 2.34 -32.20 26.86
C ASN O 44 2.71 -33.50 26.14
N ASP O 45 3.27 -33.40 24.93
CA ASP O 45 3.64 -34.58 24.16
C ASP O 45 5.14 -34.74 24.08
N PHE O 46 5.53 -35.91 23.58
CA PHE O 46 6.85 -36.14 23.11
C PHE O 46 6.65 -36.55 21.65
N VAL O 47 7.54 -36.05 20.81
CA VAL O 47 7.40 -36.23 19.39
C VAL O 47 8.71 -36.65 18.73
N ALA O 48 8.59 -37.51 17.73
CA ALA O 48 9.67 -37.77 16.77
C ALA O 48 9.09 -37.83 15.37
N ILE O 49 9.99 -37.65 14.42
CA ILE O 49 9.74 -37.91 13.04
C ILE O 49 10.72 -38.97 12.56
N LEU O 50 10.18 -40.14 12.24
CA LEU O 50 10.92 -41.23 11.69
C LEU O 50 10.77 -41.26 10.18
N ASP O 51 11.89 -41.44 9.50
CA ASP O 51 11.86 -41.64 8.06
C ASP O 51 11.65 -43.09 7.72
N LEU O 52 10.39 -43.49 7.52
CA LEU O 52 10.11 -44.91 7.46
C LEU O 52 9.95 -45.41 6.00
N PRO O 53 10.40 -46.63 5.71
CA PRO O 53 10.07 -47.23 4.41
C PRO O 53 8.62 -47.67 4.34
N GLU O 54 8.13 -47.85 3.13
CA GLU O 54 6.85 -48.48 2.92
C GLU O 54 6.84 -49.82 3.65
N GLY O 55 5.68 -50.16 4.20
CA GLY O 55 5.54 -51.43 4.91
C GLY O 55 4.91 -51.38 6.30
N GLU O 56 4.94 -52.54 6.95
CA GLU O 56 4.42 -52.73 8.31
C GLU O 56 5.57 -52.63 9.27
N HIS O 57 5.45 -51.87 10.33
CA HIS O 57 6.53 -51.81 11.30
C HIS O 57 6.00 -52.02 12.70
N GLN O 58 6.73 -52.79 13.50
CA GLN O 58 6.45 -52.87 14.92
C GLN O 58 7.31 -51.89 15.66
N TYR O 59 6.77 -51.32 16.74
CA TYR O 59 7.53 -50.37 17.53
C TYR O 59 7.05 -50.38 18.97
N LYS O 60 7.86 -49.82 19.86
CA LYS O 60 7.45 -49.67 21.24
C LYS O 60 8.21 -48.52 21.87
N PHE O 61 7.61 -47.95 22.91
CA PHE O 61 8.16 -46.80 23.61
C PHE O 61 8.88 -47.23 24.93
N PHE O 62 9.94 -46.50 25.24
CA PHE O 62 10.67 -46.67 26.49
C PHE O 62 10.54 -45.36 27.25
N VAL O 63 9.70 -45.39 28.29
CA VAL O 63 9.23 -44.20 28.97
C VAL O 63 9.67 -44.33 30.42
N ASP O 64 10.60 -43.46 30.83
CA ASP O 64 11.08 -43.44 32.21
C ASP O 64 11.53 -44.84 32.62
N GLY O 65 12.35 -45.48 31.79
CA GLY O 65 12.90 -46.82 32.10
C GLY O 65 12.01 -48.07 31.92
N GLN O 66 10.80 -47.91 31.39
CA GLN O 66 9.85 -49.03 31.18
C GLN O 66 9.42 -49.11 29.71
N TRP O 67 9.43 -50.31 29.13
CA TRP O 67 8.81 -50.48 27.81
C TRP O 67 7.30 -50.40 27.95
N VAL O 68 6.67 -49.56 27.12
CA VAL O 68 5.23 -49.39 27.11
C VAL O 68 4.73 -49.11 25.69
N HIS O 69 3.52 -49.55 25.40
CA HIS O 69 2.94 -49.33 24.12
C HIS O 69 1.97 -48.17 24.18
N ASP O 70 1.66 -47.63 23.01
CA ASP O 70 0.70 -46.55 22.91
C ASP O 70 -0.67 -47.20 22.86
N PRO O 71 -1.53 -46.91 23.83
CA PRO O 71 -2.80 -47.60 23.82
C PRO O 71 -3.78 -47.11 22.76
N SER O 72 -3.51 -45.95 22.12
CA SER O 72 -4.36 -45.42 21.07
C SER O 72 -4.09 -46.01 19.70
N GLU O 73 -3.08 -46.86 19.57
CA GLU O 73 -2.67 -47.42 18.30
C GLU O 73 -2.71 -48.96 18.35
N PRO O 74 -2.86 -49.63 17.19
CA PRO O 74 -2.90 -51.09 17.13
C PRO O 74 -1.72 -51.76 17.75
N VAL O 75 -2.00 -52.92 18.33
CA VAL O 75 -0.99 -53.75 18.99
C VAL O 75 -0.95 -55.15 18.37
N VAL O 76 0.22 -55.78 18.47
CA VAL O 76 0.45 -57.16 18.02
C VAL O 76 1.43 -57.78 19.01
N THR O 77 1.59 -59.11 18.96
CA THR O 77 2.62 -59.76 19.76
C THR O 77 3.85 -60.03 18.88
N SER O 78 5.03 -59.69 19.38
CA SER O 78 6.29 -60.01 18.67
C SER O 78 6.64 -61.47 18.88
N GLN O 79 7.64 -61.92 18.13
CA GLN O 79 8.13 -63.29 18.27
C GLN O 79 8.80 -63.55 19.60
N LEU O 80 9.19 -62.50 20.30
CA LEU O 80 9.64 -62.64 21.69
C LEU O 80 8.48 -62.87 22.66
N GLY O 81 7.23 -62.77 22.19
CA GLY O 81 6.04 -62.85 23.06
C GLY O 81 5.61 -61.54 23.71
N THR O 82 6.15 -60.40 23.26
CA THR O 82 5.92 -59.12 23.91
C THR O 82 5.00 -58.26 23.08
N ILE O 83 4.34 -57.29 23.70
CA ILE O 83 3.38 -56.48 23.00
C ILE O 83 4.05 -55.25 22.44
N ASN O 84 3.92 -55.08 21.12
CA ASN O 84 4.33 -53.89 20.39
C ASN O 84 3.16 -53.18 19.72
N ASN O 85 3.34 -51.90 19.43
CA ASN O 85 2.47 -51.23 18.45
C ASN O 85 2.77 -51.61 16.99
N LEU O 86 1.81 -51.42 16.11
CA LEU O 86 2.02 -51.72 14.70
C LEU O 86 1.61 -50.49 13.91
N ILE O 87 2.42 -50.11 12.92
CA ILE O 87 2.07 -49.06 11.97
C ILE O 87 2.28 -49.54 10.54
N HIS O 88 1.35 -49.16 9.65
CA HIS O 88 1.39 -49.46 8.24
C HIS O 88 1.75 -48.19 7.48
N VAL O 89 2.88 -48.20 6.79
CA VAL O 89 3.31 -47.03 6.01
C VAL O 89 3.08 -47.33 4.54
N LYS O 90 2.17 -46.60 3.94
CA LYS O 90 1.91 -46.76 2.52
C LYS O 90 2.95 -46.02 1.72
N PRO P 6 -39.03 -31.41 6.29
CA PRO P 6 -40.24 -30.82 5.73
C PRO P 6 -41.42 -30.79 6.70
N ASN P 7 -42.39 -29.94 6.37
CA ASN P 7 -43.61 -29.86 7.12
C ASN P 7 -44.32 -31.20 7.02
N SER P 8 -44.87 -31.64 8.13
CA SER P 8 -45.52 -32.95 8.18
C SER P 8 -46.58 -33.17 7.10
N GLN P 9 -47.25 -32.09 6.68
CA GLN P 9 -48.35 -32.15 5.68
C GLN P 9 -47.88 -32.11 4.22
N ALA P 10 -46.59 -31.97 4.00
CA ALA P 10 -46.12 -31.79 2.65
C ALA P 10 -46.22 -33.12 1.92
N ARG P 11 -46.59 -33.06 0.66
CA ARG P 11 -46.54 -34.18 -0.27
C ARG P 11 -45.23 -34.04 -1.05
N PRO P 12 -44.21 -34.83 -0.70
CA PRO P 12 -42.98 -34.77 -1.54
C PRO P 12 -43.34 -35.24 -2.98
N THR P 13 -43.11 -34.38 -3.95
CA THR P 13 -43.56 -34.64 -5.31
C THR P 13 -42.39 -34.56 -6.25
N VAL P 14 -42.17 -35.62 -7.01
CA VAL P 14 -41.07 -35.63 -7.99
C VAL P 14 -41.49 -34.83 -9.21
N ILE P 15 -40.67 -33.88 -9.64
CA ILE P 15 -40.89 -33.09 -10.84
C ILE P 15 -39.78 -33.51 -11.78
N ARG P 16 -40.12 -33.91 -13.00
CA ARG P 16 -39.13 -34.40 -13.96
C ARG P 16 -39.25 -33.57 -15.20
N TRP P 17 -38.15 -32.97 -15.63
CA TRP P 17 -38.07 -32.37 -16.94
C TRP P 17 -37.24 -33.27 -17.84
N SER P 18 -37.86 -33.79 -18.91
CA SER P 18 -37.17 -34.74 -19.78
C SER P 18 -36.98 -34.27 -21.21
N GLU P 19 -37.39 -33.03 -21.52
CA GLU P 19 -37.24 -32.51 -22.88
C GLU P 19 -35.79 -32.11 -23.19
N GLY P 20 -34.87 -32.31 -22.26
CA GLY P 20 -33.47 -31.92 -22.45
C GLY P 20 -33.25 -30.43 -22.23
N GLY P 21 -31.97 -30.02 -22.28
CA GLY P 21 -31.53 -28.66 -21.93
C GLY P 21 -30.27 -28.73 -21.06
N LYS P 22 -29.71 -27.58 -20.69
CA LYS P 22 -28.44 -27.58 -19.95
C LYS P 22 -28.59 -27.16 -18.50
N GLU P 23 -29.46 -26.20 -18.25
CA GLU P 23 -29.72 -25.69 -16.92
C GLU P 23 -31.24 -25.49 -16.75
N VAL P 24 -31.81 -26.08 -15.68
CA VAL P 24 -33.27 -26.16 -15.55
C VAL P 24 -33.72 -25.77 -14.15
N PHE P 25 -34.71 -24.88 -14.09
CA PHE P 25 -35.32 -24.50 -12.80
C PHE P 25 -36.84 -24.62 -12.86
N ILE P 26 -37.43 -24.59 -11.67
CA ILE P 26 -38.89 -24.54 -11.58
C ILE P 26 -39.31 -23.48 -10.59
N SER P 27 -40.45 -22.84 -10.89
CA SER P 27 -41.02 -21.86 -10.01
C SER P 27 -42.54 -22.01 -10.14
N GLY P 28 -43.30 -21.50 -9.17
CA GLY P 28 -44.76 -21.61 -9.20
C GLY P 28 -45.53 -20.90 -8.10
N SER P 29 -46.85 -21.08 -8.13
CA SER P 29 -47.72 -20.50 -7.13
C SER P 29 -47.42 -21.11 -5.76
N PHE P 30 -46.90 -22.34 -5.74
CA PHE P 30 -46.56 -22.99 -4.46
C PHE P 30 -45.51 -22.23 -3.66
N ASN P 31 -44.73 -21.34 -4.27
CA ASN P 31 -43.82 -20.46 -3.50
C ASN P 31 -44.01 -18.99 -3.81
N ASN P 32 -45.20 -18.61 -4.27
CA ASN P 32 -45.54 -17.25 -4.69
C ASN P 32 -44.55 -16.75 -5.76
N TRP P 33 -44.08 -17.66 -6.60
CA TRP P 33 -43.11 -17.36 -7.65
C TRP P 33 -41.88 -16.63 -7.12
N SER P 34 -41.47 -16.92 -5.90
CA SER P 34 -40.42 -16.10 -5.26
C SER P 34 -39.06 -16.53 -5.73
N THR P 35 -38.90 -17.84 -5.98
CA THR P 35 -37.61 -18.48 -6.18
C THR P 35 -37.61 -19.42 -7.40
N LYS P 36 -36.53 -19.39 -8.19
CA LYS P 36 -36.29 -20.42 -9.19
C LYS P 36 -35.53 -21.53 -8.51
N ILE P 37 -36.13 -22.71 -8.44
CA ILE P 37 -35.57 -23.82 -7.71
C ILE P 37 -34.86 -24.69 -8.72
N PRO P 38 -33.57 -25.00 -8.50
CA PRO P 38 -32.89 -25.77 -9.53
C PRO P 38 -33.39 -27.23 -9.56
N LEU P 39 -33.50 -27.81 -10.74
CA LEU P 39 -33.58 -29.26 -10.87
C LEU P 39 -32.19 -29.84 -11.08
N ILE P 40 -32.00 -31.07 -10.62
CA ILE P 40 -30.70 -31.72 -10.60
C ILE P 40 -30.66 -32.65 -11.82
N LYS P 41 -29.59 -32.59 -12.61
CA LYS P 41 -29.33 -33.58 -13.67
C LYS P 41 -29.34 -34.98 -13.10
N SER P 42 -30.06 -35.87 -13.78
CA SER P 42 -30.11 -37.30 -13.45
C SER P 42 -30.21 -38.01 -14.79
N HIS P 43 -29.06 -38.40 -15.31
CA HIS P 43 -28.98 -39.07 -16.60
C HIS P 43 -29.56 -38.16 -17.68
N ASN P 44 -30.60 -38.61 -18.38
CA ASN P 44 -31.19 -37.81 -19.45
C ASN P 44 -32.32 -36.87 -18.98
N ASP P 45 -32.54 -36.78 -17.67
CA ASP P 45 -33.57 -35.92 -17.09
C ASP P 45 -32.99 -34.84 -16.18
N PHE P 46 -33.87 -33.95 -15.76
CA PHE P 46 -33.60 -33.09 -14.63
C PHE P 46 -34.77 -33.32 -13.68
N VAL P 47 -34.44 -33.36 -12.37
CA VAL P 47 -35.37 -33.78 -11.33
C VAL P 47 -35.32 -32.86 -10.13
N ALA P 48 -36.47 -32.65 -9.52
CA ALA P 48 -36.56 -32.03 -8.22
C ALA P 48 -37.56 -32.83 -7.41
N ILE P 49 -37.46 -32.74 -6.09
CA ILE P 49 -38.57 -33.15 -5.25
C ILE P 49 -39.03 -31.95 -4.48
N LEU P 50 -40.26 -31.51 -4.76
CA LEU P 50 -40.84 -30.38 -4.04
C LEU P 50 -41.77 -30.90 -2.96
N ASP P 51 -41.70 -30.29 -1.78
CA ASP P 51 -42.59 -30.64 -0.71
C ASP P 51 -43.82 -29.77 -0.84
N LEU P 52 -44.79 -30.26 -1.61
CA LEU P 52 -45.95 -29.42 -1.95
C LEU P 52 -47.10 -29.55 -0.98
N PRO P 53 -47.77 -28.42 -0.66
CA PRO P 53 -49.00 -28.49 0.12
C PRO P 53 -50.15 -29.05 -0.68
N GLU P 54 -51.21 -29.48 -0.01
CA GLU P 54 -52.42 -29.91 -0.72
C GLU P 54 -52.93 -28.75 -1.56
N GLY P 55 -53.54 -29.12 -2.68
CA GLY P 55 -54.33 -28.22 -3.49
C GLY P 55 -53.75 -28.18 -4.88
N GLU P 56 -54.09 -27.12 -5.57
CA GLU P 56 -53.84 -26.97 -6.98
C GLU P 56 -52.75 -25.92 -7.12
N HIS P 57 -51.72 -26.19 -7.92
CA HIS P 57 -50.59 -25.27 -8.06
C HIS P 57 -50.23 -25.04 -9.52
N GLN P 58 -50.00 -23.79 -9.90
CA GLN P 58 -49.43 -23.49 -11.21
C GLN P 58 -47.94 -23.48 -11.11
N TYR P 59 -47.28 -23.84 -12.20
CA TYR P 59 -45.80 -23.88 -12.22
C TYR P 59 -45.30 -23.82 -13.62
N LYS P 60 -44.02 -23.47 -13.79
CA LYS P 60 -43.38 -23.36 -15.08
C LYS P 60 -41.90 -23.59 -14.89
N PHE P 61 -41.26 -24.04 -15.97
CA PHE P 61 -39.83 -24.30 -15.98
C PHE P 61 -39.06 -23.13 -16.60
N PHE P 62 -37.87 -22.89 -16.10
CA PHE P 62 -36.95 -21.92 -16.66
C PHE P 62 -35.73 -22.69 -17.14
N VAL P 63 -35.64 -22.84 -18.46
CA VAL P 63 -34.76 -23.77 -19.16
C VAL P 63 -33.89 -22.99 -20.13
N ASP P 64 -32.57 -23.05 -19.88
CA ASP P 64 -31.58 -22.24 -20.57
C ASP P 64 -32.05 -20.83 -20.83
N GLY P 65 -32.47 -20.14 -19.78
CA GLY P 65 -32.90 -18.76 -19.91
C GLY P 65 -34.26 -18.50 -20.52
N GLN P 66 -35.03 -19.55 -20.84
CA GLN P 66 -36.37 -19.42 -21.37
C GLN P 66 -37.44 -20.02 -20.44
N TRP P 67 -38.55 -19.33 -20.28
CA TRP P 67 -39.72 -19.89 -19.61
C TRP P 67 -40.46 -20.84 -20.55
N VAL P 68 -40.65 -22.08 -20.11
CA VAL P 68 -41.32 -23.09 -20.93
C VAL P 68 -42.12 -24.05 -20.05
N HIS P 69 -43.22 -24.55 -20.59
CA HIS P 69 -44.08 -25.49 -19.89
C HIS P 69 -43.69 -26.89 -20.34
N ASP P 70 -44.09 -27.88 -19.56
CA ASP P 70 -44.01 -29.27 -19.92
C ASP P 70 -45.24 -29.62 -20.78
N PRO P 71 -45.01 -29.95 -22.07
CA PRO P 71 -46.12 -30.32 -22.95
C PRO P 71 -46.87 -31.58 -22.58
N SER P 72 -46.32 -32.46 -21.74
CA SER P 72 -47.03 -33.66 -21.27
C SER P 72 -47.90 -33.43 -20.03
N GLU P 73 -47.90 -32.23 -19.46
CA GLU P 73 -48.75 -31.98 -18.31
C GLU P 73 -49.76 -30.91 -18.62
N PRO P 74 -50.87 -30.86 -17.86
CA PRO P 74 -51.94 -29.94 -18.23
C PRO P 74 -51.49 -28.48 -18.08
N VAL P 75 -52.15 -27.61 -18.84
CA VAL P 75 -51.77 -26.22 -18.87
C VAL P 75 -52.95 -25.34 -18.57
N VAL P 76 -52.67 -24.20 -17.97
CA VAL P 76 -53.66 -23.18 -17.77
C VAL P 76 -53.07 -21.83 -18.07
N THR P 77 -53.91 -20.81 -18.08
CA THR P 77 -53.43 -19.44 -18.11
C THR P 77 -53.36 -18.84 -16.72
N SER P 78 -52.34 -18.04 -16.47
CA SER P 78 -52.25 -17.33 -15.21
C SER P 78 -53.07 -16.06 -15.31
N GLN P 79 -53.10 -15.33 -14.20
CA GLN P 79 -53.73 -14.02 -14.17
C GLN P 79 -52.87 -12.95 -14.85
N LEU P 80 -51.67 -13.32 -15.28
CA LEU P 80 -50.83 -12.48 -16.11
C LEU P 80 -51.11 -12.75 -17.60
N GLY P 81 -51.96 -13.74 -17.89
CA GLY P 81 -52.25 -14.16 -19.25
C GLY P 81 -51.31 -15.23 -19.77
N THR P 82 -50.28 -15.58 -19.00
CA THR P 82 -49.25 -16.47 -19.49
C THR P 82 -49.62 -17.91 -19.26
N ILE P 83 -48.94 -18.81 -19.98
CA ILE P 83 -49.19 -20.24 -19.92
C ILE P 83 -48.30 -20.97 -18.88
N ASN P 84 -48.95 -21.59 -17.91
CA ASN P 84 -48.31 -22.49 -16.92
C ASN P 84 -48.92 -23.88 -16.96
N ASN P 85 -48.14 -24.83 -16.47
CA ASN P 85 -48.64 -26.10 -16.07
C ASN P 85 -49.43 -26.02 -14.76
N LEU P 86 -50.30 -26.99 -14.56
CA LEU P 86 -51.12 -27.10 -13.38
C LEU P 86 -50.91 -28.47 -12.79
N ILE P 87 -50.75 -28.55 -11.47
CA ILE P 87 -50.70 -29.85 -10.79
C ILE P 87 -51.73 -29.86 -9.65
N HIS P 88 -52.44 -30.96 -9.52
CA HIS P 88 -53.43 -31.14 -8.45
C HIS P 88 -52.76 -32.01 -7.42
N VAL P 89 -52.43 -31.47 -6.26
CA VAL P 89 -51.84 -32.27 -5.20
C VAL P 89 -52.94 -32.60 -4.24
N LYS P 90 -53.30 -33.87 -4.20
CA LYS P 90 -54.28 -34.39 -3.26
C LYS P 90 -53.68 -34.46 -1.89
N ASN Q 7 -40.61 28.74 -21.16
CA ASN Q 7 -40.29 30.14 -21.57
C ASN Q 7 -38.85 30.25 -22.09
N SER Q 8 -38.64 31.18 -22.98
CA SER Q 8 -37.40 31.28 -23.72
C SER Q 8 -36.21 31.62 -22.85
N GLN Q 9 -36.45 32.37 -21.78
CA GLN Q 9 -35.41 32.73 -20.83
C GLN Q 9 -34.95 31.63 -19.89
N ALA Q 10 -35.72 30.55 -19.78
CA ALA Q 10 -35.40 29.56 -18.78
C ALA Q 10 -34.10 28.84 -19.08
N ARG Q 11 -33.39 28.46 -18.04
CA ARG Q 11 -32.22 27.62 -18.15
C ARG Q 11 -32.65 26.21 -17.78
N PRO Q 12 -32.93 25.37 -18.79
CA PRO Q 12 -33.22 23.98 -18.40
C PRO Q 12 -32.02 23.47 -17.69
N THR Q 13 -32.23 22.99 -16.49
CA THR Q 13 -31.18 22.62 -15.59
C THR Q 13 -31.46 21.23 -15.06
N VAL Q 14 -30.51 20.33 -15.26
CA VAL Q 14 -30.63 18.94 -14.83
C VAL Q 14 -30.32 18.90 -13.35
N ILE Q 15 -31.24 18.31 -12.59
CA ILE Q 15 -31.06 18.10 -11.17
C ILE Q 15 -30.97 16.61 -11.00
N ARG Q 16 -30.06 16.18 -10.14
CA ARG Q 16 -29.71 14.80 -10.01
C ARG Q 16 -29.72 14.42 -8.55
N TRP Q 17 -30.52 13.44 -8.16
CA TRP Q 17 -30.40 12.85 -6.83
C TRP Q 17 -29.74 11.48 -6.98
N SER Q 18 -28.54 11.34 -6.42
CA SER Q 18 -27.74 10.13 -6.54
C SER Q 18 -27.53 9.48 -5.19
N GLU Q 19 -28.41 9.74 -4.21
CA GLU Q 19 -28.29 9.14 -2.88
C GLU Q 19 -29.34 8.04 -2.64
N GLY Q 20 -30.13 7.70 -3.66
CA GLY Q 20 -31.08 6.61 -3.53
C GLY Q 20 -32.29 6.96 -2.68
N GLY Q 21 -33.17 5.99 -2.54
CA GLY Q 21 -34.52 6.19 -2.02
C GLY Q 21 -35.49 5.74 -3.09
N LYS Q 22 -36.77 5.76 -2.78
CA LYS Q 22 -37.81 5.30 -3.71
C LYS Q 22 -38.49 6.48 -4.37
N GLU Q 23 -38.80 7.50 -3.57
CA GLU Q 23 -39.62 8.58 -4.03
C GLU Q 23 -38.95 9.91 -3.73
N VAL Q 24 -38.80 10.74 -4.76
CA VAL Q 24 -37.89 11.90 -4.69
C VAL Q 24 -38.55 13.12 -5.35
N PHE Q 25 -38.61 14.22 -4.60
CA PHE Q 25 -39.12 15.48 -5.08
C PHE Q 25 -38.15 16.56 -4.76
N ILE Q 26 -38.31 17.71 -5.43
CA ILE Q 26 -37.54 18.90 -5.12
C ILE Q 26 -38.51 20.06 -4.95
N SER Q 27 -38.18 20.94 -4.00
CA SER Q 27 -38.81 22.24 -3.87
C SER Q 27 -37.75 23.32 -3.60
N GLY Q 28 -38.10 24.58 -3.80
CA GLY Q 28 -37.13 25.66 -3.52
C GLY Q 28 -37.68 27.04 -3.73
N SER Q 29 -36.82 28.04 -3.56
CA SER Q 29 -37.23 29.42 -3.72
C SER Q 29 -37.62 29.73 -5.19
N PHE Q 30 -37.12 28.93 -6.11
CA PHE Q 30 -37.45 29.07 -7.54
C PHE Q 30 -38.94 28.89 -7.85
N ASN Q 31 -39.67 28.20 -6.97
CA ASN Q 31 -41.17 28.14 -7.08
C ASN Q 31 -41.93 28.68 -5.85
N ASN Q 32 -41.26 29.53 -5.08
CA ASN Q 32 -41.75 30.01 -3.80
C ASN Q 32 -42.15 28.87 -2.85
N TRP Q 33 -41.44 27.73 -2.95
CA TRP Q 33 -41.74 26.56 -2.14
C TRP Q 33 -43.20 26.15 -2.27
N SER Q 34 -43.80 26.41 -3.41
CA SER Q 34 -45.25 26.24 -3.50
C SER Q 34 -45.61 24.76 -3.68
N THR Q 35 -44.71 24.01 -4.31
CA THR Q 35 -45.00 22.69 -4.85
C THR Q 35 -43.81 21.76 -4.55
N LYS Q 36 -44.05 20.45 -4.36
CA LYS Q 36 -42.92 19.47 -4.49
C LYS Q 36 -42.94 18.93 -5.92
N ILE Q 37 -41.85 19.12 -6.65
CA ILE Q 37 -41.73 18.67 -8.03
C ILE Q 37 -41.11 17.25 -8.06
N PRO Q 38 -41.78 16.27 -8.71
CA PRO Q 38 -41.20 14.93 -8.70
C PRO Q 38 -39.91 14.84 -9.55
N LEU Q 39 -38.95 14.05 -9.08
CA LEU Q 39 -37.80 13.64 -9.90
C LEU Q 39 -38.15 12.27 -10.50
N ILE Q 40 -37.63 11.98 -11.70
CA ILE Q 40 -37.91 10.72 -12.37
C ILE Q 40 -36.71 9.75 -12.31
N LYS Q 41 -37.02 8.50 -11.97
CA LYS Q 41 -36.04 7.45 -11.79
C LYS Q 41 -35.34 7.20 -13.11
N SER Q 42 -34.02 7.15 -13.04
CA SER Q 42 -33.19 6.87 -14.21
C SER Q 42 -32.11 5.98 -13.66
N HIS Q 43 -32.38 4.69 -13.68
CA HIS Q 43 -31.46 3.66 -13.25
C HIS Q 43 -31.06 3.87 -11.79
N ASN Q 44 -29.85 4.35 -11.54
CA ASN Q 44 -29.38 4.57 -10.16
C ASN Q 44 -29.87 5.91 -9.57
N ASP Q 45 -30.06 6.90 -10.43
CA ASP Q 45 -30.41 8.24 -9.98
C ASP Q 45 -31.88 8.49 -10.00
N PHE Q 46 -32.22 9.71 -9.55
CA PHE Q 46 -33.48 10.33 -9.88
C PHE Q 46 -33.15 11.67 -10.53
N VAL Q 47 -33.96 12.04 -11.53
CA VAL Q 47 -33.61 13.18 -12.39
C VAL Q 47 -34.82 14.05 -12.71
N ALA Q 48 -34.57 15.35 -12.68
CA ALA Q 48 -35.52 16.29 -13.19
C ALA Q 48 -34.76 17.33 -13.99
N ILE Q 49 -35.46 17.92 -14.95
CA ILE Q 49 -34.98 19.09 -15.63
C ILE Q 49 -35.92 20.22 -15.23
N LEU Q 50 -35.40 21.15 -14.45
CA LEU Q 50 -36.17 22.31 -14.04
C LEU Q 50 -35.82 23.46 -14.94
N ASP Q 51 -36.84 24.18 -15.40
CA ASP Q 51 -36.61 25.37 -16.18
C ASP Q 51 -36.47 26.55 -15.24
N LEU Q 52 -35.23 26.85 -14.90
CA LEU Q 52 -34.98 27.78 -13.82
C LEU Q 52 -34.69 29.16 -14.33
N PRO Q 53 -35.17 30.19 -13.61
CA PRO Q 53 -34.76 31.54 -14.00
C PRO Q 53 -33.35 31.87 -13.57
N GLU Q 54 -32.83 32.90 -14.19
CA GLU Q 54 -31.53 33.41 -13.84
C GLU Q 54 -31.57 33.79 -12.35
N GLY Q 55 -30.46 33.55 -11.64
CA GLY Q 55 -30.39 33.94 -10.23
C GLY Q 55 -29.87 32.88 -9.28
N GLU Q 56 -30.00 33.14 -8.01
CA GLU Q 56 -29.49 32.24 -7.03
C GLU Q 56 -30.71 31.65 -6.30
N HIS Q 57 -30.76 30.34 -6.19
CA HIS Q 57 -31.97 29.70 -5.66
C HIS Q 57 -31.60 28.74 -4.58
N GLN Q 58 -32.41 28.72 -3.53
CA GLN Q 58 -32.30 27.73 -2.49
C GLN Q 58 -33.24 26.59 -2.80
N TYR Q 59 -32.82 25.38 -2.49
CA TYR Q 59 -33.66 24.22 -2.77
C TYR Q 59 -33.31 23.10 -1.81
N LYS Q 60 -34.20 22.11 -1.81
CA LYS Q 60 -34.04 20.96 -0.96
C LYS Q 60 -34.91 19.82 -1.47
N PHE Q 61 -34.48 18.59 -1.18
CA PHE Q 61 -35.19 17.40 -1.64
C PHE Q 61 -36.07 16.81 -0.55
N PHE Q 62 -37.15 16.18 -0.98
CA PHE Q 62 -38.09 15.46 -0.10
C PHE Q 62 -38.00 14.00 -0.54
N VAL Q 63 -37.26 13.20 0.21
CA VAL Q 63 -36.93 11.84 -0.19
C VAL Q 63 -37.61 10.87 0.77
N ASP Q 64 -38.55 10.08 0.25
CA ASP Q 64 -39.29 9.12 1.07
C ASP Q 64 -39.78 9.77 2.34
N GLY Q 65 -40.45 10.91 2.21
CA GLY Q 65 -41.11 11.56 3.33
C GLY Q 65 -40.25 12.48 4.17
N GLN Q 66 -38.95 12.56 3.87
CA GLN Q 66 -38.03 13.37 4.67
C GLN Q 66 -37.32 14.45 3.83
N TRP Q 67 -37.12 15.62 4.44
CA TRP Q 67 -36.41 16.74 3.79
C TRP Q 67 -34.92 16.55 3.89
N VAL Q 68 -34.24 16.39 2.76
CA VAL Q 68 -32.79 16.13 2.77
C VAL Q 68 -32.08 16.98 1.69
N HIS Q 69 -30.85 17.35 2.00
CA HIS Q 69 -30.02 18.12 1.10
C HIS Q 69 -29.10 17.15 0.35
N ASP Q 70 -28.58 17.64 -0.76
CA ASP Q 70 -27.62 16.94 -1.57
C ASP Q 70 -26.22 17.25 -1.01
N PRO Q 71 -25.51 16.23 -0.48
CA PRO Q 71 -24.16 16.41 0.08
C PRO Q 71 -23.12 16.88 -0.92
N SER Q 72 -23.37 16.68 -2.22
CA SER Q 72 -22.39 17.06 -3.25
C SER Q 72 -22.46 18.53 -3.68
N GLU Q 73 -23.49 19.24 -3.24
CA GLU Q 73 -23.69 20.63 -3.68
C GLU Q 73 -23.63 21.59 -2.52
N PRO Q 74 -23.29 22.86 -2.79
CA PRO Q 74 -23.16 23.81 -1.70
C PRO Q 74 -24.49 23.97 -0.90
N VAL Q 75 -24.36 24.44 0.34
CA VAL Q 75 -25.48 24.59 1.24
C VAL Q 75 -25.46 25.97 1.88
N VAL Q 76 -26.60 26.36 2.43
CA VAL Q 76 -26.80 27.67 3.01
C VAL Q 76 -27.84 27.47 4.11
N THR Q 77 -27.97 28.40 5.05
CA THR Q 77 -28.93 28.29 6.13
C THR Q 77 -30.12 29.19 5.78
N SER Q 78 -31.35 28.65 5.82
CA SER Q 78 -32.56 29.42 5.46
C SER Q 78 -32.90 30.36 6.60
N GLN Q 79 -33.79 31.33 6.36
CA GLN Q 79 -34.24 32.21 7.45
C GLN Q 79 -35.03 31.42 8.50
N LEU Q 80 -35.44 30.22 8.12
CA LEU Q 80 -36.04 29.27 9.04
C LEU Q 80 -34.99 28.54 9.89
N GLY Q 81 -33.70 28.71 9.60
CA GLY Q 81 -32.64 27.97 10.29
C GLY Q 81 -32.50 26.52 9.81
N THR Q 82 -33.01 26.24 8.61
CA THR Q 82 -32.91 24.89 8.00
C THR Q 82 -31.87 24.92 6.88
N ILE Q 83 -31.32 23.76 6.56
CA ILE Q 83 -30.24 23.69 5.60
C ILE Q 83 -30.80 23.42 4.22
N ASN Q 84 -30.48 24.31 3.29
CA ASN Q 84 -30.85 24.08 1.89
C ASN Q 84 -29.61 24.01 1.03
N ASN Q 85 -29.74 23.36 -0.14
CA ASN Q 85 -28.79 23.58 -1.20
C ASN Q 85 -28.95 24.96 -1.82
N LEU Q 86 -27.86 25.42 -2.43
CA LEU Q 86 -27.84 26.68 -3.15
C LEU Q 86 -27.34 26.40 -4.55
N ILE Q 87 -28.02 26.94 -5.57
CA ILE Q 87 -27.53 26.86 -6.95
C ILE Q 87 -27.49 28.28 -7.54
N HIS Q 88 -26.44 28.63 -8.27
CA HIS Q 88 -26.42 29.92 -8.97
C HIS Q 88 -26.65 29.63 -10.43
N VAL Q 89 -27.75 30.10 -10.97
CA VAL Q 89 -28.09 29.86 -12.35
C VAL Q 89 -27.68 31.15 -13.08
N LYS Q 90 -26.62 31.04 -13.89
CA LYS Q 90 -26.15 32.20 -14.62
C LYS Q 90 -27.10 32.45 -15.80
N ASN R 7 -58.47 8.29 -19.15
CA ASN R 7 -57.68 8.55 -20.41
C ASN R 7 -56.16 8.58 -20.17
N SER R 8 -55.51 7.51 -20.62
CA SER R 8 -54.08 7.27 -20.42
C SER R 8 -53.23 8.49 -20.81
N GLN R 9 -52.34 8.93 -19.93
CA GLN R 9 -51.49 10.10 -20.18
C GLN R 9 -50.02 9.76 -20.35
N ALA R 10 -49.34 10.51 -21.22
CA ALA R 10 -47.94 10.24 -21.49
C ALA R 10 -47.14 10.30 -20.18
N ARG R 11 -46.17 9.40 -20.03
CA ARG R 11 -45.26 9.43 -18.90
C ARG R 11 -43.96 10.15 -19.24
N PRO R 12 -43.57 11.12 -18.39
CA PRO R 12 -42.22 11.66 -18.41
C PRO R 12 -41.18 10.53 -18.27
N THR R 13 -40.25 10.43 -19.23
CA THR R 13 -39.24 9.40 -19.26
C THR R 13 -37.86 10.00 -19.51
N VAL R 14 -36.86 9.50 -18.79
CA VAL R 14 -35.52 10.05 -18.84
C VAL R 14 -34.77 9.33 -19.93
N ILE R 15 -34.11 10.09 -20.80
CA ILE R 15 -33.20 9.54 -21.77
C ILE R 15 -31.83 10.08 -21.42
N ARG R 16 -30.86 9.18 -21.24
CA ARG R 16 -29.52 9.55 -20.84
C ARG R 16 -28.53 9.08 -21.90
N TRP R 17 -27.70 9.99 -22.41
CA TRP R 17 -26.69 9.65 -23.39
C TRP R 17 -25.35 9.85 -22.74
N SER R 18 -24.59 8.76 -22.66
CA SER R 18 -23.36 8.70 -21.90
C SER R 18 -22.10 8.61 -22.76
N GLU R 19 -22.25 8.41 -24.06
CA GLU R 19 -21.10 8.10 -24.92
C GLU R 19 -20.28 9.34 -25.25
N GLY R 20 -20.89 10.52 -25.13
CA GLY R 20 -20.16 11.77 -25.25
C GLY R 20 -20.38 12.46 -26.58
N GLY R 21 -19.61 13.53 -26.83
CA GLY R 21 -19.83 14.42 -27.96
C GLY R 21 -20.24 15.80 -27.48
N LYS R 22 -20.60 16.67 -28.42
CA LYS R 22 -20.90 18.05 -28.11
C LYS R 22 -22.35 18.46 -28.41
N GLU R 23 -22.89 18.03 -29.54
CA GLU R 23 -24.22 18.45 -29.96
C GLU R 23 -25.04 17.18 -30.13
N VAL R 24 -26.00 16.99 -29.22
CA VAL R 24 -26.71 15.73 -29.08
C VAL R 24 -28.20 15.97 -29.23
N PHE R 25 -28.86 15.18 -30.07
CA PHE R 25 -30.31 15.24 -30.26
C PHE R 25 -30.90 13.85 -30.20
N ILE R 26 -32.22 13.80 -30.05
CA ILE R 26 -32.96 12.57 -30.13
C ILE R 26 -34.16 12.76 -31.04
N SER R 27 -34.49 11.70 -31.78
CA SER R 27 -35.77 11.57 -32.44
C SER R 27 -36.26 10.13 -32.30
N GLY R 28 -37.54 9.90 -32.62
CA GLY R 28 -38.09 8.56 -32.58
C GLY R 28 -39.52 8.42 -33.11
N SER R 29 -40.04 7.21 -33.02
CA SER R 29 -41.41 6.91 -33.44
C SER R 29 -42.43 7.69 -32.64
N PHE R 30 -42.06 8.01 -31.41
CA PHE R 30 -42.88 8.83 -30.53
C PHE R 30 -43.36 10.16 -31.12
N ASN R 31 -42.51 10.85 -31.87
CA ASN R 31 -42.94 12.11 -32.53
C ASN R 31 -43.06 11.93 -34.04
N ASN R 32 -43.28 10.66 -34.48
CA ASN R 32 -43.23 10.29 -35.89
C ASN R 32 -41.94 10.78 -36.57
N TRP R 33 -40.83 10.79 -35.85
CA TRP R 33 -39.57 11.35 -36.41
C TRP R 33 -39.78 12.72 -37.06
N SER R 34 -40.72 13.50 -36.52
CA SER R 34 -41.05 14.83 -37.08
C SER R 34 -39.96 15.87 -36.83
N THR R 35 -39.29 15.79 -35.69
CA THR R 35 -38.17 16.71 -35.41
C THR R 35 -37.07 16.05 -34.56
N LYS R 36 -35.94 16.76 -34.38
CA LYS R 36 -34.83 16.34 -33.52
C LYS R 36 -34.78 17.20 -32.27
N ILE R 37 -34.84 16.55 -31.11
CA ILE R 37 -35.00 17.23 -29.83
C ILE R 37 -33.65 17.37 -29.12
N PRO R 38 -33.25 18.61 -28.73
CA PRO R 38 -31.93 18.76 -28.12
C PRO R 38 -31.87 18.14 -26.73
N LEU R 39 -30.74 17.51 -26.37
CA LEU R 39 -30.48 17.08 -24.97
C LEU R 39 -29.64 18.14 -24.25
N ILE R 40 -29.74 18.12 -22.92
CA ILE R 40 -29.06 19.07 -22.03
C ILE R 40 -27.84 18.42 -21.36
N LYS R 41 -26.68 19.06 -21.40
CA LYS R 41 -25.47 18.51 -20.76
C LYS R 41 -25.63 18.49 -19.24
N SER R 42 -25.06 17.48 -18.60
CA SER R 42 -25.11 17.34 -17.15
C SER R 42 -23.87 16.60 -16.71
N HIS R 43 -22.90 17.37 -16.22
CA HIS R 43 -21.57 16.86 -16.02
C HIS R 43 -21.17 16.11 -17.28
N ASN R 44 -20.98 14.80 -17.21
CA ASN R 44 -20.55 14.05 -18.39
C ASN R 44 -21.66 13.46 -19.26
N ASP R 45 -22.86 13.31 -18.69
CA ASP R 45 -24.03 12.86 -19.44
C ASP R 45 -24.68 14.01 -20.24
N PHE R 46 -25.47 13.63 -21.25
CA PHE R 46 -26.50 14.49 -21.84
C PHE R 46 -27.86 13.87 -21.48
N VAL R 47 -28.85 14.72 -21.17
CA VAL R 47 -30.17 14.24 -20.73
C VAL R 47 -31.30 14.96 -21.43
N ALA R 48 -32.37 14.21 -21.64
CA ALA R 48 -33.67 14.72 -22.02
C ALA R 48 -34.72 14.00 -21.17
N ILE R 49 -35.87 14.63 -21.04
CA ILE R 49 -37.01 13.99 -20.43
C ILE R 49 -38.11 14.11 -21.44
N LEU R 50 -38.63 12.97 -21.87
CA LEU R 50 -39.70 12.93 -22.88
C LEU R 50 -40.99 12.40 -22.25
N ASP R 51 -42.13 12.98 -22.64
CA ASP R 51 -43.44 12.45 -22.25
C ASP R 51 -43.84 11.34 -23.22
N LEU R 52 -43.61 10.10 -22.82
CA LEU R 52 -43.93 8.94 -23.69
C LEU R 52 -45.20 8.18 -23.28
N PRO R 53 -46.10 7.95 -24.26
CA PRO R 53 -47.27 7.12 -24.03
C PRO R 53 -46.85 5.71 -23.66
N GLU R 54 -47.68 5.03 -22.88
CA GLU R 54 -47.44 3.61 -22.59
C GLU R 54 -47.21 2.81 -23.89
N GLY R 55 -46.27 1.89 -23.87
CA GLY R 55 -45.98 1.09 -25.06
C GLY R 55 -44.51 1.14 -25.46
N GLU R 56 -44.22 0.63 -26.65
CA GLU R 56 -42.85 0.53 -27.16
C GLU R 56 -42.58 1.74 -28.00
N HIS R 57 -41.35 2.26 -27.94
CA HIS R 57 -40.91 3.29 -28.90
C HIS R 57 -39.51 3.08 -29.40
N GLN R 58 -39.33 3.25 -30.70
CA GLN R 58 -38.00 3.32 -31.30
C GLN R 58 -37.48 4.76 -31.27
N TYR R 59 -36.20 4.91 -31.00
CA TYR R 59 -35.55 6.20 -30.98
C TYR R 59 -34.09 6.05 -31.42
N LYS R 60 -33.47 7.18 -31.76
CA LYS R 60 -32.07 7.22 -32.18
C LYS R 60 -31.52 8.61 -31.92
N PHE R 61 -30.22 8.66 -31.68
CA PHE R 61 -29.55 9.89 -31.34
C PHE R 61 -28.90 10.45 -32.59
N PHE R 62 -28.77 11.77 -32.62
CA PHE R 62 -28.02 12.46 -33.64
C PHE R 62 -27.00 13.31 -32.91
N VAL R 63 -25.74 12.88 -32.98
CA VAL R 63 -24.67 13.42 -32.18
C VAL R 63 -23.60 13.94 -33.13
N ASP R 64 -23.38 15.25 -33.11
CA ASP R 64 -22.36 15.91 -33.95
C ASP R 64 -22.41 15.40 -35.38
N GLY R 65 -23.60 15.51 -35.99
CA GLY R 65 -23.82 15.20 -37.41
C GLY R 65 -24.01 13.74 -37.83
N GLN R 66 -23.97 12.79 -36.89
CA GLN R 66 -24.12 11.37 -37.19
C GLN R 66 -25.24 10.76 -36.37
N TRP R 67 -26.08 9.94 -36.99
CA TRP R 67 -27.03 9.11 -36.26
C TRP R 67 -26.33 7.96 -35.56
N VAL R 68 -26.66 7.74 -34.28
CA VAL R 68 -26.06 6.65 -33.51
C VAL R 68 -27.07 6.13 -32.51
N HIS R 69 -26.95 4.85 -32.17
CA HIS R 69 -27.79 4.25 -31.15
C HIS R 69 -26.98 4.10 -29.89
N ASP R 70 -27.65 3.94 -28.75
CA ASP R 70 -26.97 3.68 -27.49
C ASP R 70 -26.66 2.18 -27.40
N PRO R 71 -25.38 1.82 -27.29
CA PRO R 71 -25.03 0.39 -27.31
C PRO R 71 -25.33 -0.31 -25.99
N SER R 72 -25.67 0.45 -24.96
CA SER R 72 -26.13 -0.13 -23.71
C SER R 72 -27.65 -0.38 -23.66
N GLU R 73 -28.42 0.03 -24.65
CA GLU R 73 -29.87 -0.16 -24.52
C GLU R 73 -30.36 -1.15 -25.56
N PRO R 74 -31.54 -1.74 -25.34
CA PRO R 74 -32.11 -2.65 -26.33
C PRO R 74 -32.21 -1.99 -27.70
N VAL R 75 -32.04 -2.79 -28.74
CA VAL R 75 -32.08 -2.33 -30.12
C VAL R 75 -33.04 -3.15 -31.00
N VAL R 76 -33.34 -2.60 -32.16
CA VAL R 76 -34.25 -3.20 -33.11
C VAL R 76 -33.95 -2.57 -34.48
N THR R 77 -34.25 -3.27 -35.56
CA THR R 77 -34.11 -2.65 -36.86
C THR R 77 -35.43 -2.09 -37.35
N SER R 78 -35.37 -0.90 -37.90
CA SER R 78 -36.56 -0.25 -38.42
C SER R 78 -36.95 -0.94 -39.71
N GLN R 79 -38.09 -0.55 -40.26
CA GLN R 79 -38.50 -1.06 -41.57
C GLN R 79 -37.64 -0.42 -42.67
N LEU R 80 -36.83 0.57 -42.30
CA LEU R 80 -35.86 1.13 -43.23
C LEU R 80 -34.53 0.38 -43.19
N GLY R 81 -34.39 -0.60 -42.30
CA GLY R 81 -33.17 -1.39 -42.23
C GLY R 81 -32.14 -0.75 -41.33
N THR R 82 -32.58 0.14 -40.46
CA THR R 82 -31.66 0.91 -39.67
C THR R 82 -31.71 0.46 -38.21
N ILE R 83 -30.65 0.70 -37.47
CA ILE R 83 -30.61 0.30 -36.06
C ILE R 83 -31.11 1.44 -35.19
N ASN R 84 -32.19 1.20 -34.45
CA ASN R 84 -32.71 2.12 -33.44
C ASN R 84 -32.63 1.50 -32.05
N ASN R 85 -32.73 2.30 -31.00
CA ASN R 85 -32.93 1.74 -29.68
C ASN R 85 -34.43 1.56 -29.50
N LEU R 86 -34.79 0.75 -28.51
CA LEU R 86 -36.19 0.49 -28.22
C LEU R 86 -36.41 0.69 -26.72
N ILE R 87 -37.52 1.32 -26.37
CA ILE R 87 -37.89 1.54 -24.98
C ILE R 87 -39.32 1.07 -24.81
N HIS R 88 -39.58 0.34 -23.72
CA HIS R 88 -40.95 0.06 -23.29
C HIS R 88 -41.27 1.05 -22.18
N VAL R 89 -42.44 1.67 -22.26
CA VAL R 89 -42.93 2.59 -21.23
C VAL R 89 -44.14 1.97 -20.57
N LYS R 90 -44.04 1.62 -19.29
CA LYS R 90 -45.16 1.06 -18.52
C LYS R 90 -46.25 2.12 -18.29
C1 GLC S . 36.39 11.17 -4.76
C2 GLC S . 35.94 10.07 -3.80
C3 GLC S . 36.44 8.71 -4.28
C4 GLC S . 35.95 8.48 -5.72
C5 GLC S . 36.31 9.65 -6.64
C6 GLC S . 35.81 9.53 -8.07
O2 GLC S . 36.40 10.36 -2.48
O3 GLC S . 36.04 7.64 -3.39
O4 GLC S . 36.59 7.31 -6.19
O5 GLC S . 35.88 10.89 -6.08
O6 GLC S . 36.49 10.55 -8.83
C1 GLC S . 35.78 6.35 -6.87
C2 GLC S . 35.79 5.03 -6.09
C3 GLC S . 37.18 4.43 -6.13
C4 GLC S . 37.70 4.27 -7.56
C5 GLC S . 37.65 5.61 -8.26
C6 GLC S . 38.03 5.48 -9.74
O2 GLC S . 35.40 5.20 -4.72
O3 GLC S . 37.18 3.16 -5.56
O4 GLC S . 39.03 3.83 -7.50
O5 GLC S . 36.31 6.14 -8.18
O6 GLC S . 37.94 6.79 -10.28
C1 GLC S . 39.45 2.74 -8.34
C2 GLC S . 40.09 1.68 -7.47
C3 GLC S . 41.37 2.20 -6.79
C4 GLC S . 42.32 2.70 -7.80
C5 GLC S . 41.60 3.78 -8.56
C6 GLC S . 42.52 4.44 -9.56
O2 GLC S . 39.23 1.35 -6.40
O3 GLC S . 42.03 1.25 -5.96
O4 GLC S . 43.40 3.26 -7.05
O5 GLC S . 40.46 3.22 -9.22
O6 GLC S . 42.42 3.73 -10.79
C1 GLC S . 44.74 2.76 -7.30
C2 GLC S . 45.46 2.63 -5.97
C3 GLC S . 45.69 4.01 -5.35
C4 GLC S . 46.35 4.99 -6.32
C5 GLC S . 45.55 5.00 -7.60
C6 GLC S . 46.12 5.88 -8.69
O2 GLC S . 44.70 1.82 -5.06
O3 GLC S . 46.43 3.91 -4.12
O4 GLC S . 46.31 6.29 -5.74
O5 GLC S . 45.49 3.67 -8.09
O6 GLC S . 46.99 5.08 -9.49
C1 GLC S . 47.51 6.94 -5.41
C2 GLC S . 47.51 7.34 -3.94
C3 GLC S . 46.41 8.36 -3.64
C4 GLC S . 46.57 9.55 -4.57
C5 GLC S . 46.62 9.10 -6.05
C6 GLC S . 46.94 10.16 -7.10
O2 GLC S . 47.33 6.15 -3.19
O3 GLC S . 46.54 8.81 -2.28
O4 GLC S . 45.47 10.43 -4.26
O5 GLC S . 47.61 8.11 -6.24
O6 GLC S . 48.23 10.76 -6.80
C1 GLC S . 45.76 11.80 -4.04
C2 GLC S . 45.16 12.29 -2.73
C3 GLC S . 43.63 12.18 -2.80
C4 GLC S . 43.10 12.97 -3.99
C5 GLC S . 43.80 12.57 -5.29
C6 GLC S . 43.48 13.62 -6.37
O2 GLC S . 45.63 11.52 -1.64
O3 GLC S . 43.01 12.73 -1.64
O4 GLC S . 41.70 12.69 -4.11
O5 GLC S . 45.24 12.54 -5.14
O6 GLC S . 43.73 12.93 -7.58
C1 GLC S . 40.91 13.86 -4.31
C2 GLC S . 39.88 13.90 -3.22
C3 GLC S . 39.00 12.64 -3.30
C4 GLC S . 38.42 12.50 -4.67
C5 GLC S . 39.39 12.74 -5.85
C6 GLC S . 38.73 12.87 -7.21
O2 GLC S . 40.55 13.98 -1.94
O3 GLC S . 37.95 12.72 -2.33
O4 GLC S . 37.83 11.22 -4.75
O5 GLC S . 40.36 13.77 -5.64
O6 GLC S . 39.66 12.40 -8.19
C1 GLC S . 36.26 10.48 -10.21
C2 GLC S . 37.20 11.43 -10.95
C3 GLC S . 36.88 12.90 -10.68
C4 GLC S . 35.40 13.11 -11.00
C5 GLC S . 34.52 12.14 -10.16
C6 GLC S . 33.02 12.39 -10.37
O2 GLC S . 38.57 11.19 -10.59
O3 GLC S . 37.79 13.68 -11.50
O4 GLC S . 35.01 14.45 -10.67
O5 GLC S . 34.88 10.80 -10.49
O6 GLC S . 32.66 12.15 -11.75
C1 GLC T . -7.24 -3.05 19.61
C2 GLC T . -6.29 -3.94 20.33
C3 GLC T . -7.08 -5.08 21.02
C4 GLC T . -8.13 -4.49 21.91
C5 GLC T . -9.00 -3.50 21.15
C6 GLC T . -10.05 -2.82 21.97
O2 GLC T . -5.27 -4.38 19.42
O3 GLC T . -6.12 -5.89 21.69
O4 GLC T . -8.97 -5.52 22.43
O5 GLC T . -8.18 -2.49 20.52
O6 GLC T . -10.97 -2.19 21.12
C1 GLC T . -9.13 -5.59 23.84
C2 GLC T . -8.53 -6.83 24.50
C3 GLC T . -9.23 -8.08 23.97
C4 GLC T . -10.72 -8.03 24.15
C5 GLC T . -11.26 -6.74 23.60
C6 GLC T . -12.72 -6.58 24.03
O2 GLC T . -7.12 -6.97 24.25
O3 GLC T . -8.77 -9.24 24.63
O4 GLC T . -11.28 -9.15 23.41
O5 GLC T . -10.51 -5.60 24.11
O6 GLC T . -13.36 -5.92 22.96
C1 GLC T . -12.26 -9.94 24.13
C2 GLC T . -11.73 -11.36 24.24
C3 GLC T . -11.66 -11.96 22.84
C4 GLC T . -12.98 -11.86 22.15
C5 GLC T . -13.44 -10.43 22.12
C6 GLC T . -14.77 -10.32 21.41
O2 GLC T . -10.41 -11.47 24.75
O3 GLC T . -11.25 -13.32 22.93
O4 GLC T . -12.75 -12.33 20.83
O5 GLC T . -13.51 -9.89 23.45
O6 GLC T . -15.48 -9.21 21.98
C1 GLC T . -13.59 -13.42 20.42
C2 GLC T . -12.72 -14.37 19.64
C3 GLC T . -12.17 -13.61 18.44
C4 GLC T . -13.31 -13.12 17.56
C5 GLC T . -14.25 -12.27 18.36
C6 GLC T . -15.47 -11.91 17.54
O2 GLC T . -11.65 -14.80 20.48
O3 GLC T . -11.23 -14.41 17.72
O4 GLC T . -12.75 -12.25 16.56
O5 GLC T . -14.65 -12.95 19.58
O6 GLC T . -16.18 -10.90 18.25
C1 GLC T . -13.07 -12.43 15.18
C2 GLC T . -11.76 -12.54 14.46
C3 GLC T . -11.01 -11.23 14.49
C4 GLC T . -11.85 -10.15 13.89
C5 GLC T . -13.12 -10.04 14.72
C6 GLC T . -14.08 -9.00 14.19
O2 GLC T . -10.96 -13.45 15.18
O3 GLC T . -9.81 -11.32 13.76
O4 GLC T . -11.01 -8.99 13.92
O5 GLC T . -13.80 -11.29 14.69
O6 GLC T . -14.39 -9.34 12.84
C1 GLC T . -11.04 -8.19 12.75
C2 GLC T . -9.64 -7.85 12.37
C3 GLC T . -8.95 -7.00 13.46
C4 GLC T . -9.79 -5.79 13.76
C5 GLC T . -11.17 -6.27 14.14
C6 GLC T . -12.13 -5.19 14.54
O2 GLC T . -8.92 -9.05 12.17
O3 GLC T . -7.65 -6.60 13.04
O4 GLC T . -9.14 -5.14 14.85
O5 GLC T . -11.74 -6.99 13.03
O6 GLC T . -12.23 -4.42 13.34
C1 GLC T . -8.89 -3.74 14.61
C2 GLC T . -7.45 -3.45 14.93
C3 GLC T . -7.13 -3.84 16.35
C4 GLC T . -8.07 -3.18 17.32
C5 GLC T . -9.54 -3.18 16.88
C6 GLC T . -10.48 -2.36 17.72
O2 GLC T . -6.55 -4.10 14.00
O3 GLC T . -5.77 -3.54 16.63
O4 GLC T . -7.92 -3.81 18.60
O5 GLC T . -9.76 -2.99 15.46
O6 GLC T . -11.80 -2.81 17.48
C1 GLC T . -12.04 -1.58 21.84
C2 GLC T . -13.10 -1.16 20.84
C3 GLC T . -12.53 0.00 20.03
C4 GLC T . -12.16 1.15 20.95
C5 GLC T . -11.05 0.65 21.88
C6 GLC T . -10.53 1.73 22.84
O2 GLC T . -13.34 -2.30 20.00
O3 GLC T . -13.43 0.47 18.99
O4 GLC T . -11.70 2.28 20.19
O5 GLC T . -11.56 -0.46 22.61
O6 GLC T . -11.59 2.26 23.65
C1 GLC U . -6.60 25.62 -6.99
C2 GLC U . -6.06 27.04 -7.10
C3 GLC U . -6.68 27.72 -8.34
C4 GLC U . -6.40 26.87 -9.56
C5 GLC U . -6.84 25.40 -9.35
C6 GLC U . -6.51 24.48 -10.50
O2 GLC U . -6.37 27.71 -5.87
O3 GLC U . -6.16 29.03 -8.52
O4 GLC U . -7.09 27.42 -10.66
O5 GLC U . -6.28 24.88 -8.13
O6 GLC U . -7.27 23.28 -10.30
C1 GLC U . -6.38 27.59 -11.89
C2 GLC U . -6.33 29.08 -12.28
C3 GLC U . -7.74 29.60 -12.56
C4 GLC U . -8.47 28.77 -13.60
C5 GLC U . -8.39 27.29 -13.18
C6 GLC U . -8.89 26.44 -14.33
O2 GLC U . -5.89 29.89 -11.17
O3 GLC U . -7.72 30.94 -13.05
O4 GLC U . -9.83 29.27 -13.63
O5 GLC U . -7.04 26.86 -12.89
O6 GLC U . -9.30 25.30 -13.67
C1 GLC U . -10.38 29.41 -14.95
C2 GLC U . -10.79 30.86 -15.10
C3 GLC U . -11.94 31.16 -14.15
C4 GLC U . -13.09 30.19 -14.30
C5 GLC U . -12.56 28.80 -14.18
C6 GLC U . -13.62 27.79 -14.40
O2 GLC U . -9.71 31.75 -14.81
O3 GLC U . -12.44 32.51 -14.27
O4 GLC U . -13.99 30.47 -13.21
O5 GLC U . -11.53 28.54 -15.13
O6 GLC U . -13.14 26.95 -15.43
C1 GLC U . -15.35 30.78 -13.50
C2 GLC U . -15.78 31.99 -12.69
C3 GLC U . -15.77 31.67 -11.20
C4 GLC U . -16.67 30.49 -10.90
C5 GLC U . -16.23 29.34 -11.76
C6 GLC U . -17.07 28.11 -11.51
O2 GLC U . -14.84 33.03 -12.94
O3 GLC U . -16.16 32.79 -10.44
O4 GLC U . -16.42 30.11 -9.54
O5 GLC U . -16.24 29.71 -13.13
O6 GLC U . -17.23 27.37 -12.70
C1 GLC U . -17.57 29.83 -8.73
C2 GLC U . -17.27 30.24 -7.32
C3 GLC U . -16.14 29.35 -6.79
C4 GLC U . -16.59 27.93 -6.72
C5 GLC U . -17.00 27.50 -8.13
C6 GLC U . -17.80 26.22 -8.07
O2 GLC U . -16.89 31.62 -7.31
O3 GLC U . -15.85 29.71 -5.48
O4 GLC U . -15.48 27.16 -6.21
O5 GLC U . -17.87 28.45 -8.76
O6 GLC U . -16.96 25.07 -7.88
C1 GLC U . -15.76 26.37 -5.07
C2 GLC U . -14.95 26.82 -3.86
C3 GLC U . -13.44 26.66 -4.09
C4 GLC U . -13.15 25.27 -4.64
C5 GLC U . -14.05 24.93 -5.85
C6 GLC U . -13.88 23.54 -6.43
O2 GLC U . -15.11 28.21 -3.61
O3 GLC U . -12.77 26.95 -2.86
O4 GLC U . -11.77 25.25 -5.00
O5 GLC U . -15.44 25.08 -5.50
O6 GLC U . -14.06 22.68 -5.33
C1 GLC U . -10.98 24.26 -4.30
C2 GLC U . -9.79 24.90 -3.58
C3 GLC U . -8.97 25.71 -4.56
C4 GLC U . -8.59 24.86 -5.77
C5 GLC U . -9.70 24.00 -6.31
C6 GLC U . -9.27 23.02 -7.39
O2 GLC U . -10.26 25.73 -2.49
O3 GLC U . -7.73 26.19 -4.01
O4 GLC U . -8.00 25.66 -6.78
O5 GLC U . -10.55 23.40 -5.29
O6 GLC U . -10.39 22.70 -8.21
C1 GLC U . -7.19 22.36 -11.41
C2 GLC U . -8.22 21.25 -11.19
C3 GLC U . -7.79 20.38 -9.99
C4 GLC U . -6.37 19.88 -10.17
C5 GLC U . -5.44 21.09 -10.36
C6 GLC U . -3.97 20.70 -10.47
O2 GLC U . -9.50 21.82 -10.93
O3 GLC U . -8.67 19.28 -9.84
O4 GLC U . -5.96 19.03 -9.08
O5 GLC U . -5.88 21.79 -11.54
O6 GLC U . -3.74 19.85 -11.58
C1 GLC V . -0.23 -33.67 -7.38
C2 GLC V . -0.13 -34.79 -8.38
C3 GLC V . -1.07 -35.92 -7.99
C4 GLC V . -0.83 -36.33 -6.53
C5 GLC V . -0.81 -35.09 -5.63
C6 GLC V . -0.45 -35.46 -4.20
O2 GLC V . -0.43 -34.30 -9.68
O3 GLC V . -0.81 -37.01 -8.85
O4 GLC V . -1.83 -37.27 -6.08
O5 GLC V . 0.14 -34.16 -6.11
O6 GLC V . -0.80 -34.34 -3.39
C1 GLC V . -1.38 -38.53 -5.57
C2 GLC V . -1.72 -39.68 -6.50
C3 GLC V . -3.25 -39.87 -6.63
C4 GLC V . -3.85 -39.94 -5.24
C5 GLC V . -3.39 -38.75 -4.38
C6 GLC V . -3.83 -38.86 -2.94
O2 GLC V . -1.13 -39.47 -7.77
O3 GLC V . -3.56 -41.07 -7.38
O4 GLC V . -5.26 -39.93 -5.43
O5 GLC V . -1.97 -38.71 -4.28
O6 GLC V . -3.64 -37.52 -2.48
C1 GLC V . -6.00 -41.04 -4.89
C2 GLC V . -6.85 -41.70 -5.96
C3 GLC V . -7.87 -40.74 -6.55
C4 GLC V . -8.74 -40.11 -5.51
C5 GLC V . -7.86 -39.59 -4.36
C6 GLC V . -8.68 -39.29 -3.11
O2 GLC V . -6.01 -42.05 -7.03
O3 GLC V . -8.69 -41.38 -7.54
O4 GLC V . -9.43 -39.07 -6.21
O5 GLC V . -6.88 -40.51 -3.91
O6 GLC V . -9.53 -38.17 -3.40
C1 GLC V . -10.88 -39.14 -6.23
C2 GLC V . -11.38 -39.06 -7.69
C3 GLC V . -11.02 -37.70 -8.29
C4 GLC V . -11.56 -36.58 -7.38
C5 GLC V . -11.06 -36.78 -5.96
C6 GLC V . -11.58 -35.69 -5.05
O2 GLC V . -10.84 -40.15 -8.46
O3 GLC V . -11.55 -37.52 -9.60
O4 GLC V . -11.07 -35.31 -7.79
O5 GLC V . -11.47 -38.05 -5.49
O6 GLC V . -12.97 -35.47 -5.33
C1 GLC V . -12.06 -34.33 -8.08
C2 GLC V . -11.74 -33.86 -9.47
C3 GLC V . -10.34 -33.26 -9.50
C4 GLC V . -10.28 -32.15 -8.46
C5 GLC V . -10.68 -32.64 -7.10
C6 GLC V . -10.74 -31.47 -6.12
O2 GLC V . -11.89 -35.01 -10.29
O3 GLC V . -10.05 -32.68 -10.76
O4 GLC V . -8.97 -31.59 -8.37
O5 GLC V . -11.99 -33.23 -7.16
O6 GLC V . -11.22 -31.98 -4.91
C1 GLC V . -8.93 -30.17 -8.32
C2 GLC V . -8.10 -29.73 -9.51
C3 GLC V . -6.66 -30.25 -9.38
C4 GLC V . -6.07 -29.90 -8.03
C5 GLC V . -7.04 -30.42 -6.98
C6 GLC V . -6.57 -30.26 -5.54
O2 GLC V . -8.63 -30.31 -10.72
O3 GLC V . -5.89 -29.71 -10.46
O4 GLC V . -4.77 -30.51 -7.92
O5 GLC V . -8.31 -29.76 -7.10
O6 GLC V . -5.94 -29.01 -5.41
C1 GLC V . -3.64 -29.66 -7.65
C2 GLC V . -2.59 -29.91 -8.72
C3 GLC V . -2.16 -31.38 -8.69
C4 GLC V . -1.70 -31.77 -7.31
C5 GLC V . -2.56 -31.25 -6.18
C6 GLC V . -1.98 -31.51 -4.81
O2 GLC V . -3.16 -29.56 -9.98
O3 GLC V . -1.09 -31.72 -9.57
O4 GLC V . -1.59 -33.18 -7.34
O5 GLC V . -3.03 -29.93 -6.36
O6 GLC V . -3.03 -31.75 -3.90
C1 GLC V . -0.57 -34.69 -2.02
C2 GLC V . -1.28 -33.66 -1.17
C3 GLC V . -0.54 -32.34 -1.26
C4 GLC V . 0.95 -32.47 -0.95
C5 GLC V . 1.51 -33.52 -1.90
C6 GLC V . 3.00 -33.75 -1.68
O2 GLC V . -2.61 -33.50 -1.67
O3 GLC V . -1.23 -31.45 -0.38
O4 GLC V . 1.67 -31.22 -1.13
O5 GLC V . 0.81 -34.74 -1.68
O6 GLC V . 3.32 -34.09 -0.32
C1 GLC W . -4.65 -0.35 0.13
C2 GLC W . -4.53 -1.71 -0.58
C3 GLC W . -3.76 -2.68 0.28
C4 GLC W . -2.46 -1.99 0.69
C5 GLC W . -2.62 -0.62 1.35
C6 GLC W . -1.28 0.06 1.62
O2 GLC W . -5.83 -2.21 -0.92
O3 GLC W . -3.40 -3.92 -0.40
O4 GLC W . -1.78 -2.82 1.60
O5 GLC W . -3.38 0.23 0.48
O6 GLC W . -1.52 1.24 2.37
C1 GLC W . -0.42 -3.13 1.35
C2 GLC W . -0.26 -4.65 1.16
C3 GLC W . -0.61 -5.36 2.48
C4 GLC W . 0.18 -4.79 3.66
C5 GLC W . -0.11 -3.27 3.67
C6 GLC W . 0.50 -2.43 4.81
O2 GLC W . -1.21 -4.97 0.18
O3 GLC W . -0.41 -6.79 2.38
O4 GLC W . -0.33 -5.46 4.84
O5 GLC W . 0.37 -2.75 2.45
O6 GLC W . 1.91 -2.50 4.68
C1 GLC W . 0.63 -6.06 5.70
C2 GLC W . 0.33 -7.58 5.82
C3 GLC W . -1.04 -7.77 6.46
C4 GLC W . -1.12 -7.00 7.77
C5 GLC W . -0.76 -5.52 7.60
C6 GLC W . -0.63 -4.77 8.92
O2 GLC W . 0.32 -8.17 4.51
O3 GLC W . -1.37 -9.15 6.67
O4 GLC W . -2.45 -7.06 8.17
O5 GLC W . 0.51 -5.41 6.97
O6 GLC W . -0.30 -3.41 8.59
C1 GLC W . -2.72 -7.68 9.43
C2 GLC W . -3.82 -8.72 9.26
C3 GLC W . -5.10 -8.08 8.80
C4 GLC W . -5.47 -6.97 9.75
C5 GLC W . -4.32 -6.00 9.98
C6 GLC W . -4.66 -4.92 10.99
O2 GLC W . -3.40 -9.67 8.30
O3 GLC W . -6.18 -9.03 8.81
O4 GLC W . -6.52 -6.28 9.10
O5 GLC W . -3.15 -6.71 10.40
O6 GLC W . -3.47 -4.20 11.41
C1 GLC W . -7.75 -6.12 9.78
C2 GLC W . -8.79 -6.48 8.74
C3 GLC W . -8.75 -5.39 7.66
C4 GLC W . -9.07 -4.03 8.31
C5 GLC W . -7.94 -3.74 9.33
C6 GLC W . -8.22 -2.50 10.14
O2 GLC W . -8.37 -7.73 8.15
O3 GLC W . -9.61 -5.69 6.57
O4 GLC W . -9.11 -3.01 7.32
O5 GLC W . -7.84 -4.78 10.29
O6 GLC W . -9.60 -2.58 10.47
C1 GLC W . -10.15 -2.04 7.42
C2 GLC W . -10.96 -2.16 6.16
C3 GLC W . -10.09 -1.84 4.93
C4 GLC W . -9.42 -0.50 5.07
C5 GLC W . -8.63 -0.54 6.41
C6 GLC W . -7.85 0.71 6.71
O2 GLC W . -11.38 -3.51 6.02
O3 GLC W . -10.89 -1.87 3.74
O4 GLC W . -8.55 -0.33 3.92
O5 GLC W . -9.60 -0.72 7.44
O6 GLC W . -8.80 1.78 6.64
C1 GLC W . -8.70 0.91 3.20
C2 GLC W . -8.97 0.60 1.72
C3 GLC W . -7.81 -0.23 1.16
C4 GLC W . -6.48 0.46 1.43
C5 GLC W . -6.35 1.08 2.82
C6 GLC W . -5.14 1.94 3.06
O2 GLC W . -10.17 -0.15 1.67
O3 GLC W . -7.93 -0.52 -0.22
O4 GLC W . -5.46 -0.51 1.29
O5 GLC W . -7.51 1.68 3.34
O6 GLC W . -4.94 2.01 4.46
C1 GLC W . -0.33 2.02 2.62
C2 GLC W . -0.57 2.93 3.82
C3 GLC W . -1.63 3.95 3.45
C4 GLC W . -1.18 4.73 2.21
C5 GLC W . -0.89 3.79 1.04
C6 GLC W . -0.41 4.63 -0.15
O2 GLC W . -1.06 2.20 4.95
O3 GLC W . -1.88 4.89 4.50
O4 GLC W . -2.20 5.64 1.84
O5 GLC W . 0.02 2.76 1.44
O6 GLC W . 0.96 4.97 0.08
C1 GLC X . -15.36 21.11 10.31
C2 GLC X . -16.40 22.15 10.70
C3 GLC X . -15.98 23.55 10.26
C4 GLC X . -14.64 23.89 10.92
C5 GLC X . -13.63 22.78 10.58
C6 GLC X . -12.36 22.92 11.37
O2 GLC X . -17.60 21.73 10.03
O3 GLC X . -16.98 24.50 10.60
O4 GLC X . -14.15 25.14 10.43
O5 GLC X . -14.12 21.44 10.89
O6 GLC X . -11.36 22.12 10.73
C1 GLC X . -13.63 26.06 11.33
C2 GLC X . -14.46 27.33 11.25
C3 GLC X . -14.28 28.02 9.88
C4 GLC X . -12.79 28.15 9.52
C5 GLC X . -12.13 26.76 9.62
C6 GLC X . -10.66 26.73 9.26
O2 GLC X . -15.84 27.00 11.45
O3 GLC X . -14.86 29.31 9.83
O4 GLC X . -12.70 28.58 8.16
O5 GLC X . -12.26 26.31 10.96
O6 GLC X . -10.06 27.52 10.29
C1 GLC X . -11.89 29.75 7.93
C2 GLC X . -12.80 30.86 7.39
C3 GLC X . -13.31 30.47 6.02
C4 GLC X . -12.19 30.04 5.08
C5 GLC X . -11.29 29.00 5.74
C6 GLC X . -10.09 28.63 4.88
O2 GLC X . -13.93 30.99 8.25
O3 GLC X . -14.04 31.54 5.46
O4 GLC X . -12.83 29.44 3.99
O5 GLC X . -10.83 29.43 7.02
O6 GLC X . -9.34 27.59 5.55
C1 GLC X . -12.58 30.09 2.74
C2 GLC X . -13.90 30.36 2.03
C3 GLC X . -14.63 29.07 1.79
C4 GLC X . -13.75 28.11 1.02
C5 GLC X . -12.37 27.95 1.69
C6 GLC X . -11.41 27.15 0.80
O2 GLC X . -14.61 31.17 2.93
O3 GLC X . -15.80 29.20 1.00
O4 GLC X . -14.44 26.86 1.01
O5 GLC X . -11.81 29.23 1.91
O6 GLC X . -10.13 27.00 1.45
C1 GLC X . -14.89 26.33 -0.21
C2 GLC X . -16.25 25.68 0.02
C3 GLC X . -16.11 24.46 0.97
C4 GLC X . -15.14 23.45 0.43
C5 GLC X . -13.79 24.17 0.14
C6 GLC X . -12.89 23.29 -0.68
O2 GLC X . -17.08 26.62 0.71
O3 GLC X . -17.40 23.84 1.23
O4 GLC X . -14.97 22.40 1.39
O5 GLC X . -13.94 25.36 -0.64
O6 GLC X . -12.26 22.39 0.23
C1 GLC X . -15.01 21.05 0.94
C2 GLC X . -16.34 20.39 1.31
C3 GLC X . -16.38 20.20 2.84
C4 GLC X . -15.13 19.60 3.45
C5 GLC X . -13.96 20.46 2.98
C6 GLC X . -12.64 20.01 3.50
O2 GLC X . -17.46 21.23 0.86
O3 GLC X . -17.46 19.41 3.28
O4 GLC X . -15.35 19.70 4.84
O5 GLC X . -13.95 20.31 1.54
O6 GLC X . -12.67 18.65 3.11
C1 GLC X . -15.19 18.55 5.65
C2 GLC X . -16.43 18.47 6.56
C3 GLC X . -16.50 19.68 7.49
C4 GLC X . -15.21 19.82 8.28
C5 GLC X . -13.96 19.68 7.42
C6 GLC X . -12.60 19.76 8.11
O2 GLC X . -17.55 18.38 5.68
O3 GLC X . -17.52 19.61 8.51
O4 GLC X . -15.24 21.10 8.92
O5 GLC X . -14.02 18.67 6.45
O6 GLC X . -11.60 19.96 7.10
C1 GLC X . -10.17 22.14 11.54
C2 GLC X . -9.06 21.56 10.70
C3 GLC X . -9.41 20.11 10.40
C4 GLC X . -9.58 19.35 11.73
C5 GLC X . -10.66 20.01 12.61
C6 GLC X . -10.78 19.37 14.00
O2 GLC X . -8.95 22.36 9.53
O3 GLC X . -8.33 19.60 9.66
O4 GLC X . -9.84 17.96 11.46
O5 GLC X . -10.30 21.39 12.76
O6 GLC X . -9.62 19.61 14.81
C1 GLC Y . 32.43 34.69 -17.59
C2 GLC Y . 32.12 35.14 -19.01
C3 GLC Y . 31.31 36.42 -18.99
C4 GLC Y . 30.07 36.22 -18.14
C5 GLC Y . 30.39 35.63 -16.76
C6 GLC Y . 29.13 35.19 -16.03
O2 GLC Y . 33.35 35.28 -19.75
O3 GLC Y . 30.90 36.77 -20.30
O4 GLC Y . 29.36 37.46 -17.99
O5 GLC Y . 31.23 34.49 -16.86
O6 GLC Y . 29.48 34.98 -14.67
C1 GLC Y . 27.99 37.43 -18.37
C2 GLC Y . 27.73 38.37 -19.55
C3 GLC Y . 27.94 39.83 -19.13
C4 GLC Y . 27.24 40.17 -17.83
C5 GLC Y . 27.44 39.11 -16.73
C6 GLC Y . 26.46 39.31 -15.59
O2 GLC Y . 28.61 38.06 -20.66
O3 GLC Y . 27.41 40.66 -20.15
O4 GLC Y . 27.76 41.41 -17.37
O5 GLC Y . 27.22 37.79 -17.23
O6 GLC Y . 26.63 38.21 -14.68
C1 GLC Y . 26.77 42.45 -17.18
C2 GLC Y . 27.11 43.65 -18.06
C3 GLC Y . 28.49 44.17 -17.70
C4 GLC Y . 28.51 44.53 -16.23
C5 GLC Y . 28.03 43.34 -15.38
C6 GLC Y . 27.88 43.77 -13.94
O2 GLC Y . 27.14 43.31 -19.44
O3 GLC Y . 28.76 45.34 -18.47
O4 GLC Y . 29.85 44.87 -15.92
O5 GLC Y . 26.76 42.83 -15.80
O6 GLC Y . 29.19 43.70 -13.35
C1 GLC Y . 30.06 46.14 -15.27
C2 GLC Y . 31.17 46.88 -16.01
C3 GLC Y . 32.45 46.10 -15.91
C4 GLC Y . 32.82 45.91 -14.45
C5 GLC Y . 31.66 45.25 -13.71
C6 GLC Y . 31.92 45.02 -12.22
O2 GLC Y . 30.85 46.96 -17.40
O3 GLC Y . 33.43 46.77 -16.69
O4 GLC Y . 33.92 45.02 -14.40
O5 GLC Y . 30.45 46.00 -13.89
O6 GLC Y . 31.92 46.26 -11.50
C1 GLC Y . 35.11 45.47 -13.75
C2 GLC Y . 36.21 45.32 -14.77
C3 GLC Y . 36.57 43.85 -15.01
C4 GLC Y . 36.80 43.09 -13.73
C5 GLC Y . 35.58 43.30 -12.82
C6 GLC Y . 35.74 42.63 -11.48
O2 GLC Y . 35.68 45.84 -15.99
O3 GLC Y . 37.74 43.74 -15.83
O4 GLC Y . 36.96 41.72 -14.12
O5 GLC Y . 35.34 44.69 -12.59
O6 GLC Y . 34.54 42.91 -10.76
C1 GLC Y . 38.01 40.97 -13.52
C2 GLC Y . 38.82 40.27 -14.60
C3 GLC Y . 37.93 39.27 -15.35
C4 GLC Y . 37.30 38.29 -14.35
C5 GLC Y . 36.47 39.15 -13.37
C6 GLC Y . 35.65 38.36 -12.35
O2 GLC Y . 39.32 41.21 -15.55
O3 GLC Y . 38.66 38.62 -16.41
O4 GLC Y . 36.46 37.36 -15.03
O5 GLC Y . 37.39 40.02 -12.67
O6 GLC Y . 36.54 37.73 -11.44
C1 GLC Y . 36.74 35.97 -14.87
C2 GLC Y . 36.85 35.34 -16.22
C3 GLC Y . 35.58 35.54 -17.02
C4 GLC Y . 34.34 35.13 -16.23
C5 GLC Y . 34.39 35.55 -14.76
C6 GLC Y . 33.25 35.09 -13.84
O2 GLC Y . 37.91 36.05 -16.85
O3 GLC Y . 35.69 34.87 -18.29
O4 GLC Y . 33.17 35.67 -16.88
O5 GLC Y . 35.68 35.34 -14.20
O6 GLC Y . 32.88 36.08 -12.86
C1 GLC Y . 28.39 34.61 -13.82
C2 GLC Y . 28.83 34.75 -12.38
C3 GLC Y . 29.95 33.77 -12.05
C4 GLC Y . 29.50 32.36 -12.37
C5 GLC Y . 29.05 32.30 -13.82
C6 GLC Y . 28.59 30.88 -14.20
O2 GLC Y . 29.30 36.09 -12.17
O3 GLC Y . 30.26 33.90 -10.66
O4 GLC Y . 30.54 31.40 -12.12
O5 GLC Y . 27.99 33.25 -14.04
O6 GLC Y . 27.41 30.51 -13.48
C1 GLC Z . 14.17 8.25 52.67
C2 GLC Z . 13.42 7.42 53.71
C3 GLC Z . 13.69 5.93 53.48
C4 GLC Z . 13.40 5.58 52.02
C5 GLC Z . 14.18 6.50 51.10
C6 GLC Z . 13.87 6.23 49.63
O2 GLC Z . 13.85 7.89 55.00
O3 GLC Z . 12.82 5.11 54.28
O4 GLC Z . 13.76 4.22 51.75
O5 GLC Z . 13.81 7.84 51.36
O6 GLC Z . 14.42 7.29 48.84
C1 GLC Z . 12.74 3.42 51.12
C2 GLC Z . 12.44 2.22 51.99
C3 GLC Z . 13.63 1.23 52.08
C4 GLC Z . 14.30 0.92 50.72
C5 GLC Z . 14.39 2.18 49.87
C6 GLC Z . 14.81 1.87 48.44
O2 GLC Z . 12.10 2.74 53.27
O3 GLC Z . 13.17 -0.02 52.57
O4 GLC Z . 15.62 0.38 50.96
O5 GLC Z . 13.16 2.94 49.83
O6 GLC Z . 15.54 3.04 48.01
C1 GLC Z . 15.99 -0.85 50.28
C2 GLC Z . 16.30 -1.97 51.25
C3 GLC Z . 17.53 -1.66 52.10
C4 GLC Z . 18.76 -1.30 51.26
C5 GLC Z . 18.35 -0.27 50.22
C6 GLC Z . 19.49 -0.04 49.22
O2 GLC Z . 15.18 -2.21 52.10
O3 GLC Z . 17.86 -2.79 52.91
O4 GLC Z . 19.79 -0.73 52.12
O5 GLC Z . 17.18 -0.67 49.51
O6 GLC Z . 19.03 -0.26 47.90
C1 GLC Z . 21.08 -1.38 52.23
C2 GLC Z . 21.55 -1.37 53.68
C3 GLC Z . 21.84 0.04 54.21
C4 GLC Z . 22.86 0.71 53.31
C5 GLC Z . 22.33 0.68 51.87
C6 GLC Z . 23.28 1.35 50.89
O2 GLC Z . 20.54 -1.98 54.47
O3 GLC Z . 22.34 0.16 55.56
O4 GLC Z . 22.95 2.04 53.83
O5 GLC Z . 22.07 -0.68 51.46
O6 GLC Z . 23.13 0.73 49.60
C1 GLC Z . 24.23 2.61 54.10
C2 GLC Z . 24.20 3.45 55.36
C3 GLC Z . 23.11 4.51 55.20
C4 GLC Z . 23.52 5.30 53.97
C5 GLC Z . 23.50 4.40 52.75
C6 GLC Z . 23.68 5.13 51.40
O2 GLC Z . 23.97 2.65 56.52
O3 GLC Z . 22.99 5.39 56.32
O4 GLC Z . 22.62 6.37 53.85
O5 GLC Z . 24.54 3.44 52.99
O6 GLC Z . 24.92 5.81 51.33
C1 GLC Z . 23.25 7.63 53.98
C2 GLC Z . 22.75 8.24 55.26
C3 GLC Z . 21.24 8.35 55.19
C4 GLC Z . 20.82 9.07 53.92
C5 GLC Z . 21.47 8.48 52.66
C6 GLC Z . 21.24 9.30 51.39
O2 GLC Z . 23.17 7.40 56.32
O3 GLC Z . 20.78 9.09 56.32
O4 GLC Z . 19.40 9.04 53.79
O5 GLC Z . 22.88 8.42 52.86
O6 GLC Z . 21.81 10.62 51.53
C1 GLC Z . 18.88 10.34 53.59
C2 GLC Z . 17.79 10.56 54.63
C3 GLC Z . 16.67 9.54 54.47
C4 GLC Z . 16.24 9.35 53.02
C5 GLC Z . 17.34 9.46 51.97
C6 GLC Z . 16.90 9.52 50.52
O2 GLC Z . 18.34 10.43 55.95
O3 GLC Z . 15.59 10.00 55.27
O4 GLC Z . 15.59 8.08 52.87
O5 GLC Z . 18.32 10.45 52.30
O6 GLC Z . 17.92 8.86 49.74
C1 GLC Z . 14.07 7.09 47.46
C2 GLC Z . 15.28 7.41 46.61
C3 GLC Z . 15.63 8.88 46.77
C4 GLC Z . 14.42 9.75 46.46
C5 GLC Z . 13.19 9.32 47.30
C6 GLC Z . 11.90 10.11 47.04
O2 GLC Z . 16.41 6.58 46.95
O3 GLC Z . 16.68 9.11 45.85
O4 GLC Z . 14.75 11.14 46.66
O5 GLC Z . 12.96 7.92 47.07
O6 GLC Z . 11.32 9.77 45.76
C1 GLC AA . 6.18 14.55 -41.74
C2 GLC AA . 5.48 15.82 -41.35
C3 GLC AA . 6.29 17.01 -41.79
C4 GLC AA . 7.72 16.89 -41.24
C5 GLC AA . 8.37 15.59 -41.59
C6 GLC AA . 9.76 15.43 -40.93
O2 GLC AA . 4.17 15.73 -41.97
O3 GLC AA . 5.79 18.31 -41.38
O4 GLC AA . 8.47 17.93 -41.83
O5 GLC AA . 7.48 14.57 -41.11
O6 GLC AA . 10.40 14.29 -41.46
C1 GLC AA . 9.13 18.78 -40.93
C2 GLC AA . 8.70 20.24 -41.06
C3 GLC AA . 9.09 20.76 -42.44
C4 GLC AA . 10.54 20.46 -42.80
C5 GLC AA . 10.92 19.01 -42.54
C6 GLC AA . 12.43 18.83 -42.58
O2 GLC AA . 7.28 20.42 -40.79
O3 GLC AA . 9.00 22.18 -42.47
O4 GLC AA . 10.70 20.79 -44.18
O5 GLC AA . 10.51 18.58 -41.23
O6 GLC AA . 12.64 17.57 -43.21
C1 GLC AA . 11.77 21.72 -44.46
C2 GLC AA . 11.26 22.97 -45.18
C3 GLC AA . 10.59 22.61 -46.53
C4 GLC AA . 11.51 21.70 -47.35
C5 GLC AA . 12.11 20.55 -46.53
C6 GLC AA . 13.17 19.79 -47.33
O2 GLC AA . 10.35 23.72 -44.36
O3 GLC AA . 10.33 23.76 -47.32
O4 GLC AA . 10.75 21.17 -48.45
O5 GLC AA . 12.69 21.01 -45.29
O6 GLC AA . 12.74 18.46 -47.55
C1 GLC AA . 11.14 21.65 -49.74
C2 GLC AA . 9.94 21.98 -50.64
C3 GLC AA . 9.14 20.74 -50.96
C4 GLC AA . 10.00 19.58 -51.42
C5 GLC AA . 11.17 19.39 -50.49
C6 GLC AA . 12.14 18.34 -50.98
O2 GLC AA . 9.08 22.90 -49.98
O3 GLC AA . 8.21 20.94 -52.02
O4 GLC AA . 9.12 18.48 -51.35
O5 GLC AA . 11.86 20.62 -50.39
O6 GLC AA . 11.43 17.16 -51.37
C1 GLC AA . 8.55 18.04 -52.55
C2 GLC AA . 7.04 18.07 -52.52
C3 GLC AA . 6.54 17.11 -51.45
C4 GLC AA . 7.06 15.73 -51.77
C5 GLC AA . 8.59 15.73 -51.83
C6 GLC AA . 9.15 14.43 -52.36
O2 GLC AA . 6.62 19.40 -52.23
O3 GLC AA . 5.12 17.07 -51.38
O4 GLC AA . 6.61 14.89 -50.72
O5 GLC AA . 9.04 16.73 -52.73
O6 GLC AA . 9.72 13.68 -51.28
C1 GLC AA . 6.29 13.57 -51.04
C2 GLC AA . 4.88 13.32 -50.53
C3 GLC AA . 4.84 13.55 -49.02
C4 GLC AA . 5.82 12.61 -48.36
C5 GLC AA . 7.22 12.84 -48.95
C6 GLC AA . 8.19 11.80 -48.45
O2 GLC AA . 3.96 14.23 -51.16
O3 GLC AA . 3.52 13.32 -48.53
O4 GLC AA . 5.75 12.86 -46.94
O5 GLC AA . 7.21 12.69 -50.37
O6 GLC AA . 7.68 10.56 -48.99
C1 GLC AA . 5.45 11.72 -46.14
C2 GLC AA . 4.26 12.05 -45.26
C3 GLC AA . 4.59 13.25 -44.37
C4 GLC AA . 5.95 13.14 -43.65
C5 GLC AA . 7.04 12.53 -44.53
C6 GLC AA . 8.35 12.13 -43.88
O2 GLC AA . 3.12 12.36 -46.07
O3 GLC AA . 3.59 13.40 -43.35
O4 GLC AA . 6.24 14.46 -43.18
O5 GLC AA . 6.58 11.43 -45.32
O6 GLC AA . 9.35 12.62 -44.77
C1 GLC AA . 11.62 13.96 -40.80
C2 GLC AA . 12.42 13.00 -41.67
C3 GLC AA . 11.72 11.67 -41.74
C4 GLC AA . 11.57 11.11 -40.33
C5 GLC AA . 10.73 12.08 -39.53
C6 GLC AA . 10.44 11.64 -38.09
O2 GLC AA . 12.47 13.52 -43.00
O3 GLC AA . 12.47 10.81 -42.58
O4 GLC AA . 10.96 9.81 -40.39
O5 GLC AA . 11.36 13.37 -39.52
O6 GLC AA . 11.66 11.37 -37.37
C1 GLC BA . -20.96 -14.82 -8.58
C2 GLC BA . -19.92 -14.91 -7.49
C3 GLC BA . -18.97 -16.02 -7.88
C4 GLC BA . -19.75 -17.33 -8.12
C5 GLC BA . -20.82 -17.15 -9.14
C6 GLC BA . -21.67 -18.42 -9.33
O2 GLC BA . -19.25 -13.66 -7.32
O3 GLC BA . -18.05 -16.24 -6.85
O4 GLC BA . -18.84 -18.37 -8.50
O5 GLC BA . -21.65 -16.09 -8.67
O6 GLC BA . -22.58 -18.18 -10.40
C1 GLC BA . -18.86 -19.60 -7.80
C2 GLC BA . -17.53 -19.91 -7.17
C3 GLC BA . -16.44 -20.06 -8.22
C4 GLC BA . -16.86 -21.06 -9.29
C5 GLC BA . -18.25 -20.81 -9.80
C6 GLC BA . -18.75 -21.98 -10.66
O2 GLC BA . -17.18 -18.83 -6.29
O3 GLC BA . -15.22 -20.51 -7.65
O4 GLC BA . -16.00 -20.94 -10.43
O5 GLC BA . -19.15 -20.67 -8.72
O6 GLC BA . -19.96 -21.51 -11.27
C1 GLC BA . -15.33 -22.17 -10.80
C2 GLC BA . -13.83 -22.16 -10.58
C3 GLC BA . -13.16 -21.09 -11.43
C4 GLC BA . -13.54 -21.28 -12.89
C5 GLC BA . -15.04 -21.39 -13.06
C6 GLC BA . -15.36 -21.80 -14.49
O2 GLC BA . -13.54 -21.84 -9.23
O3 GLC BA . -11.74 -21.08 -11.23
O4 GLC BA . -13.13 -20.14 -13.63
O5 GLC BA . -15.57 -22.38 -12.17
O6 GLC BA . -16.76 -21.64 -14.70
C1 GLC BA . -12.20 -20.35 -14.72
C2 GLC BA . -11.06 -19.35 -14.58
C3 GLC BA . -11.57 -17.91 -14.71
C4 GLC BA . -12.40 -17.72 -15.99
C5 GLC BA . -13.47 -18.82 -16.03
C6 GLC BA . -14.37 -18.80 -17.24
O2 GLC BA . -10.52 -19.59 -13.28
O3 GLC BA . -10.48 -17.00 -14.66
O4 GLC BA . -13.05 -16.44 -15.92
O5 GLC BA . -12.85 -20.12 -15.96
O6 GLC BA . -13.53 -18.98 -18.36
C1 GLC BA . -12.80 -15.47 -16.94
C2 GLC BA . -12.53 -14.11 -16.31
C3 GLC BA . -13.76 -13.62 -15.59
C4 GLC BA . -14.87 -13.47 -16.60
C5 GLC BA . -15.14 -14.77 -17.35
C6 GLC BA . -15.97 -14.52 -18.59
O2 GLC BA . -11.50 -14.20 -15.32
O3 GLC BA . -13.47 -12.39 -14.93
O4 GLC BA . -16.02 -13.07 -15.89
O5 GLC BA . -13.94 -15.40 -17.80
O6 GLC BA . -16.99 -15.53 -18.65
C1 GLC BA . -16.80 -12.04 -16.48
C2 GLC BA . -16.91 -10.84 -15.57
C3 GLC BA . -17.53 -11.25 -14.25
C4 GLC BA . -18.88 -11.88 -14.49
C5 GLC BA . -18.70 -13.07 -15.47
C6 GLC BA . -19.96 -13.78 -15.86
O2 GLC BA . -15.60 -10.33 -15.34
O3 GLC BA . -17.69 -10.11 -13.45
O4 GLC BA . -19.39 -12.26 -13.21
O5 GLC BA . -18.10 -12.58 -16.70
O6 GLC BA . -20.87 -12.81 -16.37
C1 GLC BA . -20.72 -11.79 -12.93
C2 GLC BA . -20.64 -11.14 -11.57
C3 GLC BA . -20.16 -12.15 -10.55
C4 GLC BA . -20.95 -13.46 -10.56
C5 GLC BA . -21.36 -13.95 -11.94
C6 GLC BA . -22.43 -15.02 -12.04
O2 GLC BA . -19.72 -10.01 -11.56
O3 GLC BA . -20.21 -11.52 -9.26
O4 GLC BA . -20.30 -14.49 -9.81
O5 GLC BA . -21.65 -12.90 -12.92
O6 GLC BA . -22.64 -15.17 -13.44
C1 GLC BA . -23.50 -19.29 -10.51
C2 GLC BA . -24.09 -19.36 -11.93
C3 GLC BA . -24.95 -18.15 -12.18
C4 GLC BA . -26.01 -18.13 -11.12
C5 GLC BA . -25.36 -18.03 -9.74
C6 GLC BA . -26.39 -17.95 -8.62
O2 GLC BA . -23.04 -19.35 -12.88
O3 GLC BA . -25.49 -18.24 -13.49
O4 GLC BA . -26.84 -17.00 -11.34
O5 GLC BA . -24.52 -19.16 -9.53
O6 GLC BA . -27.13 -19.15 -8.65
C1 GLC CA . 44.87 -34.32 -2.64
C2 GLC CA . 44.82 -32.81 -2.43
C3 GLC CA . 45.51 -32.42 -1.11
C4 GLC CA . 44.91 -33.25 0.02
C5 GLC CA . 44.88 -34.74 -0.31
C6 GLC CA . 44.17 -35.56 0.77
O2 GLC CA . 45.26 -32.06 -3.58
O3 GLC CA . 45.24 -31.05 -0.82
O4 GLC CA . 45.72 -33.14 1.19
O5 GLC CA . 44.23 -34.98 -1.54
O6 GLC CA . 44.35 -36.92 0.41
C1 GLC CA . 45.06 -32.76 2.38
C2 GLC CA . 45.48 -31.37 2.83
C3 GLC CA . 46.96 -31.37 3.18
C4 GLC CA . 47.26 -32.45 4.22
C5 GLC CA . 46.68 -33.78 3.76
C6 GLC CA . 46.83 -34.84 4.84
O2 GLC CA . 45.15 -30.37 1.85
O3 GLC CA . 47.30 -30.12 3.75
O4 GLC CA . 48.68 -32.63 4.36
O5 GLC CA . 45.32 -33.69 3.41
O6 GLC CA . 46.51 -36.08 4.21
C1 GLC CA . 49.18 -32.72 5.69
C2 GLC CA . 50.10 -31.54 5.93
C3 GLC CA . 51.33 -31.62 5.03
C4 GLC CA . 52.01 -32.95 5.18
C5 GLC CA . 51.02 -34.09 5.01
C6 GLC CA . 51.65 -35.41 5.39
O2 GLC CA . 49.45 -30.31 5.64
O3 GLC CA . 52.22 -30.56 5.35
O4 GLC CA . 52.97 -33.02 4.13
O5 GLC CA . 49.88 -33.93 5.84
O6 GLC CA . 50.60 -36.37 5.38
C1 GLC CA . 54.34 -33.15 4.54
C2 GLC CA . 55.14 -32.09 3.81
C3 GLC CA . 55.08 -32.33 2.31
C4 GLC CA . 55.57 -33.71 1.99
C5 GLC CA . 54.82 -34.75 2.81
C6 GLC CA . 55.45 -36.10 2.64
O2 GLC CA . 54.58 -30.81 4.04
O3 GLC CA . 55.79 -31.36 1.57
O4 GLC CA . 55.23 -33.90 0.61
O5 GLC CA . 54.78 -34.46 4.22
O6 GLC CA . 55.36 -36.38 1.24
C1 GLC CA . 56.24 -33.77 -0.39
C2 GLC CA . 55.84 -32.82 -1.53
C3 GLC CA . 54.75 -33.39 -2.42
C4 GLC CA . 54.99 -34.84 -2.84
C5 GLC CA . 55.38 -35.69 -1.65
C6 GLC CA . 55.93 -37.04 -2.05
O2 GLC CA . 55.35 -31.59 -1.00
O3 GLC CA . 54.61 -32.64 -3.62
O4 GLC CA . 53.74 -35.30 -3.36
O5 GLC CA . 56.43 -35.08 -0.90
O6 GLC CA . 55.11 -38.08 -1.56
C1 GLC CA . 53.76 -36.29 -4.36
C2 GLC CA . 53.13 -35.67 -5.57
C3 GLC CA . 51.64 -35.40 -5.39
C4 GLC CA . 50.91 -36.65 -4.95
C5 GLC CA . 51.59 -37.10 -3.67
C6 GLC CA . 50.88 -38.32 -3.07
O2 GLC CA . 53.72 -34.40 -5.81
O3 GLC CA . 51.05 -34.88 -6.57
O4 GLC CA . 49.55 -36.25 -4.71
O5 GLC CA . 52.99 -37.41 -3.89
O6 GLC CA . 50.71 -39.30 -4.09
C1 GLC CA . 48.52 -36.94 -5.39
C2 GLC CA . 47.63 -35.89 -6.01
C3 GLC CA . 47.07 -34.96 -4.94
C4 GLC CA . 46.37 -35.75 -3.84
C5 GLC CA . 47.09 -37.00 -3.39
C6 GLC CA . 46.27 -37.98 -2.54
O2 GLC CA . 48.38 -35.12 -6.96
O3 GLC CA . 46.24 -33.99 -5.55
O4 GLC CA . 46.20 -34.85 -2.73
O5 GLC CA . 47.80 -37.69 -4.42
O6 GLC CA . 47.08 -38.43 -1.45
C1 GLC CA . 43.99 -37.82 1.46
C2 GLC CA . 44.54 -39.23 1.14
C3 GLC CA . 43.81 -39.86 -0.03
C4 GLC CA . 42.30 -39.79 0.20
C5 GLC CA . 41.90 -38.32 0.41
C6 GLC CA . 40.39 -38.14 0.57
O2 GLC CA . 45.95 -39.15 0.87
O3 GLC CA . 44.24 -41.23 -0.13
O4 GLC CA . 41.62 -40.32 -0.95
O5 GLC CA . 42.55 -37.87 1.60
O6 GLC CA . 39.92 -38.97 1.62
C1 GLC DA . 11.11 32.32 40.92
C2 GLC DA . 10.87 33.23 39.73
C3 GLC DA . 10.09 34.45 40.16
C4 GLC DA . 8.83 34.01 40.91
C5 GLC DA . 9.16 33.14 42.07
C6 GLC DA . 7.87 32.69 42.78
O2 GLC DA . 12.16 33.45 39.18
O3 GLC DA . 9.59 35.24 39.07
O4 GLC DA . 8.16 35.12 41.47
O5 GLC DA . 9.92 31.99 41.65
O6 GLC DA . 8.27 31.87 43.86
C1 GLC DA . 6.79 35.35 41.13
C2 GLC DA . 6.64 36.60 40.27
C3 GLC DA . 6.93 37.89 41.08
C4 GLC DA . 6.25 37.92 42.44
C5 GLC DA . 6.46 36.58 43.15
C6 GLC DA . 5.72 36.52 44.50
O2 GLC DA . 7.49 36.53 39.13
O3 GLC DA . 6.39 38.98 40.33
O4 GLC DA . 6.81 38.96 43.25
O5 GLC DA . 5.99 35.51 42.31
O6 GLC DA . 6.44 35.62 45.35
C1 GLC DA . 5.91 39.87 43.91
C2 GLC DA . 6.22 41.27 43.41
C3 GLC DA . 7.66 41.65 43.78
C4 GLC DA . 7.96 41.45 45.26
C5 GLC DA . 7.51 40.02 45.70
C6 GLC DA . 7.62 39.78 47.20
O2 GLC DA . 6.08 41.33 41.97
O3 GLC DA . 7.88 43.03 43.45
O4 GLC DA . 9.37 41.71 45.44
O5 GLC DA . 6.15 39.82 45.32
O6 GLC DA . 8.98 39.63 47.59
C1 GLC DA . 9.75 42.92 46.16
C2 GLC DA . 10.91 43.66 45.49
C3 GLC DA . 12.16 42.81 45.47
C4 GLC DA . 12.52 42.28 46.84
C5 GLC DA . 11.28 41.66 47.46
C6 GLC DA . 11.55 41.31 48.91
O2 GLC DA . 10.57 43.92 44.11
O3 GLC DA . 13.27 43.53 44.97
O4 GLC DA . 13.52 41.28 46.67
O5 GLC DA . 10.20 42.58 47.45
O6 GLC DA . 12.61 40.36 48.92
C1 GLC DA . 14.75 41.49 47.32
C2 GLC DA . 15.90 41.48 46.33
C3 GLC DA . 16.11 40.10 45.72
C4 GLC DA . 16.27 39.09 46.82
C5 GLC DA . 15.23 39.18 47.93
C6 GLC DA . 15.78 38.48 49.18
O2 GLC DA . 15.59 42.41 45.30
O3 GLC DA . 17.31 40.02 44.94
O4 GLC DA . 16.12 37.82 46.21
O5 GLC DA . 14.88 40.50 48.33
O6 GLC DA . 15.08 37.25 49.29
C1 GLC DA . 17.13 36.87 46.53
C2 GLC DA . 17.82 36.50 45.23
C3 GLC DA . 16.89 35.68 44.31
C4 GLC DA . 16.14 34.55 45.05
C5 GLC DA . 15.45 35.15 46.29
C6 GLC DA . 14.63 34.19 47.14
O2 GLC DA . 18.14 37.74 44.56
O3 GLC DA . 17.67 35.15 43.23
O4 GLC DA . 15.20 33.95 44.15
O5 GLC DA . 16.48 35.74 47.12
O6 GLC DA . 15.42 33.11 47.61
C1 GLC DA . 15.31 32.52 44.00
C2 GLC DA . 15.42 32.20 42.51
C3 GLC DA . 14.22 32.72 41.74
C4 GLC DA . 12.97 32.20 42.41
C5 GLC DA . 12.92 32.28 43.94
C6 GLC DA . 11.73 31.70 44.72
O2 GLC DA . 16.57 32.86 41.99
O3 GLC DA . 14.23 32.43 40.32
O4 GLC DA . 11.99 33.02 41.76
O5 GLC DA . 14.14 31.86 44.53
O6 GLC DA . 11.23 32.59 45.77
C1 GLC DA . 7.19 31.51 44.73
C2 GLC DA . 7.82 31.14 46.09
C3 GLC DA . 8.59 29.85 45.97
C4 GLC DA . 7.73 28.75 45.38
C5 GLC DA . 7.20 29.21 44.04
C6 GLC DA . 6.36 28.13 43.35
O2 GLC DA . 8.69 32.16 46.61
O3 GLC DA . 8.96 29.50 47.29
O4 GLC DA . 8.46 27.54 45.26
O5 GLC DA . 6.41 30.38 44.24
O6 GLC DA . 5.23 27.79 44.15
C1 GLC EA . 17.41 -5.44 -33.92
C2 GLC EA . 18.24 -6.15 -32.87
C3 GLC EA . 17.38 -7.16 -32.13
C4 GLC EA . 16.15 -6.47 -31.59
C5 GLC EA . 15.39 -5.79 -32.70
C6 GLC EA . 14.19 -5.07 -32.13
O2 GLC EA . 19.35 -6.82 -33.48
O3 GLC EA . 18.09 -7.81 -31.06
O4 GLC EA . 15.30 -7.44 -30.99
O5 GLC EA . 16.24 -4.83 -33.35
O6 GLC EA . 13.52 -4.40 -33.17
C1 GLC EA . 14.89 -7.25 -29.64
C2 GLC EA . 15.30 -8.40 -28.73
C3 GLC EA . 14.63 -9.71 -29.17
C4 GLC EA . 13.13 -9.53 -29.26
C5 GLC EA . 12.81 -8.35 -30.14
C6 GLC EA . 11.33 -8.00 -30.04
O2 GLC EA . 16.71 -8.60 -28.81
O3 GLC EA . 14.96 -10.80 -28.30
O4 GLC EA . 12.55 -10.70 -29.86
O5 GLC EA . 13.48 -7.18 -29.69
O6 GLC EA . 11.13 -7.12 -31.13
C1 GLC EA . 11.48 -11.32 -29.15
C2 GLC EA . 11.82 -12.76 -28.84
C3 GLC EA . 12.01 -13.54 -30.12
C4 GLC EA . 10.78 -13.45 -30.98
C5 GLC EA . 10.33 -12.03 -31.18
C6 GLC EA . 8.92 -12.03 -31.73
O2 GLC EA . 13.02 -12.85 -28.08
O3 GLC EA . 12.25 -14.93 -29.83
O4 GLC EA . 11.14 -14.01 -32.24
O5 GLC EA . 10.31 -11.26 -29.96
O6 GLC EA . 8.69 -10.75 -32.30
C1 GLC EA . 10.39 -15.16 -32.69
C2 GLC EA . 11.30 -16.34 -32.94
C3 GLC EA . 12.28 -16.06 -34.05
C4 GLC EA . 11.58 -15.66 -35.32
C5 GLC EA . 10.60 -14.54 -35.01
C6 GLC EA . 9.66 -14.24 -36.15
O2 GLC EA . 12.10 -16.61 -31.79
O3 GLC EA . 13.13 -17.17 -34.31
O4 GLC EA . 12.65 -15.21 -36.16
O5 GLC EA . 9.74 -14.86 -33.90
O6 GLC EA . 9.05 -13.00 -35.79
C1 GLC EA . 12.62 -15.64 -37.53
C2 GLC EA . 14.02 -15.70 -38.07
C3 GLC EA . 14.59 -14.31 -38.21
C4 GLC EA . 13.70 -13.40 -39.03
C5 GLC EA . 12.31 -13.40 -38.40
C6 GLC EA . 11.22 -12.71 -39.22
O2 GLC EA . 14.87 -16.49 -37.20
O3 GLC EA . 15.87 -14.41 -38.80
O4 GLC EA . 14.32 -12.10 -39.07
O5 GLC EA . 11.86 -14.74 -38.30
O6 GLC EA . 11.78 -11.57 -39.87
C1 GLC EA . 14.70 -11.62 -40.36
C2 GLC EA . 16.19 -11.48 -40.52
C3 GLC EA . 16.74 -10.49 -39.49
C4 GLC EA . 16.09 -9.13 -39.64
C5 GLC EA . 14.58 -9.27 -39.73
C6 GLC EA . 13.98 -7.99 -40.30
O2 GLC EA . 16.82 -12.74 -40.30
O3 GLC EA . 18.10 -10.28 -39.75
O4 GLC EA . 16.53 -8.31 -38.53
O5 GLC EA . 14.15 -10.33 -40.59
O6 GLC EA . 12.66 -7.95 -39.81
C1 GLC EA . 16.89 -6.98 -38.90
C2 GLC EA . 18.28 -6.70 -38.31
C3 GLC EA . 18.20 -6.84 -36.81
C4 GLC EA . 17.11 -5.96 -36.24
C5 GLC EA . 15.75 -6.03 -37.00
C6 GLC EA . 14.68 -5.06 -36.55
O2 GLC EA . 19.23 -7.67 -38.78
O3 GLC EA . 19.50 -6.57 -36.23
O4 GLC EA . 17.01 -6.39 -34.89
O5 GLC EA . 15.91 -6.04 -38.44
O6 GLC EA . 13.43 -5.75 -36.62
C1 GLC EA . 12.44 -3.64 -32.63
C2 GLC EA . 11.31 -3.43 -33.65
C3 GLC EA . 11.85 -2.66 -34.84
C4 GLC EA . 12.40 -1.32 -34.34
C5 GLC EA . 13.45 -1.55 -33.27
C6 GLC EA . 13.96 -0.22 -32.72
O2 GLC EA . 10.83 -4.71 -34.02
O3 GLC EA . 10.82 -2.45 -35.81
O4 GLC EA . 12.97 -0.53 -35.40
O5 GLC EA . 12.92 -2.37 -32.20
O6 GLC EA . 12.95 0.44 -31.96
C1 GLC FA . 9.47 -12.93 6.09
C2 GLC FA . 9.88 -12.56 7.52
C3 GLC FA . 11.11 -11.68 7.49
C4 GLC FA . 12.22 -12.31 6.63
C5 GLC FA . 11.71 -12.74 5.27
C6 GLC FA . 12.73 -13.51 4.44
O2 GLC FA . 8.74 -11.98 8.16
O3 GLC FA . 11.67 -11.48 8.80
O4 GLC FA . 13.19 -11.30 6.46
O5 GLC FA . 10.58 -13.56 5.46
O6 GLC FA . 12.31 -13.57 3.07
C1 GLC FA . 14.57 -11.60 6.48
C2 GLC FA . 15.19 -10.81 7.64
C3 GLC FA . 15.65 -9.36 7.34
C4 GLC FA . 16.02 -9.12 5.86
C5 GLC FA . 14.91 -9.77 5.04
C6 GLC FA . 14.86 -9.41 3.55
O2 GLC FA . 14.16 -10.77 8.64
O3 GLC FA . 16.73 -9.01 8.22
O4 GLC FA . 16.13 -7.72 5.52
O5 GLC FA . 15.08 -11.18 5.22
O6 GLC FA . 15.55 -10.41 2.80
C1 GLC FA . 17.43 -7.10 5.35
C2 GLC FA . 17.46 -5.73 6.02
C3 GLC FA . 16.27 -4.90 5.52
C4 GLC FA . 16.25 -4.75 3.99
C5 GLC FA . 16.71 -6.02 3.27
C6 GLC FA . 17.28 -5.68 1.89
O2 GLC FA . 17.49 -5.89 7.45
O3 GLC FA . 16.31 -3.59 6.10
O4 GLC FA . 14.93 -4.39 3.51
O5 GLC FA . 17.71 -6.82 3.96
O6 GLC FA . 18.17 -6.75 1.52
C1 GLC FA . 14.85 -3.17 2.74
C2 GLC FA . 14.05 -2.08 3.47
C3 GLC FA . 12.54 -2.35 3.51
C4 GLC FA . 11.98 -2.55 2.14
C5 GLC FA . 12.82 -3.60 1.46
C6 GLC FA . 12.31 -3.73 0.03
O2 GLC FA . 14.60 -1.96 4.78
O3 GLC FA . 11.76 -1.30 4.11
O4 GLC FA . 10.65 -3.06 2.32
O5 GLC FA . 14.25 -3.38 1.47
O6 GLC FA . 10.90 -3.85 0.08
C1 GLC FA . 9.50 -2.34 1.84
C2 GLC FA . 8.49 -2.04 2.96
C3 GLC FA . 7.40 -3.10 3.28
C4 GLC FA . 6.99 -4.01 2.12
C5 GLC FA . 8.19 -4.30 1.20
C6 GLC FA . 7.78 -5.02 -0.10
O2 GLC FA . 9.33 -1.84 4.10
O3 GLC FA . 6.17 -2.50 3.73
O4 GLC FA . 6.38 -5.19 2.69
O5 GLC FA . 8.83 -3.08 0.80
O6 GLC FA . 6.89 -4.22 -0.90
C1 GLC FA . 5.05 -5.46 2.22
C2 GLC FA . 4.10 -5.97 3.31
C3 GLC FA . 4.67 -7.22 4.00
C4 GLC FA . 5.03 -8.29 2.97
C5 GLC FA . 5.68 -7.72 1.69
C6 GLC FA . 5.69 -8.74 0.56
O2 GLC FA . 3.81 -4.94 4.27
O3 GLC FA . 3.67 -7.72 4.90
O4 GLC FA . 5.94 -9.25 3.54
O5 GLC FA . 5.02 -6.50 1.25
O6 GLC FA . 7.07 -8.94 0.22
C1 GLC FA . 5.51 -10.61 3.39
C2 GLC FA . 5.28 -11.21 4.78
C3 GLC FA . 6.59 -11.17 5.58
C4 GLC FA . 7.69 -11.89 4.80
C5 GLC FA . 7.75 -11.43 3.34
C6 GLC FA . 8.72 -12.02 2.34
O2 GLC FA . 4.12 -10.60 5.39
O3 GLC FA . 6.41 -11.82 6.84
O4 GLC FA . 9.00 -11.78 5.39
O5 GLC FA . 6.49 -11.40 2.69
O6 GLC FA . 8.50 -11.16 1.23
C1 GLC FA . 13.33 -14.22 2.30
C2 GLC FA . 12.98 -14.06 0.83
C3 GLC FA . 11.63 -14.73 0.59
C4 GLC FA . 11.79 -16.21 0.90
C5 GLC FA . 12.28 -16.41 2.34
C6 GLC FA . 12.52 -17.89 2.61
O2 GLC FA . 12.89 -12.67 0.51
O3 GLC FA . 11.17 -14.57 -0.75
O4 GLC FA . 10.47 -16.76 0.70
O5 GLC FA . 13.47 -15.64 2.61
O6 GLC FA . 13.86 -18.27 2.24
C1 GLC GA . 10.93 -55.05 23.09
C2 GLC GA . 9.93 -55.43 21.99
C3 GLC GA . 10.39 -56.71 21.33
C4 GLC GA . 11.80 -56.50 20.83
C5 GLC GA . 12.74 -56.06 21.92
C6 GLC GA . 14.11 -55.79 21.38
O2 GLC GA . 8.65 -55.59 22.61
O3 GLC GA . 9.60 -57.06 20.18
O4 GLC GA . 12.24 -57.76 20.32
O5 GLC GA . 12.23 -54.88 22.54
O6 GLC GA . 15.01 -55.48 22.43
C1 GLC GA . 12.78 -57.81 19.01
C2 GLC GA . 11.96 -58.73 18.11
C3 GLC GA . 12.09 -60.16 18.60
C4 GLC GA . 13.53 -60.56 18.86
C5 GLC GA . 14.16 -59.53 19.78
C6 GLC GA . 15.63 -59.78 20.13
O2 GLC GA . 10.60 -58.34 18.14
O3 GLC GA . 11.56 -61.01 17.58
O4 GLC GA . 13.54 -61.84 19.48
O5 GLC GA . 14.09 -58.29 19.09
O6 GLC GA . 16.32 -59.81 18.88
C1 GLC GA . 14.29 -62.87 18.81
C2 GLC GA . 13.38 -64.04 18.49
C3 GLC GA . 12.87 -64.71 19.76
C4 GLC GA . 13.99 -65.05 20.72
C5 GLC GA . 14.88 -63.82 20.96
C6 GLC GA . 16.13 -64.11 21.79
O2 GLC GA . 12.20 -63.60 17.83
O3 GLC GA . 12.13 -65.88 19.39
O4 GLC GA . 13.31 -65.41 21.90
O5 GLC GA . 15.32 -63.28 19.70
O6 GLC GA . 17.27 -64.26 20.93
C1 GLC GA . 13.44 -66.78 22.34
C2 GLC GA . 12.12 -67.37 22.81
C3 GLC GA . 11.52 -66.55 23.95
C4 GLC GA . 12.53 -66.41 25.08
C5 GLC GA . 13.86 -65.93 24.52
C6 GLC GA . 15.00 -65.88 25.52
O2 GLC GA . 11.20 -67.41 21.71
O3 GLC GA . 10.27 -67.09 24.44
O4 GLC GA . 11.98 -65.47 26.01
O5 GLC GA . 14.32 -66.76 23.45
O6 GLC GA . 14.50 -65.47 26.79
C1 GLC GA . 11.70 -65.90 27.36
C2 GLC GA . 10.25 -65.60 27.73
C3 GLC GA . 10.05 -64.09 27.76
C4 GLC GA . 10.92 -63.50 28.83
C5 GLC GA . 12.38 -63.86 28.62
C6 GLC GA . 13.18 -63.61 29.90
O2 GLC GA . 9.43 -66.24 26.73
O3 GLC GA . 8.69 -63.69 27.99
O4 GLC GA . 10.73 -62.08 28.78
O5 GLC GA . 12.57 -65.24 28.29
O6 GLC GA . 13.90 -62.39 29.79
C1 GLC GA . 10.85 -61.32 29.97
C2 GLC GA . 9.59 -60.51 30.10
C3 GLC GA . 9.53 -59.39 29.03
C4 GLC GA . 10.80 -58.57 29.02
C5 GLC GA . 11.99 -59.52 28.81
C6 GLC GA . 13.35 -58.85 28.74
O2 GLC GA . 8.53 -61.40 29.83
O3 GLC GA . 8.40 -58.59 29.26
O4 GLC GA . 10.66 -57.69 27.90
O5 GLC GA . 11.99 -60.48 29.88
O6 GLC GA . 13.37 -57.86 29.76
C1 GLC GA . 10.70 -56.31 28.21
C2 GLC GA . 9.53 -55.62 27.52
C3 GLC GA . 9.55 -55.84 26.01
C4 GLC GA . 10.92 -55.53 25.44
C5 GLC GA . 12.13 -56.01 26.28
C6 GLC GA . 13.51 -55.54 25.87
O2 GLC GA . 8.27 -56.04 28.08
O3 GLC GA . 8.51 -55.01 25.44
O4 GLC GA . 10.97 -56.07 24.10
O5 GLC GA . 11.94 -55.82 27.67
O6 GLC GA . 14.44 -56.57 26.23
C1 GLC GA . 16.32 -55.21 21.91
C2 GLC GA . 17.35 -55.50 23.02
C3 GLC GA . 17.18 -54.51 24.14
C4 GLC GA . 17.15 -53.07 23.64
C5 GLC GA . 16.15 -52.88 22.49
C6 GLC GA . 16.18 -51.47 21.90
O2 GLC GA . 17.17 -56.80 23.60
O3 GLC GA . 18.25 -54.65 25.07
O4 GLC GA . 16.83 -52.28 24.80
O5 GLC GA . 16.43 -53.83 21.45
O6 GLC GA . 17.48 -51.21 21.38
C1 GLC HA . -44.13 -16.79 -15.35
C2 GLC HA . -45.51 -17.39 -15.15
C3 GLC HA . -46.46 -16.39 -14.54
C4 GLC HA . -45.83 -15.82 -13.27
C5 GLC HA . -44.43 -15.28 -13.51
C6 GLC HA . -43.81 -14.81 -12.20
O2 GLC HA . -45.92 -17.86 -16.41
O3 GLC HA . -47.68 -16.99 -14.15
O4 GLC HA . -46.70 -14.78 -12.81
O5 GLC HA . -43.59 -16.29 -14.14
O6 GLC HA . -42.73 -13.95 -12.51
C1 GLC HA . -47.06 -14.86 -11.45
C2 GLC HA . -48.57 -14.89 -11.29
C3 GLC HA . -49.20 -13.61 -11.84
C4 GLC HA . -48.56 -12.43 -11.16
C5 GLC HA . -47.03 -12.46 -11.17
C6 GLC HA . -46.47 -11.49 -10.18
O2 GLC HA . -49.14 -16.04 -11.88
O3 GLC HA . -50.59 -13.59 -11.54
O4 GLC HA . -48.98 -11.28 -11.86
O5 GLC HA . -46.48 -13.72 -10.81
O6 GLC HA . -45.23 -11.10 -10.74
C1 GLC HA . -49.52 -10.24 -11.04
C2 GLC HA . -50.98 -9.96 -11.43
C3 GLC HA . -51.00 -9.55 -12.90
C4 GLC HA . -50.14 -8.31 -13.07
C5 GLC HA . -48.72 -8.58 -12.56
C6 GLC HA . -47.84 -7.35 -12.60
O2 GLC HA . -51.79 -11.13 -11.22
O3 GLC HA . -52.34 -9.34 -13.35
O4 GLC HA . -50.12 -7.98 -14.44
O5 GLC HA . -48.75 -9.05 -11.21
O6 GLC HA . -48.53 -6.27 -11.96
C1 GLC HA . -50.55 -6.66 -14.78
C2 GLC HA . -51.41 -6.70 -16.02
C3 GLC HA . -50.60 -7.28 -17.18
C4 GLC HA . -49.33 -6.48 -17.42
C5 GLC HA . -48.58 -6.27 -16.11
C6 GLC HA . -47.46 -5.26 -16.26
O2 GLC HA . -52.56 -7.52 -15.81
O3 GLC HA . -51.42 -7.32 -18.33
O4 GLC HA . -48.52 -7.25 -18.33
O5 GLC HA . -49.42 -5.82 -15.03
O6 GLC HA . -46.88 -5.44 -17.55
C1 GLC HA . -48.47 -6.82 -19.70
C2 GLC HA . -49.02 -7.90 -20.62
C3 GLC HA . -48.08 -9.08 -20.75
C4 GLC HA . -46.68 -8.65 -21.11
C5 GLC HA . -46.18 -7.54 -20.19
C6 GLC HA . -44.93 -6.88 -20.75
O2 GLC HA . -50.27 -8.35 -20.11
O3 GLC HA . -48.51 -10.00 -21.75
O4 GLC HA . -45.92 -9.84 -20.98
O5 GLC HA . -47.14 -6.49 -20.07
O6 GLC HA . -44.19 -6.31 -19.65
C1 GLC HA . -44.87 -10.08 -21.90
C2 GLC HA . -45.11 -11.43 -22.58
C3 GLC HA . -45.06 -12.56 -21.54
C4 GLC HA . -43.74 -12.51 -20.81
C5 GLC HA . -43.61 -11.12 -20.15
C6 GLC HA . -42.35 -10.87 -19.33
O2 GLC HA . -46.38 -11.40 -23.22
O3 GLC HA . -45.35 -13.83 -22.15
O4 GLC HA . -43.75 -13.58 -19.84
O5 GLC HA . -43.65 -10.10 -21.17
O6 GLC HA . -41.22 -11.20 -20.13
C1 GLC HA . -42.55 -14.34 -19.71
C2 GLC HA . -42.94 -15.81 -19.75
C3 GLC HA . -43.91 -16.15 -18.63
C4 GLC HA . -43.28 -15.74 -17.30
C5 GLC HA . -42.59 -14.37 -17.29
C6 GLC HA . -41.79 -13.97 -16.08
O2 GLC HA . -43.55 -16.05 -21.01
O3 GLC HA . -44.25 -17.57 -18.67
O4 GLC HA . -44.28 -15.75 -16.29
O5 GLC HA . -41.87 -14.04 -18.48
O6 GLC HA . -41.58 -12.57 -16.25
C1 GLC HA . -41.95 -13.65 -11.34
C2 GLC HA . -40.94 -12.56 -11.68
C3 GLC HA . -39.79 -13.08 -12.53
C4 GLC HA . -39.12 -14.28 -11.86
C5 GLC HA . -40.19 -15.33 -11.56
C6 GLC HA . -39.59 -16.52 -10.82
O2 GLC HA . -41.60 -11.54 -12.43
O3 GLC HA . -38.91 -11.97 -12.77
O4 GLC HA . -38.12 -14.91 -12.69
O5 GLC HA . -41.25 -14.79 -10.79
O6 GLC HA . -39.31 -16.14 -9.49
C1 GLC IA . -37.79 23.50 3.85
C2 GLC IA . -36.62 24.46 3.62
C3 GLC IA . -37.01 25.84 4.11
C4 GLC IA . -38.36 26.24 3.47
C5 GLC IA . -39.45 25.24 3.72
C6 GLC IA . -40.75 25.66 3.02
O2 GLC IA . -35.44 23.97 4.30
O3 GLC IA . -36.08 26.90 3.81
O4 GLC IA . -38.73 27.49 4.02
O5 GLC IA . -39.01 23.98 3.22
O6 GLC IA . -41.77 24.80 3.51
C1 GLC IA . -39.05 28.51 3.12
C2 GLC IA . -38.09 29.66 3.35
C3 GLC IA . -38.28 30.26 4.75
C4 GLC IA . -39.76 30.57 5.05
C5 GLC IA . -40.69 29.44 4.64
C6 GLC IA . -42.13 29.97 4.52
O2 GLC IA . -36.76 29.17 3.23
O3 GLC IA . -37.51 31.48 4.81
O4 GLC IA . -39.94 30.84 6.46
O5 GLC IA . -40.41 28.88 3.36
O6 GLC IA . -42.96 28.86 4.92
C1 GLC IA . -40.66 32.07 6.80
C2 GLC IA . -39.77 33.04 7.56
C3 GLC IA . -39.35 32.45 8.90
C4 GLC IA . -40.56 32.02 9.74
C5 GLC IA . -41.49 31.18 8.87
C6 GLC IA . -42.78 30.89 9.60
O2 GLC IA . -38.62 33.41 6.81
O3 GLC IA . -38.57 33.43 9.58
O4 GLC IA . -40.14 31.23 10.87
O5 GLC IA . -41.79 31.81 7.63
O6 GLC IA . -42.48 30.18 10.82
C1 GLC IA . -40.49 31.64 12.20
C2 GLC IA . -39.22 31.86 13.01
C3 GLC IA . -38.47 30.57 13.18
C4 GLC IA . -39.32 29.53 13.87
C5 GLC IA . -40.64 29.38 13.12
C6 GLC IA . -41.59 28.48 13.89
O2 GLC IA . -38.33 32.71 12.32
O3 GLC IA . -37.25 30.83 13.87
O4 GLC IA . -38.65 28.27 13.77
O5 GLC IA . -41.28 30.64 12.89
O6 GLC IA . -42.70 28.21 13.06
C1 GLC IA . -38.36 27.54 14.97
C2 GLC IA . -37.00 26.88 14.77
C3 GLC IA . -37.04 25.78 13.73
C4 GLC IA . -38.16 24.80 13.99
C5 GLC IA . -39.48 25.55 14.16
C6 GLC IA . -40.60 24.63 14.60
O2 GLC IA . -36.03 27.83 14.31
O3 GLC IA . -35.79 25.08 13.67
O4 GLC IA . -38.18 23.95 12.86
O5 GLC IA . -39.37 26.55 15.17
O6 GLC IA . -41.83 25.26 14.28
C1 GLC IA . -38.13 22.57 13.15
C2 GLC IA . -36.87 21.96 12.57
C3 GLC IA . -36.85 22.12 11.06
C4 GLC IA . -38.14 21.59 10.47
C5 GLC IA . -39.33 22.28 11.15
C6 GLC IA . -40.68 21.81 10.67
O2 GLC IA . -35.71 22.61 13.09
O3 GLC IA . -35.74 21.39 10.53
O4 GLC IA . -38.09 21.84 9.06
O5 GLC IA . -39.25 21.98 12.53
O6 GLC IA . -40.69 20.38 10.81
C1 GLC IA . -38.31 20.69 8.28
C2 GLC IA . -37.11 20.48 7.38
C3 GLC IA . -36.90 21.70 6.49
C4 GLC IA . -38.19 22.04 5.74
C5 GLC IA . -39.46 21.97 6.61
C6 GLC IA . -40.82 22.07 5.93
O2 GLC IA . -35.97 20.20 8.23
O3 GLC IA . -35.78 21.55 5.58
O4 GLC IA . -37.97 23.36 5.25
O5 GLC IA . -39.47 20.86 7.50
O6 GLC IA . -41.67 22.92 6.73
C1 GLC IA . -43.03 25.06 2.86
C2 GLC IA . -44.14 24.44 3.73
C3 GLC IA . -44.04 22.93 3.68
C4 GLC IA . -44.04 22.45 2.25
C5 GLC IA . -42.88 23.10 1.50
C6 GLC IA . -42.83 22.63 0.04
O2 GLC IA . -44.00 24.77 5.12
O3 GLC IA . -45.16 22.43 4.44
O4 GLC IA . -43.87 21.02 2.27
O5 GLC IA . -42.98 24.53 1.53
O6 GLC IA . -44.04 22.94 -0.66
C1 GLC JA . -33.28 7.30 -38.76
C2 GLC JA . -33.84 6.07 -38.03
C3 GLC JA . -34.92 5.49 -38.89
C4 GLC JA . -35.97 6.54 -39.23
C5 GLC JA . -35.33 7.75 -39.89
C6 GLC JA . -36.36 8.87 -40.21
O2 GLC JA . -32.83 5.08 -37.71
O3 GLC JA . -35.53 4.46 -38.16
O4 GLC JA . -36.93 6.02 -40.12
O5 GLC JA . -34.35 8.23 -38.99
O6 GLC JA . -35.78 9.91 -41.02
C1 GLC JA . -38.28 6.19 -39.72
C2 GLC JA . -38.91 4.81 -39.55
C3 GLC JA . -39.09 4.12 -40.89
C4 GLC JA . -39.69 5.08 -41.94
C5 GLC JA . -38.90 6.38 -41.97
C6 GLC JA . -39.41 7.44 -42.95
O2 GLC JA . -38.07 4.09 -38.64
O3 GLC JA . -39.96 3.00 -40.74
O4 GLC JA . -39.63 4.50 -43.24
O5 GLC JA . -38.97 6.94 -40.68
O6 GLC JA . -40.83 7.40 -42.98
C1 GLC JA . -40.81 4.37 -44.01
C2 GLC JA . -41.19 2.92 -44.18
C3 GLC JA . -40.31 2.13 -45.17
C4 GLC JA . -39.88 2.94 -46.39
C5 GLC JA . -39.53 4.37 -46.02
C6 GLC JA . -39.29 5.25 -47.24
O2 GLC JA . -41.17 2.30 -42.88
O3 GLC JA . -41.08 1.01 -45.65
O4 GLC JA . -38.71 2.33 -46.97
O5 GLC JA . -40.60 4.96 -45.28
O6 GLC JA . -38.62 6.41 -46.76
C1 GLC JA . -38.82 1.82 -48.31
C2 GLC JA . -38.21 0.42 -48.35
C3 GLC JA . -36.72 0.40 -48.06
C4 GLC JA . -35.97 1.48 -48.83
C5 GLC JA . -36.71 2.81 -48.76
C6 GLC JA . -36.02 3.90 -49.56
O2 GLC JA . -38.79 -0.42 -47.36
O3 GLC JA . -36.25 -0.91 -48.41
O4 GLC JA . -34.72 1.63 -48.17
O5 GLC JA . -38.06 2.61 -49.23
O6 GLC JA . -37.01 4.70 -50.25
C1 GLC JA . -33.55 1.17 -48.85
C2 GLC JA . -32.71 0.36 -47.89
C3 GLC JA . -32.10 1.26 -46.81
C4 GLC JA . -31.42 2.45 -47.45
C5 GLC JA . -32.42 3.18 -48.32
C6 GLC JA . -31.89 4.48 -48.91
O2 GLC JA . -33.54 -0.64 -47.27
O3 GLC JA . -31.21 0.55 -45.94
O4 GLC JA . -31.02 3.32 -46.42
O5 GLC JA . -32.80 2.30 -49.33
O6 GLC JA . -32.42 5.63 -48.20
C1 GLC JA . -29.71 3.88 -46.50
C2 GLC JA . -28.86 3.39 -45.33
C3 GLC JA . -29.29 4.04 -44.00
C4 GLC JA . -29.51 5.53 -44.12
C5 GLC JA . -30.39 5.87 -45.31
C6 GLC JA . -30.50 7.37 -45.55
O2 GLC JA . -29.02 1.96 -45.27
O3 GLC JA . -28.29 3.93 -42.97
O4 GLC JA . -30.11 5.95 -42.88
O5 GLC JA . -29.83 5.30 -46.49
O6 GLC JA . -29.25 8.00 -45.28
C1 GLC JA . -29.27 6.80 -42.08
C2 GLC JA . -29.13 6.44 -40.62
C3 GLC JA . -30.53 6.14 -40.11
C4 GLC JA . -31.42 7.37 -40.25
C5 GLC JA . -31.29 8.07 -41.61
C6 GLC JA . -31.95 9.45 -41.78
O2 GLC JA . -28.18 5.39 -40.36
O3 GLC JA . -30.53 5.76 -38.75
O4 GLC JA . -32.76 6.91 -40.04
O5 GLC JA . -29.93 8.06 -42.05
O6 GLC JA . -32.91 9.39 -42.86
C1 GLC JA . -36.57 11.12 -41.00
C2 GLC JA . -36.10 12.02 -42.11
C3 GLC JA . -34.67 12.43 -41.83
C4 GLC JA . -34.68 13.28 -40.60
C5 GLC JA . -35.30 12.54 -39.42
C6 GLC JA . -35.67 13.59 -38.36
O2 GLC JA . -36.16 11.35 -43.38
O3 GLC JA . -34.15 13.13 -42.96
O4 GLC JA . -33.35 13.62 -40.23
O5 GLC JA . -36.47 11.79 -39.71
O6 GLC JA . -35.36 13.06 -37.06
C1 GOL KA . 18.29 16.65 -9.21
O1 GOL KA . 18.95 15.63 -8.48
C2 GOL KA . 18.16 17.97 -8.43
O2 GOL KA . 17.51 17.78 -7.20
C3 GOL KA . 19.51 18.57 -8.12
O3 GOL KA . 19.89 19.41 -9.21
C1 GOL LA . 27.00 25.59 -9.82
O1 GOL LA . 27.12 26.22 -11.12
C2 GOL LA . 25.64 25.11 -9.27
O2 GOL LA . 24.97 26.28 -8.82
C3 GOL LA . 25.79 24.15 -8.06
O3 GOL LA . 25.53 24.71 -6.74
C1 GOL MA . -7.33 10.15 14.61
O1 GOL MA . -6.55 9.07 15.20
C2 GOL MA . -8.58 10.56 15.39
O2 GOL MA . -8.36 11.91 15.71
C3 GOL MA . -9.88 10.53 14.56
O3 GOL MA . -9.92 9.43 13.64
C1 GOL NA . -2.38 12.36 29.52
O1 GOL NA . -2.04 11.07 30.04
C2 GOL NA . -1.28 12.69 28.51
O2 GOL NA . -0.12 13.19 29.18
C3 GOL NA . -1.71 13.70 27.47
O3 GOL NA . -3.03 13.44 27.08
C1 GOL OA . 10.72 31.13 -0.60
O1 GOL OA . 11.63 31.13 0.52
C2 GOL OA . 9.64 30.06 -0.40
O2 GOL OA . 8.62 30.22 -1.39
C3 GOL OA . 10.21 28.65 -0.56
O3 GOL OA . 9.37 27.71 0.11
C1 GOL PA . 10.15 18.54 -7.65
O1 GOL PA . 10.39 18.89 -9.00
C2 GOL PA . 11.12 17.48 -7.22
O2 GOL PA . 12.25 18.17 -6.68
C3 GOL PA . 10.45 16.55 -6.22
O3 GOL PA . 9.30 15.86 -6.74
C1 GOL QA . 18.46 -31.57 -2.63
O1 GOL QA . 17.46 -31.30 -1.66
C2 GOL QA . 18.78 -33.04 -2.57
O2 GOL QA . 19.51 -33.40 -3.74
C3 GOL QA . 17.45 -33.76 -2.41
O3 GOL QA . 17.53 -35.14 -2.62
C1 GOL RA . -4.69 -0.32 -16.79
O1 GOL RA . -5.74 0.63 -16.55
C2 GOL RA . -5.34 -1.46 -17.53
O2 GOL RA . -5.82 -1.00 -18.80
C3 GOL RA . -4.38 -2.62 -17.77
O3 GOL RA . -5.06 -3.63 -18.54
C1 GOL SA . -28.29 18.79 23.15
O1 GOL SA . -29.72 18.79 23.30
C2 GOL SA . -27.63 17.42 23.37
O2 GOL SA . -28.50 16.29 23.15
C3 GOL SA . -26.37 17.32 22.52
O3 GOL SA . -25.93 15.97 22.36
C1 GOL TA . 1.66 14.60 60.14
O1 GOL TA . 2.92 14.78 59.46
C2 GOL TA . 0.37 14.87 59.36
O2 GOL TA . -0.52 13.76 59.58
C3 GOL TA . -0.45 16.01 59.93
O3 GOL TA . -1.18 15.58 61.11
C1 GOL UA . 14.47 28.36 47.33
O1 GOL UA . 13.17 28.37 46.73
C2 GOL UA . 15.07 26.96 47.51
O2 GOL UA . 16.25 26.89 46.71
C3 GOL UA . 15.50 26.66 48.95
O3 GOL UA . 14.47 26.74 49.95
C1 GOL VA . -5.67 16.08 -27.71
O1 GOL VA . -6.98 16.58 -27.40
C2 GOL VA . -5.74 14.61 -28.15
O2 GOL VA . -6.39 13.78 -27.16
C3 GOL VA . -4.34 14.09 -28.35
O3 GOL VA . -4.38 12.73 -28.76
C1 GOL WA . 5.06 7.13 -23.93
O1 GOL WA . 4.83 8.34 -23.16
C2 GOL WA . 6.52 6.70 -24.11
O2 GOL WA . 6.82 6.76 -25.49
C3 GOL WA . 6.80 5.24 -23.63
O3 GOL WA . 8.10 4.73 -24.00
C1 GOL XA . 28.97 -42.81 -9.54
O1 GOL XA . 29.77 -43.62 -10.40
C2 GOL XA . 29.94 -42.27 -8.55
O2 GOL XA . 30.42 -43.39 -7.81
C3 GOL XA . 31.09 -41.57 -9.28
O3 GOL XA . 30.56 -40.96 -10.46
C1 GOL YA . 1.43 17.18 34.34
O1 GOL YA . 1.60 18.43 33.69
C2 GOL YA . 2.33 16.10 33.72
O2 GOL YA . 2.46 16.22 32.31
C3 GOL YA . 3.71 16.15 34.33
O3 GOL YA . 3.72 15.80 35.72
C1 GOL ZA . 20.13 11.46 -26.73
O1 GOL ZA . 20.64 10.43 -25.89
C2 GOL ZA . 21.23 12.33 -27.36
O2 GOL ZA . 22.50 11.79 -27.02
C3 GOL ZA . 21.13 12.46 -28.87
O3 GOL ZA . 19.84 12.06 -29.27
C1 GOL AB . 7.26 -23.54 20.80
O1 GOL AB . 6.53 -23.57 22.04
C2 GOL AB . 6.69 -24.57 19.79
O2 GOL AB . 5.34 -25.00 20.09
C3 GOL AB . 6.88 -24.02 18.38
O3 GOL AB . 6.02 -24.60 17.39
C1 GOL BB . 1.94 -42.32 15.89
O1 GOL BB . 2.14 -41.79 17.20
C2 GOL BB . 0.54 -41.92 15.48
O2 GOL BB . 0.39 -40.48 15.42
C3 GOL BB . 0.31 -42.56 14.10
O3 GOL BB . -1.09 -42.66 13.86
C1 GOL CB . -32.78 -28.89 -5.95
O1 GOL CB . -33.23 -27.56 -6.10
C2 GOL CB . -33.74 -29.59 -5.05
O2 GOL CB . -34.72 -28.66 -4.58
C3 GOL CB . -34.47 -30.64 -5.83
O3 GOL CB . -35.39 -31.29 -4.97
#